data_4J63
# 
_entry.id   4J63 
# 
_audit_conform.dict_name       mmcif_pdbx.dic 
_audit_conform.dict_version    5.397 
_audit_conform.dict_location   http://mmcif.pdb.org/dictionaries/ascii/mmcif_pdbx.dic 
# 
loop_
_database_2.database_id 
_database_2.database_code 
_database_2.pdbx_database_accession 
_database_2.pdbx_DOI 
PDB   4J63         pdb_00004j63 10.2210/pdb4j63/pdb 
RCSB  RCSB077642   ?            ?                   
WWPDB D_1000077642 ?            ?                   
# 
loop_
_pdbx_audit_revision_history.ordinal 
_pdbx_audit_revision_history.data_content_type 
_pdbx_audit_revision_history.major_revision 
_pdbx_audit_revision_history.minor_revision 
_pdbx_audit_revision_history.revision_date 
1 'Structure model' 1 0 2014-01-22 
2 'Structure model' 1 1 2017-11-15 
3 'Structure model' 1 2 2023-09-20 
4 'Structure model' 1 3 2024-10-30 
# 
_pdbx_audit_revision_details.ordinal             1 
_pdbx_audit_revision_details.revision_ordinal    1 
_pdbx_audit_revision_details.data_content_type   'Structure model' 
_pdbx_audit_revision_details.provider            repository 
_pdbx_audit_revision_details.type                'Initial release' 
_pdbx_audit_revision_details.description         ? 
_pdbx_audit_revision_details.details             ? 
# 
loop_
_pdbx_audit_revision_group.ordinal 
_pdbx_audit_revision_group.revision_ordinal 
_pdbx_audit_revision_group.data_content_type 
_pdbx_audit_revision_group.group 
1 2 'Structure model' 'Refinement description' 
2 3 'Structure model' 'Data collection'        
3 3 'Structure model' 'Database references'    
4 3 'Structure model' 'Derived calculations'   
5 3 'Structure model' 'Refinement description' 
6 4 'Structure model' 'Structure summary'      
# 
loop_
_pdbx_audit_revision_category.ordinal 
_pdbx_audit_revision_category.revision_ordinal 
_pdbx_audit_revision_category.data_content_type 
_pdbx_audit_revision_category.category 
1 2 'Structure model' software                      
2 3 'Structure model' chem_comp_atom                
3 3 'Structure model' chem_comp_bond                
4 3 'Structure model' database_2                    
5 3 'Structure model' pdbx_initial_refinement_model 
6 3 'Structure model' struct_site                   
7 4 'Structure model' pdbx_entry_details            
8 4 'Structure model' pdbx_modification_feature     
# 
loop_
_pdbx_audit_revision_item.ordinal 
_pdbx_audit_revision_item.revision_ordinal 
_pdbx_audit_revision_item.data_content_type 
_pdbx_audit_revision_item.item 
1 3 'Structure model' '_database_2.pdbx_DOI'                
2 3 'Structure model' '_database_2.pdbx_database_accession' 
3 3 'Structure model' '_struct_site.pdbx_auth_asym_id'      
4 3 'Structure model' '_struct_site.pdbx_auth_comp_id'      
5 3 'Structure model' '_struct_site.pdbx_auth_seq_id'       
# 
_pdbx_database_status.entry_id                        4J63 
_pdbx_database_status.status_code                     REL 
_pdbx_database_status.deposit_site                    RCSB 
_pdbx_database_status.process_site                    RCSB 
_pdbx_database_status.recvd_initial_deposition_date   2013-02-11 
_pdbx_database_status.status_code_sf                  REL 
_pdbx_database_status.status_code_mr                  ? 
_pdbx_database_status.SG_entry                        ? 
_pdbx_database_status.status_code_cs                  ? 
_pdbx_database_status.methods_development_category    ? 
_pdbx_database_status.pdb_format_compatible           Y 
_pdbx_database_status.status_code_nmr_data            ? 
# 
loop_
_pdbx_database_related.db_name 
_pdbx_database_related.db_id 
_pdbx_database_related.details 
_pdbx_database_related.content_type 
PDB 4J5Z 'Crystal structure of Ribonuclease A in aqueous solution: One of twelve in MSCS set'                  unspecified 
PDB 4J60 'Crystal structure of Ribonuclease A soaked in 25% Cyclopentanol: One of twelve in MSCS set'          unspecified 
PDB 4J61 'Crystal structure of Ribonuclease A soaked in 40% Cyclopentanone: One of twelve in MSCS set'         unspecified 
PDB 4J62 'Crystal structure of Ribonuclease A soaked in 40% Cyclohexanol: One of twelve in MSCS set'           unspecified 
PDB 4J64 'Crystal structure of Ribonuclease A soaked in 40% Dioxane: One of twelve in MSCS set'                unspecified 
PDB 4J65 'Crystal structure of Ribonuclease A soaked in 40% Dimethylformamide: One of twelve in MSCS set'      unspecified 
PDB 4J66 'Crystal structure of Ribonuclease A soaked in 25% Dimethyl sulfoxide: One of twelve in MSCS set'     unspecified 
PDB 4J67 'Crystal structure of Ribonuclease A soaked in 50% 1,6-Hexanediol: One of twelve in MSCS set'         unspecified 
PDB 4J68 'Crystal structure of Ribonuclease A soaked in 40% Isopropanol: One of twelve in MSCS set'            unspecified 
PDB 4J69 'Crystal structure of Ribonuclease A soaked in 50% S,R,S-bisfuranol: One of twelve in MSCS set'       unspecified 
PDB 4J6A 'Crystal structure of Ribonuclease A soaked in 40% 2,2,2-Trifluoroethanol: One of twelve in MSCS set' unspecified 
# 
loop_
_audit_author.name 
_audit_author.pdbx_ordinal 
'Kearney, B.M.' 1 
'Dechene, M.'   2 
'Swartz, P.D.'  3 
'Mattos, C.'    4 
# 
_citation.id                        primary 
_citation.title                     'DRoP: A program for analysis of water structure on protein surfaces' 
_citation.journal_abbrev            'to be published' 
_citation.journal_volume            ? 
_citation.page_first                ? 
_citation.page_last                 ? 
_citation.year                      ? 
_citation.journal_id_ASTM           ? 
_citation.country                   ? 
_citation.journal_id_ISSN           ? 
_citation.journal_id_CSD            0353 
_citation.book_publisher            ? 
_citation.pdbx_database_id_PubMed   ? 
_citation.pdbx_database_id_DOI      ? 
# 
loop_
_citation_author.citation_id 
_citation_author.name 
_citation_author.ordinal 
_citation_author.identifier_ORCID 
primary 'Kearney, B.M.' 1 ? 
primary 'Roberts, D.'   2 ? 
primary 'Dechene, M.'   3 ? 
primary 'Swartz, P.D.'  4 ? 
primary 'Mattos, C.'    5 ? 
# 
loop_
_entity.id 
_entity.type 
_entity.src_method 
_entity.pdbx_description 
_entity.formula_weight 
_entity.pdbx_number_of_molecules 
_entity.pdbx_ec 
_entity.pdbx_mutation 
_entity.pdbx_fragment 
_entity.details 
1 polymer     nat 'Ribonuclease pancreatic' 13708.326 1   3.1.27.5 ? ? ? 
2 non-polymer syn 'SULFATE ION'             96.063    2   ?        ? ? ? 
3 non-polymer syn CYCLOHEXANONE             98.143    2   ?        ? ? ? 
4 water       nat water                     18.015    102 ?        ? ? ? 
# 
_entity_name_com.entity_id   1 
_entity_name_com.name        'RNase 1, RNase A' 
# 
_entity_poly.entity_id                      1 
_entity_poly.type                           'polypeptide(L)' 
_entity_poly.nstd_linkage                   no 
_entity_poly.nstd_monomer                   no 
_entity_poly.pdbx_seq_one_letter_code       
;KETAAAKFERQHMDSSTSAASSSNYCNQMMKSRNLTKDRCKPVNTFVHESLADVQAVCSQKNVACKNGQTNCYQSYSTMS
ITDCRETGSSKYPNCAYKTTQANKHIIVACEGNPYVPVHFDASV
;
_entity_poly.pdbx_seq_one_letter_code_can   
;KETAAAKFERQHMDSSTSAASSSNYCNQMMKSRNLTKDRCKPVNTFVHESLADVQAVCSQKNVACKNGQTNCYQSYSTMS
ITDCRETGSSKYPNCAYKTTQANKHIIVACEGNPYVPVHFDASV
;
_entity_poly.pdbx_strand_id                 A 
_entity_poly.pdbx_target_identifier         ? 
# 
loop_
_pdbx_entity_nonpoly.entity_id 
_pdbx_entity_nonpoly.name 
_pdbx_entity_nonpoly.comp_id 
2 'SULFATE ION' SO4 
3 CYCLOHEXANONE CYH 
4 water         HOH 
# 
loop_
_entity_poly_seq.entity_id 
_entity_poly_seq.num 
_entity_poly_seq.mon_id 
_entity_poly_seq.hetero 
1 1   LYS n 
1 2   GLU n 
1 3   THR n 
1 4   ALA n 
1 5   ALA n 
1 6   ALA n 
1 7   LYS n 
1 8   PHE n 
1 9   GLU n 
1 10  ARG n 
1 11  GLN n 
1 12  HIS n 
1 13  MET n 
1 14  ASP n 
1 15  SER n 
1 16  SER n 
1 17  THR n 
1 18  SER n 
1 19  ALA n 
1 20  ALA n 
1 21  SER n 
1 22  SER n 
1 23  SER n 
1 24  ASN n 
1 25  TYR n 
1 26  CYS n 
1 27  ASN n 
1 28  GLN n 
1 29  MET n 
1 30  MET n 
1 31  LYS n 
1 32  SER n 
1 33  ARG n 
1 34  ASN n 
1 35  LEU n 
1 36  THR n 
1 37  LYS n 
1 38  ASP n 
1 39  ARG n 
1 40  CYS n 
1 41  LYS n 
1 42  PRO n 
1 43  VAL n 
1 44  ASN n 
1 45  THR n 
1 46  PHE n 
1 47  VAL n 
1 48  HIS n 
1 49  GLU n 
1 50  SER n 
1 51  LEU n 
1 52  ALA n 
1 53  ASP n 
1 54  VAL n 
1 55  GLN n 
1 56  ALA n 
1 57  VAL n 
1 58  CYS n 
1 59  SER n 
1 60  GLN n 
1 61  LYS n 
1 62  ASN n 
1 63  VAL n 
1 64  ALA n 
1 65  CYS n 
1 66  LYS n 
1 67  ASN n 
1 68  GLY n 
1 69  GLN n 
1 70  THR n 
1 71  ASN n 
1 72  CYS n 
1 73  TYR n 
1 74  GLN n 
1 75  SER n 
1 76  TYR n 
1 77  SER n 
1 78  THR n 
1 79  MET n 
1 80  SER n 
1 81  ILE n 
1 82  THR n 
1 83  ASP n 
1 84  CYS n 
1 85  ARG n 
1 86  GLU n 
1 87  THR n 
1 88  GLY n 
1 89  SER n 
1 90  SER n 
1 91  LYS n 
1 92  TYR n 
1 93  PRO n 
1 94  ASN n 
1 95  CYS n 
1 96  ALA n 
1 97  TYR n 
1 98  LYS n 
1 99  THR n 
1 100 THR n 
1 101 GLN n 
1 102 ALA n 
1 103 ASN n 
1 104 LYS n 
1 105 HIS n 
1 106 ILE n 
1 107 ILE n 
1 108 VAL n 
1 109 ALA n 
1 110 CYS n 
1 111 GLU n 
1 112 GLY n 
1 113 ASN n 
1 114 PRO n 
1 115 TYR n 
1 116 VAL n 
1 117 PRO n 
1 118 VAL n 
1 119 HIS n 
1 120 PHE n 
1 121 ASP n 
1 122 ALA n 
1 123 SER n 
1 124 VAL n 
# 
_entity_src_nat.entity_id                  1 
_entity_src_nat.pdbx_src_id                1 
_entity_src_nat.pdbx_alt_source_flag       sample 
_entity_src_nat.pdbx_beg_seq_num           ? 
_entity_src_nat.pdbx_end_seq_num           ? 
_entity_src_nat.common_name                'bovine,cow,domestic cattle,domestic cow' 
_entity_src_nat.pdbx_organism_scientific   'Bos taurus' 
_entity_src_nat.pdbx_ncbi_taxonomy_id      9913 
_entity_src_nat.genus                      ? 
_entity_src_nat.species                    ? 
_entity_src_nat.strain                     ? 
_entity_src_nat.tissue                     ? 
_entity_src_nat.tissue_fraction            ? 
_entity_src_nat.pdbx_secretion             ? 
_entity_src_nat.pdbx_fragment              ? 
_entity_src_nat.pdbx_variant               ? 
_entity_src_nat.pdbx_cell_line             ? 
_entity_src_nat.pdbx_atcc                  ? 
_entity_src_nat.pdbx_cellular_location     ? 
_entity_src_nat.pdbx_organ                 ? 
_entity_src_nat.pdbx_organelle             ? 
_entity_src_nat.pdbx_cell                  ? 
_entity_src_nat.pdbx_plasmid_name          ? 
_entity_src_nat.pdbx_plasmid_details       ? 
_entity_src_nat.details                    pancreas 
# 
loop_
_chem_comp.id 
_chem_comp.type 
_chem_comp.mon_nstd_flag 
_chem_comp.name 
_chem_comp.pdbx_synonyms 
_chem_comp.formula 
_chem_comp.formula_weight 
ALA 'L-peptide linking' y ALANINE         ? 'C3 H7 N O2'     89.093  
ARG 'L-peptide linking' y ARGININE        ? 'C6 H15 N4 O2 1' 175.209 
ASN 'L-peptide linking' y ASPARAGINE      ? 'C4 H8 N2 O3'    132.118 
ASP 'L-peptide linking' y 'ASPARTIC ACID' ? 'C4 H7 N O4'     133.103 
CYH non-polymer         . CYCLOHEXANONE   ? 'C6 H10 O'       98.143  
CYS 'L-peptide linking' y CYSTEINE        ? 'C3 H7 N O2 S'   121.158 
GLN 'L-peptide linking' y GLUTAMINE       ? 'C5 H10 N2 O3'   146.144 
GLU 'L-peptide linking' y 'GLUTAMIC ACID' ? 'C5 H9 N O4'     147.129 
GLY 'peptide linking'   y GLYCINE         ? 'C2 H5 N O2'     75.067  
HIS 'L-peptide linking' y HISTIDINE       ? 'C6 H10 N3 O2 1' 156.162 
HOH non-polymer         . WATER           ? 'H2 O'           18.015  
ILE 'L-peptide linking' y ISOLEUCINE      ? 'C6 H13 N O2'    131.173 
LEU 'L-peptide linking' y LEUCINE         ? 'C6 H13 N O2'    131.173 
LYS 'L-peptide linking' y LYSINE          ? 'C6 H15 N2 O2 1' 147.195 
MET 'L-peptide linking' y METHIONINE      ? 'C5 H11 N O2 S'  149.211 
PHE 'L-peptide linking' y PHENYLALANINE   ? 'C9 H11 N O2'    165.189 
PRO 'L-peptide linking' y PROLINE         ? 'C5 H9 N O2'     115.130 
SER 'L-peptide linking' y SERINE          ? 'C3 H7 N O3'     105.093 
SO4 non-polymer         . 'SULFATE ION'   ? 'O4 S -2'        96.063  
THR 'L-peptide linking' y THREONINE       ? 'C4 H9 N O3'     119.119 
TYR 'L-peptide linking' y TYROSINE        ? 'C9 H11 N O3'    181.189 
VAL 'L-peptide linking' y VALINE          ? 'C5 H11 N O2'    117.146 
# 
loop_
_pdbx_poly_seq_scheme.asym_id 
_pdbx_poly_seq_scheme.entity_id 
_pdbx_poly_seq_scheme.seq_id 
_pdbx_poly_seq_scheme.mon_id 
_pdbx_poly_seq_scheme.ndb_seq_num 
_pdbx_poly_seq_scheme.pdb_seq_num 
_pdbx_poly_seq_scheme.auth_seq_num 
_pdbx_poly_seq_scheme.pdb_mon_id 
_pdbx_poly_seq_scheme.auth_mon_id 
_pdbx_poly_seq_scheme.pdb_strand_id 
_pdbx_poly_seq_scheme.pdb_ins_code 
_pdbx_poly_seq_scheme.hetero 
A 1 1   LYS 1   1   1   LYS LYS A . n 
A 1 2   GLU 2   2   2   GLU GLU A . n 
A 1 3   THR 3   3   3   THR THR A . n 
A 1 4   ALA 4   4   4   ALA ALA A . n 
A 1 5   ALA 5   5   5   ALA ALA A . n 
A 1 6   ALA 6   6   6   ALA ALA A . n 
A 1 7   LYS 7   7   7   LYS LYS A . n 
A 1 8   PHE 8   8   8   PHE PHE A . n 
A 1 9   GLU 9   9   9   GLU GLU A . n 
A 1 10  ARG 10  10  10  ARG ARG A . n 
A 1 11  GLN 11  11  11  GLN GLN A . n 
A 1 12  HIS 12  12  12  HIS HIS A . n 
A 1 13  MET 13  13  13  MET MET A . n 
A 1 14  ASP 14  14  14  ASP ASP A . n 
A 1 15  SER 15  15  15  SER SER A . n 
A 1 16  SER 16  16  16  SER SER A . n 
A 1 17  THR 17  17  17  THR THR A . n 
A 1 18  SER 18  18  18  SER SER A . n 
A 1 19  ALA 19  19  19  ALA ALA A . n 
A 1 20  ALA 20  20  20  ALA ALA A . n 
A 1 21  SER 21  21  21  SER SER A . n 
A 1 22  SER 22  22  22  SER SER A . n 
A 1 23  SER 23  23  23  SER SER A . n 
A 1 24  ASN 24  24  24  ASN ASN A . n 
A 1 25  TYR 25  25  25  TYR TYR A . n 
A 1 26  CYS 26  26  26  CYS CYS A . n 
A 1 27  ASN 27  27  27  ASN ASN A . n 
A 1 28  GLN 28  28  28  GLN GLN A . n 
A 1 29  MET 29  29  29  MET MET A . n 
A 1 30  MET 30  30  30  MET MET A . n 
A 1 31  LYS 31  31  31  LYS LYS A . n 
A 1 32  SER 32  32  32  SER SER A . n 
A 1 33  ARG 33  33  33  ARG ARG A . n 
A 1 34  ASN 34  34  34  ASN ASN A . n 
A 1 35  LEU 35  35  35  LEU LEU A . n 
A 1 36  THR 36  36  36  THR THR A . n 
A 1 37  LYS 37  37  37  LYS LYS A . n 
A 1 38  ASP 38  38  38  ASP ASP A . n 
A 1 39  ARG 39  39  39  ARG ARG A . n 
A 1 40  CYS 40  40  40  CYS CYS A . n 
A 1 41  LYS 41  41  41  LYS LYS A . n 
A 1 42  PRO 42  42  42  PRO PRO A . n 
A 1 43  VAL 43  43  43  VAL VAL A . n 
A 1 44  ASN 44  44  44  ASN ASN A . n 
A 1 45  THR 45  45  45  THR THR A . n 
A 1 46  PHE 46  46  46  PHE PHE A . n 
A 1 47  VAL 47  47  47  VAL VAL A . n 
A 1 48  HIS 48  48  48  HIS HIS A . n 
A 1 49  GLU 49  49  49  GLU GLU A . n 
A 1 50  SER 50  50  50  SER SER A . n 
A 1 51  LEU 51  51  51  LEU LEU A . n 
A 1 52  ALA 52  52  52  ALA ALA A . n 
A 1 53  ASP 53  53  53  ASP ASP A . n 
A 1 54  VAL 54  54  54  VAL VAL A . n 
A 1 55  GLN 55  55  55  GLN GLN A . n 
A 1 56  ALA 56  56  56  ALA ALA A . n 
A 1 57  VAL 57  57  57  VAL VAL A . n 
A 1 58  CYS 58  58  58  CYS CYS A . n 
A 1 59  SER 59  59  59  SER SER A . n 
A 1 60  GLN 60  60  60  GLN GLN A . n 
A 1 61  LYS 61  61  61  LYS LYS A . n 
A 1 62  ASN 62  62  62  ASN ASN A . n 
A 1 63  VAL 63  63  63  VAL VAL A . n 
A 1 64  ALA 64  64  64  ALA ALA A . n 
A 1 65  CYS 65  65  65  CYS CYS A . n 
A 1 66  LYS 66  66  66  LYS LYS A . n 
A 1 67  ASN 67  67  67  ASN ASN A . n 
A 1 68  GLY 68  68  68  GLY GLY A . n 
A 1 69  GLN 69  69  69  GLN GLN A . n 
A 1 70  THR 70  70  70  THR THR A . n 
A 1 71  ASN 71  71  71  ASN ASN A . n 
A 1 72  CYS 72  72  72  CYS CYS A . n 
A 1 73  TYR 73  73  73  TYR TYR A . n 
A 1 74  GLN 74  74  74  GLN GLN A . n 
A 1 75  SER 75  75  75  SER SER A . n 
A 1 76  TYR 76  76  76  TYR TYR A . n 
A 1 77  SER 77  77  77  SER SER A . n 
A 1 78  THR 78  78  78  THR THR A . n 
A 1 79  MET 79  79  79  MET MET A . n 
A 1 80  SER 80  80  80  SER SER A . n 
A 1 81  ILE 81  81  81  ILE ILE A . n 
A 1 82  THR 82  82  82  THR THR A . n 
A 1 83  ASP 83  83  83  ASP ASP A . n 
A 1 84  CYS 84  84  84  CYS CYS A . n 
A 1 85  ARG 85  85  85  ARG ARG A . n 
A 1 86  GLU 86  86  86  GLU GLU A . n 
A 1 87  THR 87  87  87  THR THR A . n 
A 1 88  GLY 88  88  88  GLY GLY A . n 
A 1 89  SER 89  89  89  SER SER A . n 
A 1 90  SER 90  90  90  SER SER A . n 
A 1 91  LYS 91  91  91  LYS LYS A . n 
A 1 92  TYR 92  92  92  TYR TYR A . n 
A 1 93  PRO 93  93  93  PRO PRO A . n 
A 1 94  ASN 94  94  94  ASN ASN A . n 
A 1 95  CYS 95  95  95  CYS CYS A . n 
A 1 96  ALA 96  96  96  ALA ALA A . n 
A 1 97  TYR 97  97  97  TYR TYR A . n 
A 1 98  LYS 98  98  98  LYS LYS A . n 
A 1 99  THR 99  99  99  THR THR A . n 
A 1 100 THR 100 100 100 THR THR A . n 
A 1 101 GLN 101 101 101 GLN GLN A . n 
A 1 102 ALA 102 102 102 ALA ALA A . n 
A 1 103 ASN 103 103 103 ASN ASN A . n 
A 1 104 LYS 104 104 104 LYS LYS A . n 
A 1 105 HIS 105 105 105 HIS HIS A . n 
A 1 106 ILE 106 106 106 ILE ILE A . n 
A 1 107 ILE 107 107 107 ILE ILE A . n 
A 1 108 VAL 108 108 108 VAL VAL A . n 
A 1 109 ALA 109 109 109 ALA ALA A . n 
A 1 110 CYS 110 110 110 CYS CYS A . n 
A 1 111 GLU 111 111 111 GLU GLU A . n 
A 1 112 GLY 112 112 112 GLY GLY A . n 
A 1 113 ASN 113 113 113 ASN ASN A . n 
A 1 114 PRO 114 114 114 PRO PRO A . n 
A 1 115 TYR 115 115 115 TYR TYR A . n 
A 1 116 VAL 116 116 116 VAL VAL A . n 
A 1 117 PRO 117 117 117 PRO PRO A . n 
A 1 118 VAL 118 118 118 VAL VAL A . n 
A 1 119 HIS 119 119 119 HIS HIS A . n 
A 1 120 PHE 120 120 120 PHE PHE A . n 
A 1 121 ASP 121 121 121 ASP ASP A . n 
A 1 122 ALA 122 122 122 ALA ALA A . n 
A 1 123 SER 123 123 123 SER SER A . n 
A 1 124 VAL 124 124 124 VAL VAL A . n 
# 
loop_
_pdbx_nonpoly_scheme.asym_id 
_pdbx_nonpoly_scheme.entity_id 
_pdbx_nonpoly_scheme.mon_id 
_pdbx_nonpoly_scheme.ndb_seq_num 
_pdbx_nonpoly_scheme.pdb_seq_num 
_pdbx_nonpoly_scheme.auth_seq_num 
_pdbx_nonpoly_scheme.pdb_mon_id 
_pdbx_nonpoly_scheme.auth_mon_id 
_pdbx_nonpoly_scheme.pdb_strand_id 
_pdbx_nonpoly_scheme.pdb_ins_code 
B 2 SO4 1   201 201 SO4 SO4 A . 
C 2 SO4 1   202 202 SO4 SO4 A . 
D 3 CYH 1   203 203 CYH CYH A . 
E 3 CYH 1   207 207 CYH CYH A . 
F 4 HOH 1   301 301 HOH HOH A . 
F 4 HOH 2   302 302 HOH HOH A . 
F 4 HOH 3   303 303 HOH HOH A . 
F 4 HOH 4   304 304 HOH HOH A . 
F 4 HOH 5   305 305 HOH HOH A . 
F 4 HOH 6   306 306 HOH HOH A . 
F 4 HOH 7   307 307 HOH HOH A . 
F 4 HOH 8   308 308 HOH HOH A . 
F 4 HOH 9   309 309 HOH HOH A . 
F 4 HOH 10  310 310 HOH HOH A . 
F 4 HOH 11  311 311 HOH HOH A . 
F 4 HOH 12  312 312 HOH HOH A . 
F 4 HOH 13  313 313 HOH HOH A . 
F 4 HOH 14  314 314 HOH HOH A . 
F 4 HOH 15  315 315 HOH HOH A . 
F 4 HOH 16  316 316 HOH HOH A . 
F 4 HOH 17  317 317 HOH HOH A . 
F 4 HOH 18  318 318 HOH HOH A . 
F 4 HOH 19  319 319 HOH HOH A . 
F 4 HOH 20  320 320 HOH HOH A . 
F 4 HOH 21  321 321 HOH HOH A . 
F 4 HOH 22  323 323 HOH HOH A . 
F 4 HOH 23  324 324 HOH HOH A . 
F 4 HOH 24  325 325 HOH HOH A . 
F 4 HOH 25  326 326 HOH HOH A . 
F 4 HOH 26  327 327 HOH HOH A . 
F 4 HOH 27  328 328 HOH HOH A . 
F 4 HOH 28  329 329 HOH HOH A . 
F 4 HOH 29  330 330 HOH HOH A . 
F 4 HOH 30  331 331 HOH HOH A . 
F 4 HOH 31  332 332 HOH HOH A . 
F 4 HOH 32  334 334 HOH HOH A . 
F 4 HOH 33  335 335 HOH HOH A . 
F 4 HOH 34  336 336 HOH HOH A . 
F 4 HOH 35  337 337 HOH HOH A . 
F 4 HOH 36  339 339 HOH HOH A . 
F 4 HOH 37  340 340 HOH HOH A . 
F 4 HOH 38  341 341 HOH HOH A . 
F 4 HOH 39  342 342 HOH HOH A . 
F 4 HOH 40  343 343 HOH HOH A . 
F 4 HOH 41  344 344 HOH HOH A . 
F 4 HOH 42  346 346 HOH HOH A . 
F 4 HOH 43  347 347 HOH HOH A . 
F 4 HOH 44  348 348 HOH HOH A . 
F 4 HOH 45  349 349 HOH HOH A . 
F 4 HOH 46  350 350 HOH HOH A . 
F 4 HOH 47  351 351 HOH HOH A . 
F 4 HOH 48  352 352 HOH HOH A . 
F 4 HOH 49  353 353 HOH HOH A . 
F 4 HOH 50  354 354 HOH HOH A . 
F 4 HOH 51  358 358 HOH HOH A . 
F 4 HOH 52  359 359 HOH HOH A . 
F 4 HOH 53  360 360 HOH HOH A . 
F 4 HOH 54  362 362 HOH HOH A . 
F 4 HOH 55  364 364 HOH HOH A . 
F 4 HOH 56  365 365 HOH HOH A . 
F 4 HOH 57  366 366 HOH HOH A . 
F 4 HOH 58  368 368 HOH HOH A . 
F 4 HOH 59  369 369 HOH HOH A . 
F 4 HOH 60  373 373 HOH HOH A . 
F 4 HOH 61  375 375 HOH HOH A . 
F 4 HOH 62  378 378 HOH HOH A . 
F 4 HOH 63  379 379 HOH HOH A . 
F 4 HOH 64  382 382 HOH HOH A . 
F 4 HOH 65  384 384 HOH HOH A . 
F 4 HOH 66  385 385 HOH HOH A . 
F 4 HOH 67  392 392 HOH HOH A . 
F 4 HOH 68  394 394 HOH HOH A . 
F 4 HOH 69  395 395 HOH HOH A . 
F 4 HOH 70  398 398 HOH HOH A . 
F 4 HOH 71  399 399 HOH HOH A . 
F 4 HOH 72  400 400 HOH HOH A . 
F 4 HOH 73  401 401 HOH HOH A . 
F 4 HOH 74  402 402 HOH HOH A . 
F 4 HOH 75  404 404 HOH HOH A . 
F 4 HOH 76  414 414 HOH HOH A . 
F 4 HOH 77  415 415 HOH HOH A . 
F 4 HOH 78  420 420 HOH HOH A . 
F 4 HOH 79  437 437 HOH HOH A . 
F 4 HOH 80  438 438 HOH HOH A . 
F 4 HOH 81  482 482 HOH HOH A . 
F 4 HOH 82  485 485 HOH HOH A . 
F 4 HOH 83  487 487 HOH HOH A . 
F 4 HOH 84  488 488 HOH HOH A . 
F 4 HOH 85  489 489 HOH HOH A . 
F 4 HOH 86  322 322 HOH HOH A . 
F 4 HOH 87  345 345 HOH HOH A . 
F 4 HOH 88  355 355 HOH HOH A . 
F 4 HOH 89  370 370 HOH HOH A . 
F 4 HOH 90  374 374 HOH HOH A . 
F 4 HOH 91  376 376 HOH HOH A . 
F 4 HOH 92  380 380 HOH HOH A . 
F 4 HOH 93  390 390 HOH HOH A . 
F 4 HOH 94  408 408 HOH HOH A . 
F 4 HOH 95  424 424 HOH HOH A . 
F 4 HOH 96  442 442 HOH HOH A . 
F 4 HOH 97  479 479 HOH HOH A . 
F 4 HOH 98  480 480 HOH HOH A . 
F 4 HOH 99  481 481 HOH HOH A . 
F 4 HOH 100 483 483 HOH HOH A . 
F 4 HOH 101 484 484 HOH HOH A . 
F 4 HOH 102 486 486 HOH HOH A . 
# 
loop_
_software.pdbx_ordinal 
_software.name 
_software.version 
_software.date 
_software.type 
_software.contact_author 
_software.contact_author_email 
_software.classification 
_software.location 
_software.language 
_software.citation_id 
1 DENZO       .          ?                package 'Zbyszek Otwinowski' hkl@hkl-xray.com            'data reduction'  
http://www.hkl-xray.com/                    ?   ? 
2 SCALEPACK   .          ?                package 'Zbyszek Otwinowski' hkl@hkl-xray.com            'data scaling'    
http://www.hkl-xray.com/                    ?   ? 
3 PHASER      .          ?                program 'Randy J. Read'      cimr-phaser@lists.cam.ac.uk phasing           
http://www-structmed.cimr.cam.ac.uk/phaser/ ?   ? 
4 PHENIX      1.8.1_1168 ?                package 'Paul D. Adams'      PDAdams@lbl.gov             refinement        
http://www.phenix-online.org/               C++ ? 
5 PDB_EXTRACT 3.11       'April 22, 2011' package PDB                  deposit@deposit.rcsb.org    'data extraction' 
http://sw-tools.pdb.org/apps/PDB_EXTRACT/   C++ ? 
6 HKL-2000    .          ?                ?       ?                    ?                           'data collection' ? ?   ? 
7 HKL-2000    .          ?                ?       ?                    ?                           'data reduction'  ? ?   ? 
8 HKL-2000    .          ?                ?       ?                    ?                           'data scaling'    ? ?   ? 
# 
_cell.entry_id           4J63 
_cell.length_a           63.606 
_cell.length_b           63.606 
_cell.length_c           64.192 
_cell.angle_alpha        90.00 
_cell.angle_beta         90.00 
_cell.angle_gamma        120.00 
_cell.Z_PDB              6 
_cell.pdbx_unique_axis   ? 
# 
_symmetry.entry_id                         4J63 
_symmetry.space_group_name_H-M             'P 32 2 1' 
_symmetry.pdbx_full_space_group_name_H-M   ? 
_symmetry.cell_setting                     ? 
_symmetry.Int_Tables_number                154 
# 
_exptl.crystals_number   1 
_exptl.entry_id          4J63 
_exptl.method            'X-RAY DIFFRACTION' 
# 
_exptl_crystal.id                    1 
_exptl_crystal.density_Matthews      2.73 
_exptl_crystal.density_meas          ? 
_exptl_crystal.density_percent_sol   55.02 
_exptl_crystal.description           ? 
_exptl_crystal.F_000                 ? 
_exptl_crystal.preparation           ? 
# 
_exptl_crystal_grow.crystal_id      1 
_exptl_crystal_grow.method          'VAPOR DIFFUSION, HANGING DROP' 
_exptl_crystal_grow.pH              6.0 
_exptl_crystal_grow.temp            291 
_exptl_crystal_grow.pdbx_details    
;35% ammonium sulfate, 1.5 M sodium chloride, 35 mg/mL protein in 20 mM sodium phosphate buffer, pH 6.0, vapor diffusion, hanging drop, temperature 291K
;
_exptl_crystal_grow.temp_details    ? 
_exptl_crystal_grow.pdbx_pH_range   ? 
# 
_diffrn.id                     1 
_diffrn.ambient_temp           100 
_diffrn.ambient_temp_details   ? 
_diffrn.crystal_id             1 
# 
_diffrn_detector.diffrn_id              1 
_diffrn_detector.detector               'IMAGE PLATE' 
_diffrn_detector.type                   'MAR scanner 300 mm plate' 
_diffrn_detector.pdbx_collection_date   2004-12-15 
_diffrn_detector.details                mirror 
# 
_diffrn_radiation.diffrn_id                        1 
_diffrn_radiation.pdbx_diffrn_protocol             'SINGLE WAVELENGTH' 
_diffrn_radiation.monochromator                    'Double crystal - liquid nitrogen cooled' 
_diffrn_radiation.wavelength_id                    1 
_diffrn_radiation.pdbx_monochromatic_or_laue_m_l   M 
_diffrn_radiation.pdbx_scattering_type             x-ray 
# 
_diffrn_radiation_wavelength.id           1 
_diffrn_radiation_wavelength.wavelength   1.0 
_diffrn_radiation_wavelength.wt           1.0 
# 
_diffrn_source.diffrn_id                   1 
_diffrn_source.source                      SYNCHROTRON 
_diffrn_source.type                        'APS BEAMLINE 22-ID' 
_diffrn_source.pdbx_wavelength_list        1.0 
_diffrn_source.pdbx_wavelength             ? 
_diffrn_source.pdbx_synchrotron_site       APS 
_diffrn_source.pdbx_synchrotron_beamline   22-ID 
# 
_reflns.entry_id                     4J63 
_reflns.d_resolution_high            2.0390 
_reflns.d_resolution_low             50.000 
_reflns.number_obs                   9959 
_reflns.pdbx_Rmerge_I_obs            0.257 
_reflns.pdbx_netI_over_sigmaI        5.200 
_reflns.pdbx_chi_squared             4.907 
_reflns.pdbx_redundancy              9.500 
_reflns.percent_possible_obs         100.000 
_reflns.observed_criterion_sigma_F   1.0 
_reflns.observed_criterion_sigma_I   1.0 
_reflns.number_all                   9959 
_reflns.pdbx_Rsym_value              ? 
_reflns.B_iso_Wilson_estimate        ? 
_reflns.R_free_details               ? 
_reflns.limit_h_max                  ? 
_reflns.limit_h_min                  ? 
_reflns.limit_k_max                  ? 
_reflns.limit_k_min                  ? 
_reflns.limit_l_max                  ? 
_reflns.limit_l_min                  ? 
_reflns.observed_criterion_F_max     ? 
_reflns.observed_criterion_F_min     ? 
_reflns.pdbx_scaling_rejects         ? 
_reflns.pdbx_ordinal                 1 
_reflns.pdbx_diffrn_id               1 
# 
loop_
_reflns_shell.d_res_high 
_reflns_shell.d_res_low 
_reflns_shell.number_measured_obs 
_reflns_shell.number_measured_all 
_reflns_shell.number_unique_obs 
_reflns_shell.Rmerge_I_obs 
_reflns_shell.meanI_over_sigI_obs 
_reflns_shell.pdbx_Rsym_value 
_reflns_shell.pdbx_chi_squared 
_reflns_shell.pdbx_redundancy 
_reflns_shell.percent_possible_obs 
_reflns_shell.number_unique_all 
_reflns_shell.percent_possible_all 
_reflns_shell.pdbx_ordinal 
_reflns_shell.pdbx_diffrn_id 
2.040 2.110  ? ? ? ?     ? ? 22.030 7.900  ? 976  100.000 1  1 
2.110 2.200  ? ? ? 0.977 ? ? 1.239  8.300  ? 993  100.000 2  1 
2.200 2.300  ? ? ? 0.949 ? ? 16.489 8.400  ? 960  100.000 3  1 
2.300 2.420  ? ? ? 0.806 ? ? 1.382  8.900  ? 973  100.000 4  1 
2.420 2.570  ? ? ? 0.742 ? ? 1.600  9.500  ? 987  100.000 5  1 
2.570 2.770  ? ? ? 0.719 ? ? 2.339  10.400 ? 998  100.000 6  1 
2.770 3.050  ? ? ? 0.523 ? ? 1.530  10.500 ? 988  100.000 7  1 
3.050 3.490  ? ? ? 0.194 ? ? 1.619  10.400 ? 992  100.000 8  1 
3.490 4.390  ? ? ? 0.166 ? ? 4.254  10.400 ? 1012 100.000 9  1 
4.390 50.000 ? ? ? 0.090 ? ? 2.460  9.800  ? 1080 100.000 10 1 
# 
_refine.entry_id                                 4J63 
_refine.ls_d_res_high                            2.0390 
_refine.ls_d_res_low                             41.8030 
_refine.pdbx_ls_sigma_F                          1.340 
_refine.pdbx_data_cutoff_high_absF               ? 
_refine.pdbx_data_cutoff_low_absF                ? 
_refine.ls_percent_reflns_obs                    99.9400 
_refine.ls_number_reflns_obs                     9933 
_refine.ls_number_reflns_all                     9938 
_refine.pdbx_ls_cross_valid_method               ? 
_refine.pdbx_R_Free_selection_details            RANDOM 
_refine.details                                  ? 
_refine.ls_R_factor_all                          0.1802 
_refine.ls_R_factor_obs                          0.1802 
_refine.ls_R_factor_R_work                       0.1759 
_refine.ls_wR_factor_R_work                      ? 
_refine.ls_R_factor_R_free                       0.2186 
_refine.ls_wR_factor_R_free                      ? 
_refine.ls_percent_reflns_R_free                 10.0200 
_refine.ls_number_reflns_R_free                  995 
_refine.ls_R_factor_R_free_error                 ? 
_refine.B_iso_mean                               28.0289 
_refine.solvent_model_param_bsol                 ? 
_refine.solvent_model_param_ksol                 ? 
_refine.pdbx_isotropic_thermal_model             ? 
_refine.aniso_B[1][1]                            ? 
_refine.aniso_B[2][2]                            ? 
_refine.aniso_B[3][3]                            ? 
_refine.aniso_B[1][2]                            ? 
_refine.aniso_B[1][3]                            ? 
_refine.aniso_B[2][3]                            ? 
_refine.correlation_coeff_Fo_to_Fc               ? 
_refine.correlation_coeff_Fo_to_Fc_free          ? 
_refine.overall_SU_R_Cruickshank_DPI             ? 
_refine.overall_SU_R_free                        ? 
_refine.pdbx_overall_ESU_R                       ? 
_refine.pdbx_overall_ESU_R_Free                  ? 
_refine.overall_SU_ML                            0.1800 
_refine.overall_SU_B                             ? 
_refine.solvent_model_details                    'FLAT BULK SOLVENT MODEL' 
_refine.pdbx_solvent_vdw_probe_radii             1.1100 
_refine.pdbx_solvent_ion_probe_radii             ? 
_refine.pdbx_solvent_shrinkage_radii             0.9000 
_refine.ls_number_parameters                     ? 
_refine.ls_number_restraints                     ? 
_refine.pdbx_starting_model                      'PDB ENTRY 1RPH' 
_refine.pdbx_method_to_determine_struct          'MOLECULAR REPLACEMENT' 
_refine.pdbx_stereochemistry_target_values       ML 
_refine.pdbx_stereochem_target_val_spec_case     ? 
_refine.overall_FOM_work_R_set                   ? 
_refine.B_iso_max                                75.040 
_refine.B_iso_min                                11.780 
_refine.pdbx_overall_phase_error                 21.6400 
_refine.occupancy_max                            1.000 
_refine.occupancy_min                            1.000 
_refine.pdbx_ls_sigma_I                          ? 
_refine.ls_redundancy_reflns_obs                 ? 
_refine.ls_R_factor_R_free_error_details         ? 
_refine.pdbx_data_cutoff_high_rms_absF           ? 
_refine.overall_FOM_free_R_set                   ? 
_refine.pdbx_diffrn_id                           1 
_refine.pdbx_refine_id                           'X-RAY DIFFRACTION' 
_refine.pdbx_TLS_residual_ADP_flag               ? 
_refine.pdbx_overall_SU_R_free_Cruickshank_DPI   ? 
_refine.pdbx_overall_SU_R_Blow_DPI               ? 
_refine.pdbx_overall_SU_R_free_Blow_DPI          ? 
# 
_refine_hist.pdbx_refine_id                   'X-RAY DIFFRACTION' 
_refine_hist.cycle_id                         LAST 
_refine_hist.pdbx_number_atoms_protein        951 
_refine_hist.pdbx_number_atoms_nucleic_acid   0 
_refine_hist.pdbx_number_atoms_ligand         24 
_refine_hist.number_atoms_solvent             102 
_refine_hist.number_atoms_total               1077 
_refine_hist.d_res_high                       2.0390 
_refine_hist.d_res_low                        41.8030 
# 
loop_
_refine_ls_restr.type 
_refine_ls_restr.number 
_refine_ls_restr.dev_ideal 
_refine_ls_restr.dev_ideal_target 
_refine_ls_restr.weight 
_refine_ls_restr.pdbx_restraint_function 
_refine_ls_restr.pdbx_refine_id 
f_bond_d           993  0.008  ? ? ? 'X-RAY DIFFRACTION' 
f_angle_d          1334 1.172  ? ? ? 'X-RAY DIFFRACTION' 
f_chiral_restr     145  0.078  ? ? ? 'X-RAY DIFFRACTION' 
f_plane_restr      174  0.004  ? ? ? 'X-RAY DIFFRACTION' 
f_dihedral_angle_d 374  13.104 ? ? ? 'X-RAY DIFFRACTION' 
# 
loop_
_refine_ls_shell.d_res_high 
_refine_ls_shell.d_res_low 
_refine_ls_shell.pdbx_total_number_of_bins_used 
_refine_ls_shell.percent_reflns_obs 
_refine_ls_shell.number_reflns_R_work 
_refine_ls_shell.R_factor_all 
_refine_ls_shell.R_factor_R_work 
_refine_ls_shell.R_factor_R_free 
_refine_ls_shell.percent_reflns_R_free 
_refine_ls_shell.number_reflns_R_free 
_refine_ls_shell.R_factor_R_free_error 
_refine_ls_shell.number_reflns_all 
_refine_ls_shell.number_reflns_obs 
_refine_ls_shell.redundancy_reflns_obs 
_refine_ls_shell.pdbx_refine_id 
2.0387 2.1462  7 100.0000 1251 . 0.2013 0.2531 . 139 . 1390 . . 'X-RAY DIFFRACTION' 
2.1462 2.2807  7 100.0000 1260 . 0.1882 0.2902 . 141 . 1401 . . 'X-RAY DIFFRACTION' 
2.2807 2.4567  7 100.0000 1258 . 0.1846 0.2518 . 140 . 1398 . . 'X-RAY DIFFRACTION' 
2.4567 2.7039  7 100.0000 1254 . 0.1818 0.2289 . 140 . 1394 . . 'X-RAY DIFFRACTION' 
2.7039 3.0951  7 100.0000 1266 . 0.1856 0.2354 . 145 . 1411 . . 'X-RAY DIFFRACTION' 
3.0951 3.8990  7 100.0000 1295 . 0.1523 0.1971 . 137 . 1432 . . 'X-RAY DIFFRACTION' 
3.8990 41.8118 7 100.0000 1354 . 0.1763 0.1851 . 153 . 1507 . . 'X-RAY DIFFRACTION' 
# 
_struct.entry_id                  4J63 
_struct.title                     'Crystal structure of Ribonuclease A soaked in 40% Cyclohexanone: One of twelve in MSCS set' 
_struct.pdbx_model_details        ? 
_struct.pdbx_CASP_flag            ? 
_struct.pdbx_model_type_details   ? 
# 
_struct_keywords.entry_id        4J63 
_struct_keywords.text            'Endoribonuclease, HYDROLASE' 
_struct_keywords.pdbx_keywords   HYDROLASE 
# 
loop_
_struct_asym.id 
_struct_asym.pdbx_blank_PDB_chainid_flag 
_struct_asym.pdbx_modified 
_struct_asym.entity_id 
_struct_asym.details 
A N N 1 ? 
B N N 2 ? 
C N N 2 ? 
D N N 3 ? 
E N N 3 ? 
F N N 4 ? 
# 
_struct_ref.id                         1 
_struct_ref.db_name                    UNP 
_struct_ref.db_code                    RNAS1_BOVIN 
_struct_ref.pdbx_db_accession          P61823 
_struct_ref.entity_id                  1 
_struct_ref.pdbx_seq_one_letter_code   
;KETAAAKFERQHMDSSTSAASSSNYCNQMMKSRNLTKDRCKPVNTFVHESLADVQAVCSQKNVACKNGQTNCYQSYSTMS
ITDCRETGSSKYPNCAYKTTQANKHIIVACEGNPYVPVHFDASV
;
_struct_ref.pdbx_align_begin           27 
_struct_ref.pdbx_db_isoform            ? 
# 
_struct_ref_seq.align_id                      1 
_struct_ref_seq.ref_id                        1 
_struct_ref_seq.pdbx_PDB_id_code              4J63 
_struct_ref_seq.pdbx_strand_id                A 
_struct_ref_seq.seq_align_beg                 1 
_struct_ref_seq.pdbx_seq_align_beg_ins_code   ? 
_struct_ref_seq.seq_align_end                 124 
_struct_ref_seq.pdbx_seq_align_end_ins_code   ? 
_struct_ref_seq.pdbx_db_accession             P61823 
_struct_ref_seq.db_align_beg                  27 
_struct_ref_seq.pdbx_db_align_beg_ins_code    ? 
_struct_ref_seq.db_align_end                  150 
_struct_ref_seq.pdbx_db_align_end_ins_code    ? 
_struct_ref_seq.pdbx_auth_seq_align_beg       1 
_struct_ref_seq.pdbx_auth_seq_align_end       124 
# 
_pdbx_struct_assembly.id                   1 
_pdbx_struct_assembly.details              author_and_software_defined_assembly 
_pdbx_struct_assembly.method_details       PISA 
_pdbx_struct_assembly.oligomeric_details   monomeric 
_pdbx_struct_assembly.oligomeric_count     1 
# 
_pdbx_struct_assembly_gen.assembly_id       1 
_pdbx_struct_assembly_gen.oper_expression   1 
_pdbx_struct_assembly_gen.asym_id_list      A,B,C,D,E,F 
# 
_pdbx_struct_oper_list.id                   1 
_pdbx_struct_oper_list.type                 'identity operation' 
_pdbx_struct_oper_list.name                 1_555 
_pdbx_struct_oper_list.symmetry_operation   x,y,z 
_pdbx_struct_oper_list.matrix[1][1]         1.0000000000 
_pdbx_struct_oper_list.matrix[1][2]         0.0000000000 
_pdbx_struct_oper_list.matrix[1][3]         0.0000000000 
_pdbx_struct_oper_list.vector[1]            0.0000000000 
_pdbx_struct_oper_list.matrix[2][1]         0.0000000000 
_pdbx_struct_oper_list.matrix[2][2]         1.0000000000 
_pdbx_struct_oper_list.matrix[2][3]         0.0000000000 
_pdbx_struct_oper_list.vector[2]            0.0000000000 
_pdbx_struct_oper_list.matrix[3][1]         0.0000000000 
_pdbx_struct_oper_list.matrix[3][2]         0.0000000000 
_pdbx_struct_oper_list.matrix[3][3]         1.0000000000 
_pdbx_struct_oper_list.vector[3]            0.0000000000 
# 
_struct_biol.id        1 
_struct_biol.details   ? 
# 
loop_
_struct_conf.conf_type_id 
_struct_conf.id 
_struct_conf.pdbx_PDB_helix_id 
_struct_conf.beg_label_comp_id 
_struct_conf.beg_label_asym_id 
_struct_conf.beg_label_seq_id 
_struct_conf.pdbx_beg_PDB_ins_code 
_struct_conf.end_label_comp_id 
_struct_conf.end_label_asym_id 
_struct_conf.end_label_seq_id 
_struct_conf.pdbx_end_PDB_ins_code 
_struct_conf.beg_auth_comp_id 
_struct_conf.beg_auth_asym_id 
_struct_conf.beg_auth_seq_id 
_struct_conf.end_auth_comp_id 
_struct_conf.end_auth_asym_id 
_struct_conf.end_auth_seq_id 
_struct_conf.pdbx_PDB_helix_class 
_struct_conf.details 
_struct_conf.pdbx_PDB_helix_length 
HELX_P HELX_P1 1 THR A 3  ? MET A 13 ? THR A 3  MET A 13 1 ? 11 
HELX_P HELX_P2 2 ASN A 24 ? ARG A 33 ? ASN A 24 ARG A 33 1 ? 10 
HELX_P HELX_P3 3 SER A 50 ? ALA A 56 ? SER A 50 ALA A 56 1 ? 7  
HELX_P HELX_P4 4 VAL A 57 ? GLN A 60 ? VAL A 57 GLN A 60 5 ? 4  
# 
_struct_conf_type.id          HELX_P 
_struct_conf_type.criteria    ? 
_struct_conf_type.reference   ? 
# 
loop_
_struct_conn.id 
_struct_conn.conn_type_id 
_struct_conn.pdbx_leaving_atom_flag 
_struct_conn.pdbx_PDB_id 
_struct_conn.ptnr1_label_asym_id 
_struct_conn.ptnr1_label_comp_id 
_struct_conn.ptnr1_label_seq_id 
_struct_conn.ptnr1_label_atom_id 
_struct_conn.pdbx_ptnr1_label_alt_id 
_struct_conn.pdbx_ptnr1_PDB_ins_code 
_struct_conn.pdbx_ptnr1_standard_comp_id 
_struct_conn.ptnr1_symmetry 
_struct_conn.ptnr2_label_asym_id 
_struct_conn.ptnr2_label_comp_id 
_struct_conn.ptnr2_label_seq_id 
_struct_conn.ptnr2_label_atom_id 
_struct_conn.pdbx_ptnr2_label_alt_id 
_struct_conn.pdbx_ptnr2_PDB_ins_code 
_struct_conn.ptnr1_auth_asym_id 
_struct_conn.ptnr1_auth_comp_id 
_struct_conn.ptnr1_auth_seq_id 
_struct_conn.ptnr2_auth_asym_id 
_struct_conn.ptnr2_auth_comp_id 
_struct_conn.ptnr2_auth_seq_id 
_struct_conn.ptnr2_symmetry 
_struct_conn.pdbx_ptnr3_label_atom_id 
_struct_conn.pdbx_ptnr3_label_seq_id 
_struct_conn.pdbx_ptnr3_label_comp_id 
_struct_conn.pdbx_ptnr3_label_asym_id 
_struct_conn.pdbx_ptnr3_label_alt_id 
_struct_conn.pdbx_ptnr3_PDB_ins_code 
_struct_conn.details 
_struct_conn.pdbx_dist_value 
_struct_conn.pdbx_value_order 
_struct_conn.pdbx_role 
disulf1 disulf ? ? A CYS 26 SG ? ? ? 1_555 A CYS 84  SG ? ? A CYS 26 A CYS 84  1_555 ? ? ? ? ? ? ? 2.030 ? ? 
disulf2 disulf ? ? A CYS 40 SG ? ? ? 1_555 A CYS 95  SG ? ? A CYS 40 A CYS 95  1_555 ? ? ? ? ? ? ? 2.031 ? ? 
disulf3 disulf ? ? A CYS 58 SG ? ? ? 1_555 A CYS 110 SG ? ? A CYS 58 A CYS 110 1_555 ? ? ? ? ? ? ? 2.011 ? ? 
disulf4 disulf ? ? A CYS 65 SG ? ? ? 1_555 A CYS 72  SG ? ? A CYS 65 A CYS 72  1_555 ? ? ? ? ? ? ? 2.020 ? ? 
# 
_struct_conn_type.id          disulf 
_struct_conn_type.criteria    ? 
_struct_conn_type.reference   ? 
# 
loop_
_pdbx_modification_feature.ordinal 
_pdbx_modification_feature.label_comp_id 
_pdbx_modification_feature.label_asym_id 
_pdbx_modification_feature.label_seq_id 
_pdbx_modification_feature.label_alt_id 
_pdbx_modification_feature.modified_residue_label_comp_id 
_pdbx_modification_feature.modified_residue_label_asym_id 
_pdbx_modification_feature.modified_residue_label_seq_id 
_pdbx_modification_feature.modified_residue_label_alt_id 
_pdbx_modification_feature.auth_comp_id 
_pdbx_modification_feature.auth_asym_id 
_pdbx_modification_feature.auth_seq_id 
_pdbx_modification_feature.PDB_ins_code 
_pdbx_modification_feature.symmetry 
_pdbx_modification_feature.modified_residue_auth_comp_id 
_pdbx_modification_feature.modified_residue_auth_asym_id 
_pdbx_modification_feature.modified_residue_auth_seq_id 
_pdbx_modification_feature.modified_residue_PDB_ins_code 
_pdbx_modification_feature.modified_residue_symmetry 
_pdbx_modification_feature.comp_id_linking_atom 
_pdbx_modification_feature.modified_residue_id_linking_atom 
_pdbx_modification_feature.modified_residue_id 
_pdbx_modification_feature.ref_pcm_id 
_pdbx_modification_feature.ref_comp_id 
_pdbx_modification_feature.type 
_pdbx_modification_feature.category 
1 CYS A 26 ? CYS A 84  ? CYS A 26 ? 1_555 CYS A 84  ? 1_555 SG SG . . . None 'Disulfide bridge' 
2 CYS A 40 ? CYS A 95  ? CYS A 40 ? 1_555 CYS A 95  ? 1_555 SG SG . . . None 'Disulfide bridge' 
3 CYS A 58 ? CYS A 110 ? CYS A 58 ? 1_555 CYS A 110 ? 1_555 SG SG . . . None 'Disulfide bridge' 
4 CYS A 65 ? CYS A 72  ? CYS A 65 ? 1_555 CYS A 72  ? 1_555 SG SG . . . None 'Disulfide bridge' 
# 
loop_
_struct_mon_prot_cis.pdbx_id 
_struct_mon_prot_cis.label_comp_id 
_struct_mon_prot_cis.label_seq_id 
_struct_mon_prot_cis.label_asym_id 
_struct_mon_prot_cis.label_alt_id 
_struct_mon_prot_cis.pdbx_PDB_ins_code 
_struct_mon_prot_cis.auth_comp_id 
_struct_mon_prot_cis.auth_seq_id 
_struct_mon_prot_cis.auth_asym_id 
_struct_mon_prot_cis.pdbx_label_comp_id_2 
_struct_mon_prot_cis.pdbx_label_seq_id_2 
_struct_mon_prot_cis.pdbx_label_asym_id_2 
_struct_mon_prot_cis.pdbx_PDB_ins_code_2 
_struct_mon_prot_cis.pdbx_auth_comp_id_2 
_struct_mon_prot_cis.pdbx_auth_seq_id_2 
_struct_mon_prot_cis.pdbx_auth_asym_id_2 
_struct_mon_prot_cis.pdbx_PDB_model_num 
_struct_mon_prot_cis.pdbx_omega_angle 
1 TYR 92  A . ? TYR 92  A PRO 93  A ? PRO 93  A 1 6.53 
2 ASN 113 A . ? ASN 113 A PRO 114 A ? PRO 114 A 1 2.65 
# 
loop_
_struct_sheet.id 
_struct_sheet.type 
_struct_sheet.number_strands 
_struct_sheet.details 
A ? 5 ? 
B ? 4 ? 
# 
loop_
_struct_sheet_order.sheet_id 
_struct_sheet_order.range_id_1 
_struct_sheet_order.range_id_2 
_struct_sheet_order.offset 
_struct_sheet_order.sense 
A 1 2 ? anti-parallel 
A 2 3 ? anti-parallel 
A 3 4 ? anti-parallel 
A 4 5 ? anti-parallel 
B 1 2 ? anti-parallel 
B 2 3 ? anti-parallel 
B 3 4 ? anti-parallel 
# 
loop_
_struct_sheet_range.sheet_id 
_struct_sheet_range.id 
_struct_sheet_range.beg_label_comp_id 
_struct_sheet_range.beg_label_asym_id 
_struct_sheet_range.beg_label_seq_id 
_struct_sheet_range.pdbx_beg_PDB_ins_code 
_struct_sheet_range.end_label_comp_id 
_struct_sheet_range.end_label_asym_id 
_struct_sheet_range.end_label_seq_id 
_struct_sheet_range.pdbx_end_PDB_ins_code 
_struct_sheet_range.beg_auth_comp_id 
_struct_sheet_range.beg_auth_asym_id 
_struct_sheet_range.beg_auth_seq_id 
_struct_sheet_range.end_auth_comp_id 
_struct_sheet_range.end_auth_asym_id 
_struct_sheet_range.end_auth_seq_id 
A 1 VAL A 43  ? VAL A 47  ? VAL A 43  VAL A 47  
A 2 MET A 79  ? GLU A 86  ? MET A 79  GLU A 86  
A 3 TYR A 97  ? GLU A 111 ? TYR A 97  GLU A 111 
A 4 CYS A 72  ? GLN A 74  ? CYS A 72  GLN A 74  
A 5 LYS A 61  ? VAL A 63  ? LYS A 61  VAL A 63  
B 1 VAL A 43  ? VAL A 47  ? VAL A 43  VAL A 47  
B 2 MET A 79  ? GLU A 86  ? MET A 79  GLU A 86  
B 3 TYR A 97  ? GLU A 111 ? TYR A 97  GLU A 111 
B 4 VAL A 116 ? VAL A 124 ? VAL A 116 VAL A 124 
# 
loop_
_pdbx_struct_sheet_hbond.sheet_id 
_pdbx_struct_sheet_hbond.range_id_1 
_pdbx_struct_sheet_hbond.range_id_2 
_pdbx_struct_sheet_hbond.range_1_label_atom_id 
_pdbx_struct_sheet_hbond.range_1_label_comp_id 
_pdbx_struct_sheet_hbond.range_1_label_asym_id 
_pdbx_struct_sheet_hbond.range_1_label_seq_id 
_pdbx_struct_sheet_hbond.range_1_PDB_ins_code 
_pdbx_struct_sheet_hbond.range_1_auth_atom_id 
_pdbx_struct_sheet_hbond.range_1_auth_comp_id 
_pdbx_struct_sheet_hbond.range_1_auth_asym_id 
_pdbx_struct_sheet_hbond.range_1_auth_seq_id 
_pdbx_struct_sheet_hbond.range_2_label_atom_id 
_pdbx_struct_sheet_hbond.range_2_label_comp_id 
_pdbx_struct_sheet_hbond.range_2_label_asym_id 
_pdbx_struct_sheet_hbond.range_2_label_seq_id 
_pdbx_struct_sheet_hbond.range_2_PDB_ins_code 
_pdbx_struct_sheet_hbond.range_2_auth_atom_id 
_pdbx_struct_sheet_hbond.range_2_auth_comp_id 
_pdbx_struct_sheet_hbond.range_2_auth_asym_id 
_pdbx_struct_sheet_hbond.range_2_auth_seq_id 
A 1 2 N ASN A 44  ? N ASN A 44  O CYS A 84  ? O CYS A 84  
A 2 3 N ASP A 83  ? N ASP A 83  O THR A 100 ? O THR A 100 
A 3 4 O VAL A 108 ? O VAL A 108 N TYR A 73  ? N TYR A 73  
A 4 5 O CYS A 72  ? O CYS A 72  N VAL A 63  ? N VAL A 63  
B 1 2 N ASN A 44  ? N ASN A 44  O CYS A 84  ? O CYS A 84  
B 2 3 N ASP A 83  ? N ASP A 83  O THR A 100 ? O THR A 100 
B 3 4 N ALA A 109 ? N ALA A 109 O VAL A 118 ? O VAL A 118 
# 
loop_
_struct_site.id 
_struct_site.pdbx_evidence_code 
_struct_site.pdbx_auth_asym_id 
_struct_site.pdbx_auth_comp_id 
_struct_site.pdbx_auth_seq_id 
_struct_site.pdbx_auth_ins_code 
_struct_site.pdbx_num_residues 
_struct_site.details 
AC1 Software A SO4 201 ? 7 'BINDING SITE FOR RESIDUE SO4 A 201' 
AC2 Software A SO4 202 ? 5 'BINDING SITE FOR RESIDUE SO4 A 202' 
AC3 Software A CYH 203 ? 3 'BINDING SITE FOR RESIDUE CYH A 203' 
AC4 Software A CYH 207 ? 6 'BINDING SITE FOR RESIDUE CYH A 207' 
# 
loop_
_struct_site_gen.id 
_struct_site_gen.site_id 
_struct_site_gen.pdbx_num_res 
_struct_site_gen.label_comp_id 
_struct_site_gen.label_asym_id 
_struct_site_gen.label_seq_id 
_struct_site_gen.pdbx_auth_ins_code 
_struct_site_gen.auth_comp_id 
_struct_site_gen.auth_asym_id 
_struct_site_gen.auth_seq_id 
_struct_site_gen.label_atom_id 
_struct_site_gen.label_alt_id 
_struct_site_gen.symmetry 
_struct_site_gen.details 
1  AC1 7 GLN A 11  ? GLN A 11  . ? 1_555 ? 
2  AC1 7 HIS A 12  ? HIS A 12  . ? 1_555 ? 
3  AC1 7 LYS A 41  ? LYS A 41  . ? 1_555 ? 
4  AC1 7 HIS A 119 ? HIS A 119 . ? 1_555 ? 
5  AC1 7 PHE A 120 ? PHE A 120 . ? 1_555 ? 
6  AC1 7 HOH F .   ? HOH A 304 . ? 1_555 ? 
7  AC1 7 HOH F .   ? HOH A 376 . ? 1_555 ? 
8  AC2 5 THR A 3   ? THR A 3   . ? 6_445 ? 
9  AC2 5 ALA A 4   ? ALA A 4   . ? 6_445 ? 
10 AC2 5 SER A 23  ? SER A 23  . ? 1_555 ? 
11 AC2 5 HOH F .   ? HOH A 341 . ? 6_445 ? 
12 AC2 5 HOH F .   ? HOH A 442 . ? 6_445 ? 
13 AC3 3 ASN A 62  ? ASN A 62  . ? 1_555 ? 
14 AC3 3 ALA A 64  ? ALA A 64  . ? 1_555 ? 
15 AC3 3 GLU A 86  ? GLU A 86  . ? 4_556 ? 
16 AC4 6 LEU A 51  ? LEU A 51  . ? 3_445 ? 
17 AC4 6 GLN A 55  ? GLN A 55  . ? 3_445 ? 
18 AC4 6 LYS A 61  ? LYS A 61  . ? 1_555 ? 
19 AC4 6 ASN A 62  ? ASN A 62  . ? 1_555 ? 
20 AC4 6 THR A 87  ? THR A 87  . ? 4_556 ? 
21 AC4 6 HOH F .   ? HOH A 385 . ? 1_555 ? 
# 
_pdbx_entry_details.entry_id                   4J63 
_pdbx_entry_details.compound_details           ? 
_pdbx_entry_details.source_details             ? 
_pdbx_entry_details.nonpolymer_details         ? 
_pdbx_entry_details.sequence_details           ? 
_pdbx_entry_details.has_ligand_of_interest     ? 
_pdbx_entry_details.has_protein_modification   Y 
# 
loop_
_pdbx_validate_close_contact.id 
_pdbx_validate_close_contact.PDB_model_num 
_pdbx_validate_close_contact.auth_atom_id_1 
_pdbx_validate_close_contact.auth_asym_id_1 
_pdbx_validate_close_contact.auth_comp_id_1 
_pdbx_validate_close_contact.auth_seq_id_1 
_pdbx_validate_close_contact.PDB_ins_code_1 
_pdbx_validate_close_contact.label_alt_id_1 
_pdbx_validate_close_contact.auth_atom_id_2 
_pdbx_validate_close_contact.auth_asym_id_2 
_pdbx_validate_close_contact.auth_comp_id_2 
_pdbx_validate_close_contact.auth_seq_id_2 
_pdbx_validate_close_contact.PDB_ins_code_2 
_pdbx_validate_close_contact.label_alt_id_2 
_pdbx_validate_close_contact.dist 
1 1 NZ A LYS 104 ? ? OG A SER 123 ? ? 2.06 
2 1 O  A HOH 488 ? ? O  A HOH 486 ? ? 2.07 
3 1 O  A HOH 392 ? ? O  A HOH 485 ? ? 2.18 
# 
loop_
_pdbx_validate_torsion.id 
_pdbx_validate_torsion.PDB_model_num 
_pdbx_validate_torsion.auth_comp_id 
_pdbx_validate_torsion.auth_asym_id 
_pdbx_validate_torsion.auth_seq_id 
_pdbx_validate_torsion.PDB_ins_code 
_pdbx_validate_torsion.label_alt_id 
_pdbx_validate_torsion.phi 
_pdbx_validate_torsion.psi 
1 1 HIS A 48 ? ? -101.79 62.57   
2 1 GLN A 60 ? ? -100.60 -139.33 
3 1 SER A 89 ? ? -104.11 50.90   
# 
loop_
_pdbx_struct_special_symmetry.id 
_pdbx_struct_special_symmetry.PDB_model_num 
_pdbx_struct_special_symmetry.auth_asym_id 
_pdbx_struct_special_symmetry.auth_comp_id 
_pdbx_struct_special_symmetry.auth_seq_id 
_pdbx_struct_special_symmetry.PDB_ins_code 
_pdbx_struct_special_symmetry.label_asym_id 
_pdbx_struct_special_symmetry.label_comp_id 
_pdbx_struct_special_symmetry.label_seq_id 
1 1 A HOH 340 ? F HOH . 
2 1 A HOH 365 ? F HOH . 
# 
_phasing.method   MR 
# 
loop_
_chem_comp_atom.comp_id 
_chem_comp_atom.atom_id 
_chem_comp_atom.type_symbol 
_chem_comp_atom.pdbx_aromatic_flag 
_chem_comp_atom.pdbx_stereo_config 
_chem_comp_atom.pdbx_ordinal 
ALA N    N N N 1   
ALA CA   C N S 2   
ALA C    C N N 3   
ALA O    O N N 4   
ALA CB   C N N 5   
ALA OXT  O N N 6   
ALA H    H N N 7   
ALA H2   H N N 8   
ALA HA   H N N 9   
ALA HB1  H N N 10  
ALA HB2  H N N 11  
ALA HB3  H N N 12  
ALA HXT  H N N 13  
ARG N    N N N 14  
ARG CA   C N S 15  
ARG C    C N N 16  
ARG O    O N N 17  
ARG CB   C N N 18  
ARG CG   C N N 19  
ARG CD   C N N 20  
ARG NE   N N N 21  
ARG CZ   C N N 22  
ARG NH1  N N N 23  
ARG NH2  N N N 24  
ARG OXT  O N N 25  
ARG H    H N N 26  
ARG H2   H N N 27  
ARG HA   H N N 28  
ARG HB2  H N N 29  
ARG HB3  H N N 30  
ARG HG2  H N N 31  
ARG HG3  H N N 32  
ARG HD2  H N N 33  
ARG HD3  H N N 34  
ARG HE   H N N 35  
ARG HH11 H N N 36  
ARG HH12 H N N 37  
ARG HH21 H N N 38  
ARG HH22 H N N 39  
ARG HXT  H N N 40  
ASN N    N N N 41  
ASN CA   C N S 42  
ASN C    C N N 43  
ASN O    O N N 44  
ASN CB   C N N 45  
ASN CG   C N N 46  
ASN OD1  O N N 47  
ASN ND2  N N N 48  
ASN OXT  O N N 49  
ASN H    H N N 50  
ASN H2   H N N 51  
ASN HA   H N N 52  
ASN HB2  H N N 53  
ASN HB3  H N N 54  
ASN HD21 H N N 55  
ASN HD22 H N N 56  
ASN HXT  H N N 57  
ASP N    N N N 58  
ASP CA   C N S 59  
ASP C    C N N 60  
ASP O    O N N 61  
ASP CB   C N N 62  
ASP CG   C N N 63  
ASP OD1  O N N 64  
ASP OD2  O N N 65  
ASP OXT  O N N 66  
ASP H    H N N 67  
ASP H2   H N N 68  
ASP HA   H N N 69  
ASP HB2  H N N 70  
ASP HB3  H N N 71  
ASP HD2  H N N 72  
ASP HXT  H N N 73  
CYH C1   C N N 74  
CYH O1   O N N 75  
CYH C2   C N N 76  
CYH C3   C N N 77  
CYH C4   C N N 78  
CYH C5   C N N 79  
CYH C6   C N N 80  
CYH H21  H N N 81  
CYH H22  H N N 82  
CYH H31  H N N 83  
CYH H32  H N N 84  
CYH H41  H N N 85  
CYH H42  H N N 86  
CYH H51  H N N 87  
CYH H52  H N N 88  
CYH H61  H N N 89  
CYH H62  H N N 90  
CYS N    N N N 91  
CYS CA   C N R 92  
CYS C    C N N 93  
CYS O    O N N 94  
CYS CB   C N N 95  
CYS SG   S N N 96  
CYS OXT  O N N 97  
CYS H    H N N 98  
CYS H2   H N N 99  
CYS HA   H N N 100 
CYS HB2  H N N 101 
CYS HB3  H N N 102 
CYS HG   H N N 103 
CYS HXT  H N N 104 
GLN N    N N N 105 
GLN CA   C N S 106 
GLN C    C N N 107 
GLN O    O N N 108 
GLN CB   C N N 109 
GLN CG   C N N 110 
GLN CD   C N N 111 
GLN OE1  O N N 112 
GLN NE2  N N N 113 
GLN OXT  O N N 114 
GLN H    H N N 115 
GLN H2   H N N 116 
GLN HA   H N N 117 
GLN HB2  H N N 118 
GLN HB3  H N N 119 
GLN HG2  H N N 120 
GLN HG3  H N N 121 
GLN HE21 H N N 122 
GLN HE22 H N N 123 
GLN HXT  H N N 124 
GLU N    N N N 125 
GLU CA   C N S 126 
GLU C    C N N 127 
GLU O    O N N 128 
GLU CB   C N N 129 
GLU CG   C N N 130 
GLU CD   C N N 131 
GLU OE1  O N N 132 
GLU OE2  O N N 133 
GLU OXT  O N N 134 
GLU H    H N N 135 
GLU H2   H N N 136 
GLU HA   H N N 137 
GLU HB2  H N N 138 
GLU HB3  H N N 139 
GLU HG2  H N N 140 
GLU HG3  H N N 141 
GLU HE2  H N N 142 
GLU HXT  H N N 143 
GLY N    N N N 144 
GLY CA   C N N 145 
GLY C    C N N 146 
GLY O    O N N 147 
GLY OXT  O N N 148 
GLY H    H N N 149 
GLY H2   H N N 150 
GLY HA2  H N N 151 
GLY HA3  H N N 152 
GLY HXT  H N N 153 
HIS N    N N N 154 
HIS CA   C N S 155 
HIS C    C N N 156 
HIS O    O N N 157 
HIS CB   C N N 158 
HIS CG   C Y N 159 
HIS ND1  N Y N 160 
HIS CD2  C Y N 161 
HIS CE1  C Y N 162 
HIS NE2  N Y N 163 
HIS OXT  O N N 164 
HIS H    H N N 165 
HIS H2   H N N 166 
HIS HA   H N N 167 
HIS HB2  H N N 168 
HIS HB3  H N N 169 
HIS HD1  H N N 170 
HIS HD2  H N N 171 
HIS HE1  H N N 172 
HIS HE2  H N N 173 
HIS HXT  H N N 174 
HOH O    O N N 175 
HOH H1   H N N 176 
HOH H2   H N N 177 
ILE N    N N N 178 
ILE CA   C N S 179 
ILE C    C N N 180 
ILE O    O N N 181 
ILE CB   C N S 182 
ILE CG1  C N N 183 
ILE CG2  C N N 184 
ILE CD1  C N N 185 
ILE OXT  O N N 186 
ILE H    H N N 187 
ILE H2   H N N 188 
ILE HA   H N N 189 
ILE HB   H N N 190 
ILE HG12 H N N 191 
ILE HG13 H N N 192 
ILE HG21 H N N 193 
ILE HG22 H N N 194 
ILE HG23 H N N 195 
ILE HD11 H N N 196 
ILE HD12 H N N 197 
ILE HD13 H N N 198 
ILE HXT  H N N 199 
LEU N    N N N 200 
LEU CA   C N S 201 
LEU C    C N N 202 
LEU O    O N N 203 
LEU CB   C N N 204 
LEU CG   C N N 205 
LEU CD1  C N N 206 
LEU CD2  C N N 207 
LEU OXT  O N N 208 
LEU H    H N N 209 
LEU H2   H N N 210 
LEU HA   H N N 211 
LEU HB2  H N N 212 
LEU HB3  H N N 213 
LEU HG   H N N 214 
LEU HD11 H N N 215 
LEU HD12 H N N 216 
LEU HD13 H N N 217 
LEU HD21 H N N 218 
LEU HD22 H N N 219 
LEU HD23 H N N 220 
LEU HXT  H N N 221 
LYS N    N N N 222 
LYS CA   C N S 223 
LYS C    C N N 224 
LYS O    O N N 225 
LYS CB   C N N 226 
LYS CG   C N N 227 
LYS CD   C N N 228 
LYS CE   C N N 229 
LYS NZ   N N N 230 
LYS OXT  O N N 231 
LYS H    H N N 232 
LYS H2   H N N 233 
LYS HA   H N N 234 
LYS HB2  H N N 235 
LYS HB3  H N N 236 
LYS HG2  H N N 237 
LYS HG3  H N N 238 
LYS HD2  H N N 239 
LYS HD3  H N N 240 
LYS HE2  H N N 241 
LYS HE3  H N N 242 
LYS HZ1  H N N 243 
LYS HZ2  H N N 244 
LYS HZ3  H N N 245 
LYS HXT  H N N 246 
MET N    N N N 247 
MET CA   C N S 248 
MET C    C N N 249 
MET O    O N N 250 
MET CB   C N N 251 
MET CG   C N N 252 
MET SD   S N N 253 
MET CE   C N N 254 
MET OXT  O N N 255 
MET H    H N N 256 
MET H2   H N N 257 
MET HA   H N N 258 
MET HB2  H N N 259 
MET HB3  H N N 260 
MET HG2  H N N 261 
MET HG3  H N N 262 
MET HE1  H N N 263 
MET HE2  H N N 264 
MET HE3  H N N 265 
MET HXT  H N N 266 
PHE N    N N N 267 
PHE CA   C N S 268 
PHE C    C N N 269 
PHE O    O N N 270 
PHE CB   C N N 271 
PHE CG   C Y N 272 
PHE CD1  C Y N 273 
PHE CD2  C Y N 274 
PHE CE1  C Y N 275 
PHE CE2  C Y N 276 
PHE CZ   C Y N 277 
PHE OXT  O N N 278 
PHE H    H N N 279 
PHE H2   H N N 280 
PHE HA   H N N 281 
PHE HB2  H N N 282 
PHE HB3  H N N 283 
PHE HD1  H N N 284 
PHE HD2  H N N 285 
PHE HE1  H N N 286 
PHE HE2  H N N 287 
PHE HZ   H N N 288 
PHE HXT  H N N 289 
PRO N    N N N 290 
PRO CA   C N S 291 
PRO C    C N N 292 
PRO O    O N N 293 
PRO CB   C N N 294 
PRO CG   C N N 295 
PRO CD   C N N 296 
PRO OXT  O N N 297 
PRO H    H N N 298 
PRO HA   H N N 299 
PRO HB2  H N N 300 
PRO HB3  H N N 301 
PRO HG2  H N N 302 
PRO HG3  H N N 303 
PRO HD2  H N N 304 
PRO HD3  H N N 305 
PRO HXT  H N N 306 
SER N    N N N 307 
SER CA   C N S 308 
SER C    C N N 309 
SER O    O N N 310 
SER CB   C N N 311 
SER OG   O N N 312 
SER OXT  O N N 313 
SER H    H N N 314 
SER H2   H N N 315 
SER HA   H N N 316 
SER HB2  H N N 317 
SER HB3  H N N 318 
SER HG   H N N 319 
SER HXT  H N N 320 
SO4 S    S N N 321 
SO4 O1   O N N 322 
SO4 O2   O N N 323 
SO4 O3   O N N 324 
SO4 O4   O N N 325 
THR N    N N N 326 
THR CA   C N S 327 
THR C    C N N 328 
THR O    O N N 329 
THR CB   C N R 330 
THR OG1  O N N 331 
THR CG2  C N N 332 
THR OXT  O N N 333 
THR H    H N N 334 
THR H2   H N N 335 
THR HA   H N N 336 
THR HB   H N N 337 
THR HG1  H N N 338 
THR HG21 H N N 339 
THR HG22 H N N 340 
THR HG23 H N N 341 
THR HXT  H N N 342 
TYR N    N N N 343 
TYR CA   C N S 344 
TYR C    C N N 345 
TYR O    O N N 346 
TYR CB   C N N 347 
TYR CG   C Y N 348 
TYR CD1  C Y N 349 
TYR CD2  C Y N 350 
TYR CE1  C Y N 351 
TYR CE2  C Y N 352 
TYR CZ   C Y N 353 
TYR OH   O N N 354 
TYR OXT  O N N 355 
TYR H    H N N 356 
TYR H2   H N N 357 
TYR HA   H N N 358 
TYR HB2  H N N 359 
TYR HB3  H N N 360 
TYR HD1  H N N 361 
TYR HD2  H N N 362 
TYR HE1  H N N 363 
TYR HE2  H N N 364 
TYR HH   H N N 365 
TYR HXT  H N N 366 
VAL N    N N N 367 
VAL CA   C N S 368 
VAL C    C N N 369 
VAL O    O N N 370 
VAL CB   C N N 371 
VAL CG1  C N N 372 
VAL CG2  C N N 373 
VAL OXT  O N N 374 
VAL H    H N N 375 
VAL H2   H N N 376 
VAL HA   H N N 377 
VAL HB   H N N 378 
VAL HG11 H N N 379 
VAL HG12 H N N 380 
VAL HG13 H N N 381 
VAL HG21 H N N 382 
VAL HG22 H N N 383 
VAL HG23 H N N 384 
VAL HXT  H N N 385 
# 
loop_
_chem_comp_bond.comp_id 
_chem_comp_bond.atom_id_1 
_chem_comp_bond.atom_id_2 
_chem_comp_bond.value_order 
_chem_comp_bond.pdbx_aromatic_flag 
_chem_comp_bond.pdbx_stereo_config 
_chem_comp_bond.pdbx_ordinal 
ALA N   CA   sing N N 1   
ALA N   H    sing N N 2   
ALA N   H2   sing N N 3   
ALA CA  C    sing N N 4   
ALA CA  CB   sing N N 5   
ALA CA  HA   sing N N 6   
ALA C   O    doub N N 7   
ALA C   OXT  sing N N 8   
ALA CB  HB1  sing N N 9   
ALA CB  HB2  sing N N 10  
ALA CB  HB3  sing N N 11  
ALA OXT HXT  sing N N 12  
ARG N   CA   sing N N 13  
ARG N   H    sing N N 14  
ARG N   H2   sing N N 15  
ARG CA  C    sing N N 16  
ARG CA  CB   sing N N 17  
ARG CA  HA   sing N N 18  
ARG C   O    doub N N 19  
ARG C   OXT  sing N N 20  
ARG CB  CG   sing N N 21  
ARG CB  HB2  sing N N 22  
ARG CB  HB3  sing N N 23  
ARG CG  CD   sing N N 24  
ARG CG  HG2  sing N N 25  
ARG CG  HG3  sing N N 26  
ARG CD  NE   sing N N 27  
ARG CD  HD2  sing N N 28  
ARG CD  HD3  sing N N 29  
ARG NE  CZ   sing N N 30  
ARG NE  HE   sing N N 31  
ARG CZ  NH1  sing N N 32  
ARG CZ  NH2  doub N N 33  
ARG NH1 HH11 sing N N 34  
ARG NH1 HH12 sing N N 35  
ARG NH2 HH21 sing N N 36  
ARG NH2 HH22 sing N N 37  
ARG OXT HXT  sing N N 38  
ASN N   CA   sing N N 39  
ASN N   H    sing N N 40  
ASN N   H2   sing N N 41  
ASN CA  C    sing N N 42  
ASN CA  CB   sing N N 43  
ASN CA  HA   sing N N 44  
ASN C   O    doub N N 45  
ASN C   OXT  sing N N 46  
ASN CB  CG   sing N N 47  
ASN CB  HB2  sing N N 48  
ASN CB  HB3  sing N N 49  
ASN CG  OD1  doub N N 50  
ASN CG  ND2  sing N N 51  
ASN ND2 HD21 sing N N 52  
ASN ND2 HD22 sing N N 53  
ASN OXT HXT  sing N N 54  
ASP N   CA   sing N N 55  
ASP N   H    sing N N 56  
ASP N   H2   sing N N 57  
ASP CA  C    sing N N 58  
ASP CA  CB   sing N N 59  
ASP CA  HA   sing N N 60  
ASP C   O    doub N N 61  
ASP C   OXT  sing N N 62  
ASP CB  CG   sing N N 63  
ASP CB  HB2  sing N N 64  
ASP CB  HB3  sing N N 65  
ASP CG  OD1  doub N N 66  
ASP CG  OD2  sing N N 67  
ASP OD2 HD2  sing N N 68  
ASP OXT HXT  sing N N 69  
CYH C1  O1   doub N N 70  
CYH C1  C2   sing N N 71  
CYH C1  C6   sing N N 72  
CYH C2  C3   sing N N 73  
CYH C2  H21  sing N N 74  
CYH C2  H22  sing N N 75  
CYH C3  C4   sing N N 76  
CYH C3  H31  sing N N 77  
CYH C3  H32  sing N N 78  
CYH C4  C5   sing N N 79  
CYH C4  H41  sing N N 80  
CYH C4  H42  sing N N 81  
CYH C5  C6   sing N N 82  
CYH C5  H51  sing N N 83  
CYH C5  H52  sing N N 84  
CYH C6  H61  sing N N 85  
CYH C6  H62  sing N N 86  
CYS N   CA   sing N N 87  
CYS N   H    sing N N 88  
CYS N   H2   sing N N 89  
CYS CA  C    sing N N 90  
CYS CA  CB   sing N N 91  
CYS CA  HA   sing N N 92  
CYS C   O    doub N N 93  
CYS C   OXT  sing N N 94  
CYS CB  SG   sing N N 95  
CYS CB  HB2  sing N N 96  
CYS CB  HB3  sing N N 97  
CYS SG  HG   sing N N 98  
CYS OXT HXT  sing N N 99  
GLN N   CA   sing N N 100 
GLN N   H    sing N N 101 
GLN N   H2   sing N N 102 
GLN CA  C    sing N N 103 
GLN CA  CB   sing N N 104 
GLN CA  HA   sing N N 105 
GLN C   O    doub N N 106 
GLN C   OXT  sing N N 107 
GLN CB  CG   sing N N 108 
GLN CB  HB2  sing N N 109 
GLN CB  HB3  sing N N 110 
GLN CG  CD   sing N N 111 
GLN CG  HG2  sing N N 112 
GLN CG  HG3  sing N N 113 
GLN CD  OE1  doub N N 114 
GLN CD  NE2  sing N N 115 
GLN NE2 HE21 sing N N 116 
GLN NE2 HE22 sing N N 117 
GLN OXT HXT  sing N N 118 
GLU N   CA   sing N N 119 
GLU N   H    sing N N 120 
GLU N   H2   sing N N 121 
GLU CA  C    sing N N 122 
GLU CA  CB   sing N N 123 
GLU CA  HA   sing N N 124 
GLU C   O    doub N N 125 
GLU C   OXT  sing N N 126 
GLU CB  CG   sing N N 127 
GLU CB  HB2  sing N N 128 
GLU CB  HB3  sing N N 129 
GLU CG  CD   sing N N 130 
GLU CG  HG2  sing N N 131 
GLU CG  HG3  sing N N 132 
GLU CD  OE1  doub N N 133 
GLU CD  OE2  sing N N 134 
GLU OE2 HE2  sing N N 135 
GLU OXT HXT  sing N N 136 
GLY N   CA   sing N N 137 
GLY N   H    sing N N 138 
GLY N   H2   sing N N 139 
GLY CA  C    sing N N 140 
GLY CA  HA2  sing N N 141 
GLY CA  HA3  sing N N 142 
GLY C   O    doub N N 143 
GLY C   OXT  sing N N 144 
GLY OXT HXT  sing N N 145 
HIS N   CA   sing N N 146 
HIS N   H    sing N N 147 
HIS N   H2   sing N N 148 
HIS CA  C    sing N N 149 
HIS CA  CB   sing N N 150 
HIS CA  HA   sing N N 151 
HIS C   O    doub N N 152 
HIS C   OXT  sing N N 153 
HIS CB  CG   sing N N 154 
HIS CB  HB2  sing N N 155 
HIS CB  HB3  sing N N 156 
HIS CG  ND1  sing Y N 157 
HIS CG  CD2  doub Y N 158 
HIS ND1 CE1  doub Y N 159 
HIS ND1 HD1  sing N N 160 
HIS CD2 NE2  sing Y N 161 
HIS CD2 HD2  sing N N 162 
HIS CE1 NE2  sing Y N 163 
HIS CE1 HE1  sing N N 164 
HIS NE2 HE2  sing N N 165 
HIS OXT HXT  sing N N 166 
HOH O   H1   sing N N 167 
HOH O   H2   sing N N 168 
ILE N   CA   sing N N 169 
ILE N   H    sing N N 170 
ILE N   H2   sing N N 171 
ILE CA  C    sing N N 172 
ILE CA  CB   sing N N 173 
ILE CA  HA   sing N N 174 
ILE C   O    doub N N 175 
ILE C   OXT  sing N N 176 
ILE CB  CG1  sing N N 177 
ILE CB  CG2  sing N N 178 
ILE CB  HB   sing N N 179 
ILE CG1 CD1  sing N N 180 
ILE CG1 HG12 sing N N 181 
ILE CG1 HG13 sing N N 182 
ILE CG2 HG21 sing N N 183 
ILE CG2 HG22 sing N N 184 
ILE CG2 HG23 sing N N 185 
ILE CD1 HD11 sing N N 186 
ILE CD1 HD12 sing N N 187 
ILE CD1 HD13 sing N N 188 
ILE OXT HXT  sing N N 189 
LEU N   CA   sing N N 190 
LEU N   H    sing N N 191 
LEU N   H2   sing N N 192 
LEU CA  C    sing N N 193 
LEU CA  CB   sing N N 194 
LEU CA  HA   sing N N 195 
LEU C   O    doub N N 196 
LEU C   OXT  sing N N 197 
LEU CB  CG   sing N N 198 
LEU CB  HB2  sing N N 199 
LEU CB  HB3  sing N N 200 
LEU CG  CD1  sing N N 201 
LEU CG  CD2  sing N N 202 
LEU CG  HG   sing N N 203 
LEU CD1 HD11 sing N N 204 
LEU CD1 HD12 sing N N 205 
LEU CD1 HD13 sing N N 206 
LEU CD2 HD21 sing N N 207 
LEU CD2 HD22 sing N N 208 
LEU CD2 HD23 sing N N 209 
LEU OXT HXT  sing N N 210 
LYS N   CA   sing N N 211 
LYS N   H    sing N N 212 
LYS N   H2   sing N N 213 
LYS CA  C    sing N N 214 
LYS CA  CB   sing N N 215 
LYS CA  HA   sing N N 216 
LYS C   O    doub N N 217 
LYS C   OXT  sing N N 218 
LYS CB  CG   sing N N 219 
LYS CB  HB2  sing N N 220 
LYS CB  HB3  sing N N 221 
LYS CG  CD   sing N N 222 
LYS CG  HG2  sing N N 223 
LYS CG  HG3  sing N N 224 
LYS CD  CE   sing N N 225 
LYS CD  HD2  sing N N 226 
LYS CD  HD3  sing N N 227 
LYS CE  NZ   sing N N 228 
LYS CE  HE2  sing N N 229 
LYS CE  HE3  sing N N 230 
LYS NZ  HZ1  sing N N 231 
LYS NZ  HZ2  sing N N 232 
LYS NZ  HZ3  sing N N 233 
LYS OXT HXT  sing N N 234 
MET N   CA   sing N N 235 
MET N   H    sing N N 236 
MET N   H2   sing N N 237 
MET CA  C    sing N N 238 
MET CA  CB   sing N N 239 
MET CA  HA   sing N N 240 
MET C   O    doub N N 241 
MET C   OXT  sing N N 242 
MET CB  CG   sing N N 243 
MET CB  HB2  sing N N 244 
MET CB  HB3  sing N N 245 
MET CG  SD   sing N N 246 
MET CG  HG2  sing N N 247 
MET CG  HG3  sing N N 248 
MET SD  CE   sing N N 249 
MET CE  HE1  sing N N 250 
MET CE  HE2  sing N N 251 
MET CE  HE3  sing N N 252 
MET OXT HXT  sing N N 253 
PHE N   CA   sing N N 254 
PHE N   H    sing N N 255 
PHE N   H2   sing N N 256 
PHE CA  C    sing N N 257 
PHE CA  CB   sing N N 258 
PHE CA  HA   sing N N 259 
PHE C   O    doub N N 260 
PHE C   OXT  sing N N 261 
PHE CB  CG   sing N N 262 
PHE CB  HB2  sing N N 263 
PHE CB  HB3  sing N N 264 
PHE CG  CD1  doub Y N 265 
PHE CG  CD2  sing Y N 266 
PHE CD1 CE1  sing Y N 267 
PHE CD1 HD1  sing N N 268 
PHE CD2 CE2  doub Y N 269 
PHE CD2 HD2  sing N N 270 
PHE CE1 CZ   doub Y N 271 
PHE CE1 HE1  sing N N 272 
PHE CE2 CZ   sing Y N 273 
PHE CE2 HE2  sing N N 274 
PHE CZ  HZ   sing N N 275 
PHE OXT HXT  sing N N 276 
PRO N   CA   sing N N 277 
PRO N   CD   sing N N 278 
PRO N   H    sing N N 279 
PRO CA  C    sing N N 280 
PRO CA  CB   sing N N 281 
PRO CA  HA   sing N N 282 
PRO C   O    doub N N 283 
PRO C   OXT  sing N N 284 
PRO CB  CG   sing N N 285 
PRO CB  HB2  sing N N 286 
PRO CB  HB3  sing N N 287 
PRO CG  CD   sing N N 288 
PRO CG  HG2  sing N N 289 
PRO CG  HG3  sing N N 290 
PRO CD  HD2  sing N N 291 
PRO CD  HD3  sing N N 292 
PRO OXT HXT  sing N N 293 
SER N   CA   sing N N 294 
SER N   H    sing N N 295 
SER N   H2   sing N N 296 
SER CA  C    sing N N 297 
SER CA  CB   sing N N 298 
SER CA  HA   sing N N 299 
SER C   O    doub N N 300 
SER C   OXT  sing N N 301 
SER CB  OG   sing N N 302 
SER CB  HB2  sing N N 303 
SER CB  HB3  sing N N 304 
SER OG  HG   sing N N 305 
SER OXT HXT  sing N N 306 
SO4 S   O1   doub N N 307 
SO4 S   O2   doub N N 308 
SO4 S   O3   sing N N 309 
SO4 S   O4   sing N N 310 
THR N   CA   sing N N 311 
THR N   H    sing N N 312 
THR N   H2   sing N N 313 
THR CA  C    sing N N 314 
THR CA  CB   sing N N 315 
THR CA  HA   sing N N 316 
THR C   O    doub N N 317 
THR C   OXT  sing N N 318 
THR CB  OG1  sing N N 319 
THR CB  CG2  sing N N 320 
THR CB  HB   sing N N 321 
THR OG1 HG1  sing N N 322 
THR CG2 HG21 sing N N 323 
THR CG2 HG22 sing N N 324 
THR CG2 HG23 sing N N 325 
THR OXT HXT  sing N N 326 
TYR N   CA   sing N N 327 
TYR N   H    sing N N 328 
TYR N   H2   sing N N 329 
TYR CA  C    sing N N 330 
TYR CA  CB   sing N N 331 
TYR CA  HA   sing N N 332 
TYR C   O    doub N N 333 
TYR C   OXT  sing N N 334 
TYR CB  CG   sing N N 335 
TYR CB  HB2  sing N N 336 
TYR CB  HB3  sing N N 337 
TYR CG  CD1  doub Y N 338 
TYR CG  CD2  sing Y N 339 
TYR CD1 CE1  sing Y N 340 
TYR CD1 HD1  sing N N 341 
TYR CD2 CE2  doub Y N 342 
TYR CD2 HD2  sing N N 343 
TYR CE1 CZ   doub Y N 344 
TYR CE1 HE1  sing N N 345 
TYR CE2 CZ   sing Y N 346 
TYR CE2 HE2  sing N N 347 
TYR CZ  OH   sing N N 348 
TYR OH  HH   sing N N 349 
TYR OXT HXT  sing N N 350 
VAL N   CA   sing N N 351 
VAL N   H    sing N N 352 
VAL N   H2   sing N N 353 
VAL CA  C    sing N N 354 
VAL CA  CB   sing N N 355 
VAL CA  HA   sing N N 356 
VAL C   O    doub N N 357 
VAL C   OXT  sing N N 358 
VAL CB  CG1  sing N N 359 
VAL CB  CG2  sing N N 360 
VAL CB  HB   sing N N 361 
VAL CG1 HG11 sing N N 362 
VAL CG1 HG12 sing N N 363 
VAL CG1 HG13 sing N N 364 
VAL CG2 HG21 sing N N 365 
VAL CG2 HG22 sing N N 366 
VAL CG2 HG23 sing N N 367 
VAL OXT HXT  sing N N 368 
# 
_pdbx_initial_refinement_model.id               1 
_pdbx_initial_refinement_model.entity_id_list   ? 
_pdbx_initial_refinement_model.type             'experimental model' 
_pdbx_initial_refinement_model.source_name      PDB 
_pdbx_initial_refinement_model.accession_code   1RPH 
_pdbx_initial_refinement_model.details          'PDB ENTRY 1RPH' 
# 
_atom_sites.entry_id                    4J63 
_atom_sites.fract_transf_matrix[1][1]   0.00132523 
_atom_sites.fract_transf_matrix[1][2]   -0.01273690 
_atom_sites.fract_transf_matrix[1][3]   -0.01286811 
_atom_sites.fract_transf_matrix[2][1]   0.00019215 
_atom_sites.fract_transf_matrix[2][2]   -0.01756140 
_atom_sites.fract_transf_matrix[2][3]   0.00459652 
_atom_sites.fract_transf_matrix[3][1]   -0.01552944 
_atom_sites.fract_transf_matrix[3][2]   -0.00046742 
_atom_sites.fract_transf_matrix[3][3]   -0.00113665 
_atom_sites.fract_transf_vector[1]      -0.487768 
_atom_sites.fract_transf_vector[2]      -0.326914 
_atom_sites.fract_transf_vector[3]      0.406648 
# 
loop_
_atom_type.symbol 
C 
N 
O 
S 
# 
loop_
_atom_site.group_PDB 
_atom_site.id 
_atom_site.type_symbol 
_atom_site.label_atom_id 
_atom_site.label_alt_id 
_atom_site.label_comp_id 
_atom_site.label_asym_id 
_atom_site.label_entity_id 
_atom_site.label_seq_id 
_atom_site.pdbx_PDB_ins_code 
_atom_site.Cartn_x 
_atom_site.Cartn_y 
_atom_site.Cartn_z 
_atom_site.occupancy 
_atom_site.B_iso_or_equiv 
_atom_site.pdbx_formal_charge 
_atom_site.auth_seq_id 
_atom_site.auth_comp_id 
_atom_site.auth_asym_id 
_atom_site.auth_atom_id 
_atom_site.pdbx_PDB_model_num 
ATOM   1    N N   . LYS A 1 1   ? 6.359   -18.191 7.220   1.00 44.41 ? 1   LYS A N   1 
ATOM   2    C CA  . LYS A 1 1   ? 5.434   -17.447 6.371   1.00 37.02 ? 1   LYS A CA  1 
ATOM   3    C C   . LYS A 1 1   ? 4.855   -16.234 7.106   1.00 35.20 ? 1   LYS A C   1 
ATOM   4    O O   . LYS A 1 1   ? 5.106   -16.035 8.292   1.00 39.41 ? 1   LYS A O   1 
ATOM   5    C CB  . LYS A 1 1   ? 4.302   -18.359 5.882   1.00 41.65 ? 1   LYS A CB  1 
ATOM   6    C CG  . LYS A 1 1   ? 3.837   -18.063 4.455   1.00 45.57 ? 1   LYS A CG  1 
ATOM   7    C CD  . LYS A 1 1   ? 2.544   -18.808 4.119   1.00 48.00 ? 1   LYS A CD  1 
ATOM   8    C CE  . LYS A 1 1   ? 1.895   -18.253 2.856   1.00 52.36 ? 1   LYS A CE  1 
ATOM   9    N NZ  . LYS A 1 1   ? 0.470   -18.689 2.704   1.00 57.56 ? 1   LYS A NZ  1 
ATOM   10   N N   . GLU A 1 2   ? 4.091   -15.421 6.385   1.00 29.66 ? 2   GLU A N   1 
ATOM   11   C CA  . GLU A 1 2   ? 3.468   -14.224 6.930   1.00 27.90 ? 2   GLU A CA  1 
ATOM   12   C C   . GLU A 1 2   ? 1.954   -14.422 6.948   1.00 20.80 ? 2   GLU A C   1 
ATOM   13   O O   . GLU A 1 2   ? 1.407   -15.086 6.072   1.00 25.58 ? 2   GLU A O   1 
ATOM   14   C CB  . GLU A 1 2   ? 3.786   -13.029 6.015   1.00 25.80 ? 2   GLU A CB  1 
ATOM   15   C CG  . GLU A 1 2   ? 4.739   -12.009 6.585   1.00 27.36 ? 2   GLU A CG  1 
ATOM   16   C CD  . GLU A 1 2   ? 5.067   -10.886 5.611   1.00 26.81 ? 2   GLU A CD  1 
ATOM   17   O OE1 . GLU A 1 2   ? 4.943   -11.073 4.376   1.00 27.33 ? 2   GLU A OE1 1 
ATOM   18   O OE2 . GLU A 1 2   ? 5.453   -9.796  6.085   1.00 31.86 ? 2   GLU A OE2 1 
ATOM   19   N N   . THR A 1 3   ? 1.260   -13.845 7.924   1.00 21.96 ? 3   THR A N   1 
ATOM   20   C CA  . THR A 1 3   ? -0.198  -13.780 7.813   1.00 21.89 ? 3   THR A CA  1 
ATOM   21   C C   . THR A 1 3   ? -0.534  -12.748 6.734   1.00 22.59 ? 3   THR A C   1 
ATOM   22   O O   . THR A 1 3   ? 0.295   -11.878 6.441   1.00 18.60 ? 3   THR A O   1 
ATOM   23   C CB  . THR A 1 3   ? -0.882  -13.398 9.142   1.00 21.48 ? 3   THR A CB  1 
ATOM   24   O OG1 . THR A 1 3   ? -0.489  -12.078 9.520   1.00 21.26 ? 3   THR A OG1 1 
ATOM   25   C CG2 . THR A 1 3   ? -0.505  -14.380 10.255  1.00 21.67 ? 3   THR A CG2 1 
ATOM   26   N N   . ALA A 1 4   ? -1.723  -12.847 6.137   1.00 21.64 ? 4   ALA A N   1 
ATOM   27   C CA  . ALA A 1 4   ? -2.148  -11.876 5.124   1.00 21.77 ? 4   ALA A CA  1 
ATOM   28   C C   . ALA A 1 4   ? -2.151  -10.471 5.717   1.00 20.45 ? 4   ALA A C   1 
ATOM   29   O O   . ALA A 1 4   ? -1.756  -9.512  5.059   1.00 19.61 ? 4   ALA A O   1 
ATOM   30   C CB  . ALA A 1 4   ? -3.527  -12.224 4.604   1.00 21.86 ? 4   ALA A CB  1 
ATOM   31   N N   . ALA A 1 5   ? -2.598  -10.355 6.964   1.00 18.63 ? 5   ALA A N   1 
ATOM   32   C CA  . ALA A 1 5   ? -2.665  -9.057  7.629   1.00 19.62 ? 5   ALA A CA  1 
ATOM   33   C C   . ALA A 1 5   ? -1.277  -8.448  7.853   1.00 18.18 ? 5   ALA A C   1 
ATOM   34   O O   . ALA A 1 5   ? -1.089  -7.247  7.665   1.00 17.13 ? 5   ALA A O   1 
ATOM   35   C CB  . ALA A 1 5   ? -3.433  -9.177  8.959   1.00 19.67 ? 5   ALA A CB  1 
ATOM   36   N N   . ALA A 1 6   ? -0.300  -9.261  8.251   1.00 17.27 ? 6   ALA A N   1 
ATOM   37   C CA  . ALA A 1 6   ? 1.051   -8.740  8.505   1.00 17.22 ? 6   ALA A CA  1 
ATOM   38   C C   . ALA A 1 6   ? 1.721   -8.351  7.207   1.00 19.89 ? 6   ALA A C   1 
ATOM   39   O O   . ALA A 1 6   ? 2.479   -7.368  7.144   1.00 17.49 ? 6   ALA A O   1 
ATOM   40   C CB  . ALA A 1 6   ? 1.912   -9.764  9.261   1.00 18.99 ? 6   ALA A CB  1 
ATOM   41   N N   . LYS A 1 7   ? 1.453   -9.114  6.158   1.00 17.40 ? 7   LYS A N   1 
ATOM   42   C CA  . LYS A 1 7   ? 1.996   -8.765  4.854   1.00 18.94 ? 7   LYS A CA  1 
ATOM   43   C C   . LYS A 1 7   ? 1.442   -7.426  4.355   1.00 16.37 ? 7   LYS A C   1 
ATOM   44   O O   . LYS A 1 7   ? 2.161   -6.641  3.735   1.00 16.74 ? 7   LYS A O   1 
ATOM   45   C CB  . LYS A 1 7   ? 1.672   -9.857  3.835   1.00 20.82 ? 7   LYS A CB  1 
ATOM   46   C CG  . LYS A 1 7   ? 2.278   -9.574  2.472   1.00 22.42 ? 7   LYS A CG  1 
ATOM   47   C CD  . LYS A 1 7   ? 1.979   -10.683 1.473   1.00 29.28 ? 7   LYS A CD  1 
ATOM   48   C CE  . LYS A 1 7   ? 2.810   -10.479 0.209   1.00 40.22 ? 7   LYS A CE  1 
ATOM   49   N NZ  . LYS A 1 7   ? 2.435   -11.448 -0.865  1.00 47.47 ? 7   LYS A NZ  1 
ATOM   50   N N   . PHE A 1 8   ? 0.157   -7.170  4.604   1.00 18.55 ? 8   PHE A N   1 
ATOM   51   C CA  . PHE A 1 8   ? -0.414  -5.880  4.231   1.00 17.34 ? 8   PHE A CA  1 
ATOM   52   C C   . PHE A 1 8   ? 0.324   -4.766  4.976   1.00 15.64 ? 8   PHE A C   1 
ATOM   53   O O   . PHE A 1 8   ? 0.683   -3.725  4.398   1.00 18.34 ? 8   PHE A O   1 
ATOM   54   C CB  . PHE A 1 8   ? -1.930  -5.832  4.521   1.00 14.51 ? 8   PHE A CB  1 
ATOM   55   C CG  . PHE A 1 8   ? -2.546  -4.496  4.237   1.00 16.92 ? 8   PHE A CG  1 
ATOM   56   C CD1 . PHE A 1 8   ? -2.482  -3.469  5.170   1.00 18.05 ? 8   PHE A CD1 1 
ATOM   57   C CD2 . PHE A 1 8   ? -3.172  -4.254  3.028   1.00 17.71 ? 8   PHE A CD2 1 
ATOM   58   C CE1 . PHE A 1 8   ? -3.035  -2.220  4.899   1.00 15.95 ? 8   PHE A CE1 1 
ATOM   59   C CE2 . PHE A 1 8   ? -3.729  -3.016  2.755   1.00 18.35 ? 8   PHE A CE2 1 
ATOM   60   C CZ  . PHE A 1 8   ? -3.657  -2.001  3.681   1.00 16.17 ? 8   PHE A CZ  1 
ATOM   61   N N   . GLU A 1 9   ? 0.534   -4.967  6.270   1.00 13.70 ? 9   GLU A N   1 
ATOM   62   C CA  . GLU A 1 9   ? 1.220   -3.971  7.074   1.00 16.69 ? 9   GLU A CA  1 
ATOM   63   C C   . GLU A 1 9   ? 2.632   -3.722  6.547   1.00 16.83 ? 9   GLU A C   1 
ATOM   64   O O   . GLU A 1 9   ? 3.029   -2.566  6.332   1.00 17.44 ? 9   GLU A O   1 
ATOM   65   C CB  . GLU A 1 9   ? 1.240   -4.426  8.545   1.00 17.43 ? 9   GLU A CB  1 
ATOM   66   C CG  . GLU A 1 9   ? -0.160  -4.450  9.179   1.00 16.01 ? 9   GLU A CG  1 
ATOM   67   C CD  . GLU A 1 9   ? -0.202  -5.189  10.519  1.00 21.21 ? 9   GLU A CD  1 
ATOM   68   O OE1 . GLU A 1 9   ? 0.747   -5.952  10.812  1.00 19.87 ? 9   GLU A OE1 1 
ATOM   69   O OE2 . GLU A 1 9   ? -1.184  -5.008  11.285  1.00 22.63 ? 9   GLU A OE2 1 
ATOM   70   N N   . ARG A 1 10  ? 3.384   -4.796  6.321   1.00 15.40 ? 10  ARG A N   1 
ATOM   71   C CA  . ARG A 1 10  ? 4.737   -4.673  5.776   1.00 17.68 ? 10  ARG A CA  1 
ATOM   72   C C   . ARG A 1 10  ? 4.773   -3.919  4.438   1.00 17.52 ? 10  ARG A C   1 
ATOM   73   O O   . ARG A 1 10  ? 5.583   -2.997  4.250   1.00 16.74 ? 10  ARG A O   1 
ATOM   74   C CB  . ARG A 1 10  ? 5.380   -6.057  5.601   1.00 18.00 ? 10  ARG A CB  1 
ATOM   75   C CG  . ARG A 1 10  ? 6.829   -5.988  5.096   1.00 18.77 ? 10  ARG A CG  1 
ATOM   76   C CD  . ARG A 1 10  ? 7.495   -7.371  5.004   1.00 20.95 ? 10  ARG A CD  1 
ATOM   77   N NE  . ARG A 1 10  ? 6.698   -8.338  4.250   1.00 21.81 ? 10  ARG A NE  1 
ATOM   78   C CZ  . ARG A 1 10  ? 6.835   -8.573  2.949   1.00 22.43 ? 10  ARG A CZ  1 
ATOM   79   N NH1 . ARG A 1 10  ? 7.735   -7.899  2.247   1.00 23.69 ? 10  ARG A NH1 1 
ATOM   80   N NH2 . ARG A 1 10  ? 6.064   -9.472  2.352   1.00 21.83 ? 10  ARG A NH2 1 
ATOM   81   N N   . GLN A 1 11  ? 3.891   -4.296  3.515   1.00 16.93 ? 11  GLN A N   1 
ATOM   82   C CA  . GLN A 1 11  ? 3.916   -3.706  2.171   1.00 17.18 ? 11  GLN A CA  1 
ATOM   83   C C   . GLN A 1 11  ? 3.320   -2.308  2.104   1.00 16.71 ? 11  GLN A C   1 
ATOM   84   O O   . GLN A 1 11  ? 3.755   -1.500  1.294   1.00 20.27 ? 11  GLN A O   1 
ATOM   85   C CB  . GLN A 1 11  ? 3.171   -4.600  1.168   1.00 18.91 ? 11  GLN A CB  1 
ATOM   86   C CG  . GLN A 1 11  ? 3.696   -6.016  1.049   1.00 20.38 ? 11  GLN A CG  1 
ATOM   87   C CD  . GLN A 1 11  ? 3.031   -6.755  -0.098  1.00 22.46 ? 11  GLN A CD  1 
ATOM   88   O OE1 . GLN A 1 11  ? 3.674   -7.070  -1.104  1.00 24.52 ? 11  GLN A OE1 1 
ATOM   89   N NE2 . GLN A 1 11  ? 1.734   -7.016  0.039   1.00 23.32 ? 11  GLN A NE2 1 
ATOM   90   N N   . HIS A 1 12  ? 2.341   -2.006  2.953   1.00 15.67 ? 12  HIS A N   1 
ATOM   91   C CA  . HIS A 1 12  ? 1.514   -0.828  2.706   1.00 17.98 ? 12  HIS A CA  1 
ATOM   92   C C   . HIS A 1 12  ? 1.458   0.244   3.798   1.00 18.30 ? 12  HIS A C   1 
ATOM   93   O O   . HIS A 1 12  ? 0.953   1.337   3.543   1.00 19.12 ? 12  HIS A O   1 
ATOM   94   C CB  . HIS A 1 12  ? 0.091   -1.277  2.316   1.00 17.41 ? 12  HIS A CB  1 
ATOM   95   C CG  . HIS A 1 12  ? 0.055   -2.155  1.102   1.00 19.16 ? 12  HIS A CG  1 
ATOM   96   N ND1 . HIS A 1 12  ? 0.443   -1.710  -0.148  1.00 16.59 ? 12  HIS A ND1 1 
ATOM   97   C CD2 . HIS A 1 12  ? -0.324  -3.443  0.939   1.00 16.96 ? 12  HIS A CD2 1 
ATOM   98   C CE1 . HIS A 1 12  ? 0.298   -2.689  -1.024  1.00 18.72 ? 12  HIS A CE1 1 
ATOM   99   N NE2 . HIS A 1 12  ? -0.167  -3.750  -0.393  1.00 19.37 ? 12  HIS A NE2 1 
ATOM   100  N N   . MET A 1 13  ? 1.961   -0.036  5.001   1.00 15.14 ? 13  MET A N   1 
ATOM   101  C CA  . MET A 1 13  ? 1.816   0.936   6.093   1.00 16.23 ? 13  MET A CA  1 
ATOM   102  C C   . MET A 1 13  ? 3.086   1.744   6.351   1.00 21.03 ? 13  MET A C   1 
ATOM   103  O O   . MET A 1 13  ? 4.168   1.175   6.531   1.00 18.59 ? 13  MET A O   1 
ATOM   104  C CB  . MET A 1 13  ? 1.370   0.259   7.403   1.00 15.53 ? 13  MET A CB  1 
ATOM   105  C CG  . MET A 1 13  ? -0.060  -0.317  7.399   1.00 16.41 ? 13  MET A CG  1 
ATOM   106  S SD  . MET A 1 13  ? -1.331  0.952   7.146   1.00 15.76 ? 13  MET A SD  1 
ATOM   107  C CE  . MET A 1 13  ? -0.776  2.247   8.249   1.00 15.69 ? 13  MET A CE  1 
ATOM   108  N N   . ASP A 1 14  ? 2.958   3.069   6.347   1.00 17.98 ? 14  ASP A N   1 
ATOM   109  C CA  . ASP A 1 14  ? 4.042   3.913   6.846   1.00 21.00 ? 14  ASP A CA  1 
ATOM   110  C C   . ASP A 1 14  ? 3.498   5.078   7.631   1.00 19.85 ? 14  ASP A C   1 
ATOM   111  O O   . ASP A 1 14  ? 3.362   6.177   7.105   1.00 23.25 ? 14  ASP A O   1 
ATOM   112  C CB  . ASP A 1 14  ? 4.932   4.433   5.729   1.00 21.79 ? 14  ASP A CB  1 
ATOM   113  C CG  . ASP A 1 14  ? 6.098   5.254   6.261   1.00 25.54 ? 14  ASP A CG  1 
ATOM   114  O OD1 . ASP A 1 14  ? 6.373   5.181   7.487   1.00 23.17 ? 14  ASP A OD1 1 
ATOM   115  O OD2 . ASP A 1 14  ? 6.746   5.980   5.471   1.00 28.65 ? 14  ASP A OD2 1 
ATOM   116  N N   . SER A 1 15  ? 3.194   4.835   8.899   1.00 19.53 ? 15  SER A N   1 
ATOM   117  C CA  . SER A 1 15  ? 2.633   5.867   9.768   1.00 21.28 ? 15  SER A CA  1 
ATOM   118  C C   . SER A 1 15  ? 3.724   6.751   10.348  1.00 26.36 ? 15  SER A C   1 
ATOM   119  O O   . SER A 1 15  ? 3.445   7.655   11.133  1.00 23.94 ? 15  SER A O   1 
ATOM   120  C CB  . SER A 1 15  ? 1.871   5.201   10.907  1.00 19.71 ? 15  SER A CB  1 
ATOM   121  O OG  . SER A 1 15  ? 1.006   4.192   10.380  1.00 18.75 ? 15  SER A OG  1 
ATOM   122  N N   . SER A 1 16  ? 4.971   6.500   9.972   1.00 20.47 ? 16  SER A N   1 
ATOM   123  C CA  . SER A 1 16  ? 6.083   7.247   10.576  1.00 25.91 ? 16  SER A CA  1 
ATOM   124  C C   . SER A 1 16  ? 6.294   8.622   9.937   1.00 27.50 ? 16  SER A C   1 
ATOM   125  O O   . SER A 1 16  ? 7.004   9.464   10.491  1.00 27.20 ? 16  SER A O   1 
ATOM   126  C CB  . SER A 1 16  ? 7.383   6.444   10.507  1.00 23.03 ? 16  SER A CB  1 
ATOM   127  O OG  . SER A 1 16  ? 7.968   6.519   9.206   1.00 25.40 ? 16  SER A OG  1 
ATOM   128  N N   . THR A 1 17  ? 5.696   8.839   8.766   1.00 26.67 ? 17  THR A N   1 
ATOM   129  C CA  . THR A 1 17  ? 5.845   10.109  8.042   1.00 29.04 ? 17  THR A CA  1 
ATOM   130  C C   . THR A 1 17  ? 4.497   10.579  7.514   1.00 26.34 ? 17  THR A C   1 
ATOM   131  O O   . THR A 1 17  ? 3.637   9.757   7.198   1.00 26.23 ? 17  THR A O   1 
ATOM   132  C CB  . THR A 1 17  ? 6.811   9.976   6.841   1.00 28.21 ? 17  THR A CB  1 
ATOM   133  O OG1 . THR A 1 17  ? 6.439   8.835   6.048   1.00 29.95 ? 17  THR A OG1 1 
ATOM   134  C CG2 . THR A 1 17  ? 8.228   9.793   7.317   1.00 34.77 ? 17  THR A CG2 1 
ATOM   135  N N   . SER A 1 18  ? 4.313   11.890  7.401   1.00 26.78 ? 18  SER A N   1 
ATOM   136  C CA  . SER A 1 18  ? 3.044   12.434  6.908   1.00 29.45 ? 18  SER A CA  1 
ATOM   137  C C   . SER A 1 18  ? 2.933   12.308  5.384   1.00 26.84 ? 18  SER A C   1 
ATOM   138  O O   . SER A 1 18  ? 1.831   12.395  4.810   1.00 25.44 ? 18  SER A O   1 
ATOM   139  C CB  . SER A 1 18  ? 2.914   13.900  7.318   1.00 28.25 ? 18  SER A CB  1 
ATOM   140  O OG  . SER A 1 18  ? 3.950   14.663  6.726   1.00 35.21 ? 18  SER A OG  1 
ATOM   141  N N   . ALA A 1 19  ? 4.078   12.095  4.735   1.00 27.57 ? 19  ALA A N   1 
ATOM   142  C CA  . ALA A 1 19  ? 4.166   12.010  3.269   1.00 25.21 ? 19  ALA A CA  1 
ATOM   143  C C   . ALA A 1 19  ? 5.577   11.587  2.897   1.00 26.35 ? 19  ALA A C   1 
ATOM   144  O O   . ALA A 1 19  ? 6.464   11.613  3.748   1.00 30.00 ? 19  ALA A O   1 
ATOM   145  C CB  . ALA A 1 19  ? 3.840   13.364  2.630   1.00 25.13 ? 19  ALA A CB  1 
ATOM   146  N N   . ALA A 1 20  ? 5.792   11.201  1.636   1.00 25.68 ? 20  ALA A N   1 
ATOM   147  C CA  . ALA A 1 20  ? 7.127   10.842  1.166   1.00 26.11 ? 20  ALA A CA  1 
ATOM   148  C C   . ALA A 1 20  ? 8.054   12.011  1.457   1.00 30.65 ? 20  ALA A C   1 
ATOM   149  O O   . ALA A 1 20  ? 7.680   13.163  1.238   1.00 30.96 ? 20  ALA A O   1 
ATOM   150  C CB  . ALA A 1 20  ? 7.105   10.541  -0.324  1.00 22.43 ? 20  ALA A CB  1 
ATOM   151  N N   . SER A 1 21  ? 9.248   11.718  1.966   1.00 35.01 ? 21  SER A N   1 
ATOM   152  C CA  . SER A 1 21  ? 10.194  12.757  2.381   1.00 38.26 ? 21  SER A CA  1 
ATOM   153  C C   . SER A 1 21  ? 11.096  13.271  1.244   1.00 40.02 ? 21  SER A C   1 
ATOM   154  O O   . SER A 1 21  ? 11.593  14.397  1.298   1.00 47.01 ? 21  SER A O   1 
ATOM   155  C CB  . SER A 1 21  ? 11.044  12.259  3.558   1.00 40.40 ? 21  SER A CB  1 
ATOM   156  O OG  . SER A 1 21  ? 11.278  10.854  3.483   1.00 42.74 ? 21  SER A OG  1 
ATOM   157  N N   . SER A 1 22  ? 11.295  12.454  0.216   1.00 33.93 ? 22  SER A N   1 
ATOM   158  C CA  . SER A 1 22  ? 12.164  12.826  -0.890  1.00 31.81 ? 22  SER A CA  1 
ATOM   159  C C   . SER A 1 22  ? 11.841  12.009  -2.126  1.00 30.10 ? 22  SER A C   1 
ATOM   160  O O   . SER A 1 22  ? 11.042  11.072  -2.067  1.00 25.78 ? 22  SER A O   1 
ATOM   161  C CB  . SER A 1 22  ? 13.619  12.573  -0.510  1.00 31.70 ? 22  SER A CB  1 
ATOM   162  O OG  . SER A 1 22  ? 13.925  11.186  -0.607  1.00 32.13 ? 22  SER A OG  1 
ATOM   163  N N   . SER A 1 23  ? 12.495  12.338  -3.236  1.00 27.93 ? 23  SER A N   1 
ATOM   164  C CA  . SER A 1 23  ? 12.338  11.595  -4.481  1.00 26.66 ? 23  SER A CA  1 
ATOM   165  C C   . SER A 1 23  ? 12.903  10.187  -4.343  1.00 23.36 ? 23  SER A C   1 
ATOM   166  O O   . SER A 1 23  ? 12.615  9.308   -5.158  1.00 24.35 ? 23  SER A O   1 
ATOM   167  C CB  . SER A 1 23  ? 13.044  12.325  -5.626  1.00 35.15 ? 23  SER A CB  1 
ATOM   168  O OG  . SER A 1 23  ? 14.440  12.430  -5.387  1.00 34.88 ? 23  SER A OG  1 
ATOM   169  N N   . ASN A 1 24  ? 13.702  9.974   -3.303  1.00 25.06 ? 24  ASN A N   1 
ATOM   170  C CA  . ASN A 1 24  ? 14.306  8.671   -3.067  1.00 23.47 ? 24  ASN A CA  1 
ATOM   171  C C   . ASN A 1 24  ? 13.485  7.783   -2.119  1.00 24.13 ? 24  ASN A C   1 
ATOM   172  O O   . ASN A 1 24  ? 13.904  6.672   -1.787  1.00 22.18 ? 24  ASN A O   1 
ATOM   173  C CB  . ASN A 1 24  ? 15.705  8.868   -2.481  1.00 30.49 ? 24  ASN A CB  1 
ATOM   174  C CG  . ASN A 1 24  ? 16.620  7.712   -2.782  1.00 36.81 ? 24  ASN A CG  1 
ATOM   175  O OD1 . ASN A 1 24  ? 16.640  7.197   -3.910  1.00 35.80 ? 24  ASN A OD1 1 
ATOM   176  N ND2 . ASN A 1 24  ? 17.384  7.283   -1.779  1.00 43.97 ? 24  ASN A ND2 1 
ATOM   177  N N   . TYR A 1 25  ? 12.331  8.277   -1.674  1.00 22.95 ? 25  TYR A N   1 
ATOM   178  C CA  . TYR A 1 25  ? 11.519  7.552   -0.695  1.00 22.15 ? 25  TYR A CA  1 
ATOM   179  C C   . TYR A 1 25  ? 11.199  6.122   -1.138  1.00 20.72 ? 25  TYR A C   1 
ATOM   180  O O   . TYR A 1 25  ? 11.411  5.172   -0.378  1.00 22.45 ? 25  TYR A O   1 
ATOM   181  C CB  . TYR A 1 25  ? 10.238  8.332   -0.360  1.00 23.95 ? 25  TYR A CB  1 
ATOM   182  C CG  . TYR A 1 25  ? 9.235   7.586   0.520   1.00 20.50 ? 25  TYR A CG  1 
ATOM   183  C CD1 . TYR A 1 25  ? 9.290   7.676   1.905   1.00 25.21 ? 25  TYR A CD1 1 
ATOM   184  C CD2 . TYR A 1 25  ? 8.216   6.827   -0.044  1.00 21.76 ? 25  TYR A CD2 1 
ATOM   185  C CE1 . TYR A 1 25  ? 8.361   7.010   2.724   1.00 24.84 ? 25  TYR A CE1 1 
ATOM   186  C CE2 . TYR A 1 25  ? 7.283   6.153   0.761   1.00 21.08 ? 25  TYR A CE2 1 
ATOM   187  C CZ  . TYR A 1 25  ? 7.364   6.252   2.141   1.00 22.91 ? 25  TYR A CZ  1 
ATOM   188  O OH  . TYR A 1 25  ? 6.450   5.590   2.941   1.00 23.59 ? 25  TYR A OH  1 
ATOM   189  N N   . CYS A 1 26  ? 10.713  5.953   -2.365  1.00 19.76 ? 26  CYS A N   1 
ATOM   190  C CA  . CYS A 1 26  ? 10.344  4.615   -2.817  1.00 19.79 ? 26  CYS A CA  1 
ATOM   191  C C   . CYS A 1 26  ? 11.546  3.675   -2.944  1.00 21.62 ? 26  CYS A C   1 
ATOM   192  O O   . CYS A 1 26  ? 11.452  2.487   -2.626  1.00 18.48 ? 26  CYS A O   1 
ATOM   193  C CB  . CYS A 1 26  ? 9.561   4.682   -4.124  1.00 16.88 ? 26  CYS A CB  1 
ATOM   194  S SG  . CYS A 1 26  ? 7.912   5.339   -3.862  1.00 17.49 ? 26  CYS A SG  1 
ATOM   195  N N   . ASN A 1 27  ? 12.671  4.186   -3.419  1.00 20.76 ? 27  ASN A N   1 
ATOM   196  C CA  . ASN A 1 27  ? 13.873  3.350   -3.462  1.00 23.64 ? 27  ASN A CA  1 
ATOM   197  C C   . ASN A 1 27  ? 14.234  2.805   -2.082  1.00 20.37 ? 27  ASN A C   1 
ATOM   198  O O   . ASN A 1 27  ? 14.537  1.623   -1.941  1.00 24.83 ? 27  ASN A O   1 
ATOM   199  C CB  . ASN A 1 27  ? 15.044  4.134   -4.057  1.00 24.12 ? 27  ASN A CB  1 
ATOM   200  C CG  . ASN A 1 27  ? 14.871  4.370   -5.540  1.00 23.61 ? 27  ASN A CG  1 
ATOM   201  O OD1 . ASN A 1 27  ? 14.330  3.521   -6.255  1.00 22.11 ? 27  ASN A OD1 1 
ATOM   202  N ND2 . ASN A 1 27  ? 15.307  5.531   -6.010  1.00 27.01 ? 27  ASN A ND2 1 
ATOM   203  N N   . GLN A 1 28  ? 14.175  3.665   -1.067  1.00 19.17 ? 28  GLN A N   1 
ATOM   204  C CA  . GLN A 1 28  ? 14.532  3.266   0.291   1.00 22.85 ? 28  GLN A CA  1 
ATOM   205  C C   . GLN A 1 28  ? 13.510  2.295   0.874   1.00 24.61 ? 28  GLN A C   1 
ATOM   206  O O   . GLN A 1 28  ? 13.879  1.240   1.400   1.00 20.59 ? 28  GLN A O   1 
ATOM   207  C CB  . GLN A 1 28  ? 14.686  4.512   1.192   1.00 25.53 ? 28  GLN A CB  1 
ATOM   208  C CG  . GLN A 1 28  ? 15.894  5.387   0.820   1.00 34.94 ? 28  GLN A CG  1 
ATOM   209  C CD  . GLN A 1 28  ? 15.796  6.850   1.300   1.00 43.26 ? 28  GLN A CD  1 
ATOM   210  O OE1 . GLN A 1 28  ? 16.760  7.618   1.183   1.00 47.13 ? 28  GLN A OE1 1 
ATOM   211  N NE2 . GLN A 1 28  ? 14.630  7.240   1.819   1.00 38.17 ? 28  GLN A NE2 1 
ATOM   212  N N   . MET A 1 29  ? 12.224  2.636   0.748   1.00 23.18 ? 29  MET A N   1 
ATOM   213  C CA  . MET A 1 29  ? 11.151  1.852   1.369   1.00 19.40 ? 29  MET A CA  1 
ATOM   214  C C   . MET A 1 29  ? 10.920  0.535   0.687   1.00 20.00 ? 29  MET A C   1 
ATOM   215  O O   . MET A 1 29  ? 10.581  -0.444  1.347   1.00 20.45 ? 29  MET A O   1 
ATOM   216  C CB  . MET A 1 29  ? 9.828   2.636   1.369   1.00 24.53 ? 29  MET A CB  1 
ATOM   217  C CG  . MET A 1 29  ? 9.835   3.817   2.287   1.00 20.66 ? 29  MET A CG  1 
ATOM   218  S SD  . MET A 1 29  ? 9.848   3.332   4.020   1.00 27.03 ? 29  MET A SD  1 
ATOM   219  C CE  . MET A 1 29  ? 8.251   2.501   4.100   1.00 20.39 ? 29  MET A CE  1 
ATOM   220  N N   . MET A 1 30  ? 11.060  0.494   -0.637  1.00 20.87 ? 30  MET A N   1 
ATOM   221  C CA  . MET A 1 30  ? 10.846  -0.770  -1.344  1.00 20.57 ? 30  MET A CA  1 
ATOM   222  C C   . MET A 1 30  ? 11.915  -1.768  -0.929  1.00 24.38 ? 30  MET A C   1 
ATOM   223  O O   . MET A 1 30  ? 11.656  -2.967  -0.836  1.00 26.40 ? 30  MET A O   1 
ATOM   224  C CB  . MET A 1 30  ? 10.860  -0.586  -2.863  1.00 20.01 ? 30  MET A CB  1 
ATOM   225  C CG  . MET A 1 30  ? 9.655   0.179   -3.416  1.00 18.38 ? 30  MET A CG  1 
ATOM   226  S SD  . MET A 1 30  ? 8.056   -0.589  -3.028  1.00 20.24 ? 30  MET A SD  1 
ATOM   227  C CE  . MET A 1 30  ? 7.968   -1.889  -4.262  1.00 18.02 ? 30  MET A CE  1 
ATOM   228  N N   . LYS A 1 31  ? 13.120  -1.267  -0.673  1.00 25.35 ? 31  LYS A N   1 
ATOM   229  C CA  . LYS A 1 31  ? 14.209  -2.129  -0.230  1.00 24.62 ? 31  LYS A CA  1 
ATOM   230  C C   . LYS A 1 31  ? 14.045  -2.571  1.222   1.00 22.16 ? 31  LYS A C   1 
ATOM   231  O O   . LYS A 1 31  ? 14.066  -3.764  1.510   1.00 26.57 ? 31  LYS A O   1 
ATOM   232  C CB  . LYS A 1 31  ? 15.551  -1.427  -0.419  1.00 26.57 ? 31  LYS A CB  1 
ATOM   233  C CG  . LYS A 1 31  ? 16.743  -2.194  0.134   1.00 31.52 ? 31  LYS A CG  1 
ATOM   234  C CD  . LYS A 1 31  ? 18.023  -1.362  -0.022  1.00 38.93 ? 31  LYS A CD  1 
ATOM   235  C CE  . LYS A 1 31  ? 19.287  -2.195  0.168   1.00 49.45 ? 31  LYS A CE  1 
ATOM   236  N NZ  . LYS A 1 31  ? 20.518  -1.389  -0.132  1.00 50.73 ? 31  LYS A NZ  1 
ATOM   237  N N   . SER A 1 32  ? 13.846  -1.615  2.127   1.00 22.69 ? 32  SER A N   1 
ATOM   238  C CA  . SER A 1 32  ? 13.761  -1.936  3.549   1.00 24.11 ? 32  SER A CA  1 
ATOM   239  C C   . SER A 1 32  ? 12.517  -2.726  3.939   1.00 26.26 ? 32  SER A C   1 
ATOM   240  O O   . SER A 1 32  ? 12.495  -3.351  5.002   1.00 27.43 ? 32  SER A O   1 
ATOM   241  C CB  . SER A 1 32  ? 13.881  -0.682  4.404   1.00 27.92 ? 32  SER A CB  1 
ATOM   242  O OG  . SER A 1 32  ? 12.786  0.183   4.195   1.00 28.53 ? 32  SER A OG  1 
ATOM   243  N N   . ARG A 1 33  ? 11.486  -2.717  3.097   1.00 23.00 ? 33  ARG A N   1 
ATOM   244  C CA  . ARG A 1 33  ? 10.289  -3.515  3.397   1.00 22.60 ? 33  ARG A CA  1 
ATOM   245  C C   . ARG A 1 33  ? 10.377  -4.839  2.663   1.00 22.59 ? 33  ARG A C   1 
ATOM   246  O O   . ARG A 1 33  ? 9.388   -5.574  2.561   1.00 25.72 ? 33  ARG A O   1 
ATOM   247  C CB  . ARG A 1 33  ? 8.988   -2.764  3.025   1.00 21.78 ? 33  ARG A CB  1 
ATOM   248  C CG  . ARG A 1 33  ? 8.725   -1.511  3.871   1.00 16.42 ? 33  ARG A CG  1 
ATOM   249  C CD  . ARG A 1 33  ? 8.626   -1.832  5.361   1.00 16.75 ? 33  ARG A CD  1 
ATOM   250  N NE  . ARG A 1 33  ? 8.279   -0.640  6.133   1.00 16.05 ? 33  ARG A NE  1 
ATOM   251  C CZ  . ARG A 1 33  ? 7.029   -0.248  6.393   1.00 19.71 ? 33  ARG A CZ  1 
ATOM   252  N NH1 . ARG A 1 33  ? 5.993   -0.970  5.959   1.00 15.81 ? 33  ARG A NH1 1 
ATOM   253  N NH2 . ARG A 1 33  ? 6.821   0.865   7.091   1.00 15.66 ? 33  ARG A NH2 1 
ATOM   254  N N   . ASN A 1 34  ? 11.571  -5.127  2.142   1.00 23.57 ? 34  ASN A N   1 
ATOM   255  C CA  . ASN A 1 34  ? 11.852  -6.416  1.519   1.00 25.75 ? 34  ASN A CA  1 
ATOM   256  C C   . ASN A 1 34  ? 11.001  -6.683  0.290   1.00 30.02 ? 34  ASN A C   1 
ATOM   257  O O   . ASN A 1 34  ? 10.583  -7.816  0.058   1.00 32.80 ? 34  ASN A O   1 
ATOM   258  C CB  . ASN A 1 34  ? 11.707  -7.575  2.530   1.00 32.70 ? 34  ASN A CB  1 
ATOM   259  C CG  . ASN A 1 34  ? 12.733  -7.508  3.671   1.00 31.49 ? 34  ASN A CG  1 
ATOM   260  O OD1 . ASN A 1 34  ? 13.897  -7.171  3.462   1.00 36.95 ? 34  ASN A OD1 1 
ATOM   261  N ND2 . ASN A 1 34  ? 12.292  -7.832  4.882   1.00 36.78 ? 34  ASN A ND2 1 
ATOM   262  N N   . LEU A 1 35  ? 10.745  -5.643  -0.501  1.00 27.79 ? 35  LEU A N   1 
ATOM   263  C CA  . LEU A 1 35  ? 9.973   -5.812  -1.731  1.00 28.53 ? 35  LEU A CA  1 
ATOM   264  C C   . LEU A 1 35  ? 10.864  -5.840  -2.974  1.00 29.95 ? 35  LEU A C   1 
ATOM   265  O O   . LEU A 1 35  ? 10.374  -5.801  -4.102  1.00 30.22 ? 35  LEU A O   1 
ATOM   266  C CB  . LEU A 1 35  ? 8.911   -4.712  -1.855  1.00 26.97 ? 35  LEU A CB  1 
ATOM   267  C CG  . LEU A 1 35  ? 7.861   -4.700  -0.737  1.00 26.08 ? 35  LEU A CG  1 
ATOM   268  C CD1 . LEU A 1 35  ? 6.829   -3.612  -0.984  1.00 24.48 ? 35  LEU A CD1 1 
ATOM   269  C CD2 . LEU A 1 35  ? 7.184   -6.061  -0.618  1.00 22.89 ? 35  LEU A CD2 1 
ATOM   270  N N   . THR A 1 36  ? 12.176  -5.893  -2.775  1.00 29.32 ? 36  THR A N   1 
ATOM   271  C CA  . THR A 1 36  ? 13.083  -6.050  -3.908  1.00 32.00 ? 36  THR A CA  1 
ATOM   272  C C   . THR A 1 36  ? 13.971  -7.284  -3.767  1.00 38.94 ? 36  THR A C   1 
ATOM   273  O O   . THR A 1 36  ? 14.973  -7.408  -4.467  1.00 35.82 ? 36  THR A O   1 
ATOM   274  C CB  . THR A 1 36  ? 13.978  -4.823  -4.103  1.00 27.83 ? 36  THR A CB  1 
ATOM   275  O OG1 . THR A 1 36  ? 14.785  -4.631  -2.937  1.00 30.01 ? 36  THR A OG1 1 
ATOM   276  C CG2 . THR A 1 36  ? 13.136  -3.581  -4.332  1.00 30.76 ? 36  THR A CG2 1 
ATOM   277  N N   . LYS A 1 37  ? 13.589  -8.192  -2.871  1.00 39.33 ? 37  LYS A N   1 
ATOM   278  C CA  . LYS A 1 37  ? 14.414  -9.351  -2.523  1.00 43.35 ? 37  LYS A CA  1 
ATOM   279  C C   . LYS A 1 37  ? 14.543  -10.372 -3.647  1.00 43.03 ? 37  LYS A C   1 
ATOM   280  O O   . LYS A 1 37  ? 15.645  -10.658 -4.114  1.00 46.97 ? 37  LYS A O   1 
ATOM   281  C CB  . LYS A 1 37  ? 13.867  -10.027 -1.264  1.00 43.92 ? 37  LYS A CB  1 
ATOM   282  C CG  . LYS A 1 37  ? 14.789  -9.933  -0.058  1.00 46.78 ? 37  LYS A CG  1 
ATOM   283  C CD  . LYS A 1 37  ? 15.361  -8.521  0.101   1.00 48.90 ? 37  LYS A CD  1 
ATOM   284  C CE  . LYS A 1 37  ? 16.145  -8.369  1.408   1.00 51.24 ? 37  LYS A CE  1 
ATOM   285  N NZ  . LYS A 1 37  ? 16.850  -7.051  1.522   1.00 54.60 ? 37  LYS A NZ  1 
ATOM   286  N N   . ASP A 1 38  ? 13.418  -10.923 -4.081  1.00 45.49 ? 38  ASP A N   1 
ATOM   287  C CA  . ASP A 1 38  ? 13.435  -11.935 -5.132  1.00 49.00 ? 38  ASP A CA  1 
ATOM   288  C C   . ASP A 1 38  ? 13.257  -11.313 -6.509  1.00 49.12 ? 38  ASP A C   1 
ATOM   289  O O   . ASP A 1 38  ? 13.647  -11.896 -7.523  1.00 49.00 ? 38  ASP A O   1 
ATOM   290  C CB  . ASP A 1 38  ? 12.342  -12.967 -4.876  1.00 46.74 ? 38  ASP A CB  1 
ATOM   291  C CG  . ASP A 1 38  ? 11.188  -12.397 -4.086  1.00 55.44 ? 38  ASP A CG  1 
ATOM   292  O OD1 . ASP A 1 38  ? 10.788  -11.245 -4.372  1.00 56.96 ? 38  ASP A OD1 1 
ATOM   293  O OD2 . ASP A 1 38  ? 10.690  -13.094 -3.174  1.00 61.50 ? 38  ASP A OD2 1 
ATOM   294  N N   . ARG A 1 39  ? 12.667  -10.124 -6.530  1.00 43.78 ? 39  ARG A N   1 
ATOM   295  C CA  . ARG A 1 39  ? 12.429  -9.398  -7.765  1.00 43.13 ? 39  ARG A CA  1 
ATOM   296  C C   . ARG A 1 39  ? 12.106  -7.965  -7.399  1.00 40.85 ? 39  ARG A C   1 
ATOM   297  O O   . ARG A 1 39  ? 11.934  -7.648  -6.220  1.00 38.75 ? 39  ARG A O   1 
ATOM   298  C CB  . ARG A 1 39  ? 11.251  -10.008 -8.520  1.00 39.73 ? 39  ARG A CB  1 
ATOM   299  C CG  . ARG A 1 39  ? 9.877   -9.626  -7.959  1.00 45.86 ? 39  ARG A CG  1 
ATOM   300  C CD  . ARG A 1 39  ? 8.766   -10.403 -8.661  1.00 46.82 ? 39  ARG A CD  1 
ATOM   301  N NE  . ARG A 1 39  ? 7.444   -9.798  -8.498  1.00 53.55 ? 39  ARG A NE  1 
ATOM   302  C CZ  . ARG A 1 39  ? 6.851   -9.587  -7.324  1.00 52.63 ? 39  ARG A CZ  1 
ATOM   303  N NH1 . ARG A 1 39  ? 7.471   -9.909  -6.191  1.00 54.65 ? 39  ARG A NH1 1 
ATOM   304  N NH2 . ARG A 1 39  ? 5.641   -9.038  -7.280  1.00 48.70 ? 39  ARG A NH2 1 
ATOM   305  N N   . CYS A 1 40  ? 12.023  -7.095  -8.396  1.00 36.15 ? 40  CYS A N   1 
ATOM   306  C CA  . CYS A 1 40  ? 11.513  -5.755  -8.158  1.00 32.69 ? 40  CYS A CA  1 
ATOM   307  C C   . CYS A 1 40  ? 10.005  -5.869  -8.165  1.00 31.50 ? 40  CYS A C   1 
ATOM   308  O O   . CYS A 1 40  ? 9.426   -6.219  -9.200  1.00 33.76 ? 40  CYS A O   1 
ATOM   309  C CB  . CYS A 1 40  ? 11.953  -4.825  -9.276  1.00 30.10 ? 40  CYS A CB  1 
ATOM   310  S SG  . CYS A 1 40  ? 13.742  -4.754  -9.496  1.00 34.85 ? 40  CYS A SG  1 
ATOM   311  N N   . LYS A 1 41  ? 9.350   -5.631  -7.029  1.00 34.15 ? 41  LYS A N   1 
ATOM   312  C CA  . LYS A 1 41  ? 7.885   -5.562  -7.074  1.00 30.64 ? 41  LYS A CA  1 
ATOM   313  C C   . LYS A 1 41  ? 7.570   -4.334  -7.930  1.00 23.26 ? 41  LYS A C   1 
ATOM   314  O O   . LYS A 1 41  ? 8.115   -3.246  -7.678  1.00 24.22 ? 41  LYS A O   1 
ATOM   315  C CB  . LYS A 1 41  ? 7.245   -5.455  -5.685  1.00 26.67 ? 41  LYS A CB  1 
ATOM   316  C CG  . LYS A 1 41  ? 5.724   -5.639  -5.745  1.00 25.54 ? 41  LYS A CG  1 
ATOM   317  C CD  . LYS A 1 41  ? 5.040   -5.383  -4.403  1.00 26.69 ? 41  LYS A CD  1 
ATOM   318  C CE  . LYS A 1 41  ? 3.535   -5.600  -4.527  1.00 26.14 ? 41  LYS A CE  1 
ATOM   319  N NZ  . LYS A 1 41  ? 2.808   -5.223  -3.268  1.00 28.71 ? 41  LYS A NZ  1 
ATOM   320  N N   . PRO A 1 42  ? 6.753   -4.517  -8.986  1.00 25.37 ? 42  PRO A N   1 
ATOM   321  C CA  . PRO A 1 42  ? 6.594   -3.476  -10.013 1.00 25.94 ? 42  PRO A CA  1 
ATOM   322  C C   . PRO A 1 42  ? 5.880   -2.242  -9.484  1.00 22.69 ? 42  PRO A C   1 
ATOM   323  O O   . PRO A 1 42  ? 6.290   -1.128  -9.798  1.00 23.48 ? 42  PRO A O   1 
ATOM   324  C CB  . PRO A 1 42  ? 5.716   -4.157  -11.087 1.00 23.50 ? 42  PRO A CB  1 
ATOM   325  C CG  . PRO A 1 42  ? 5.847   -5.644  -10.819 1.00 32.16 ? 42  PRO A CG  1 
ATOM   326  C CD  . PRO A 1 42  ? 5.987   -5.735  -9.313  1.00 27.21 ? 42  PRO A CD  1 
ATOM   327  N N   . VAL A 1 43  ? 4.809   -2.449  -8.720  1.00 20.39 ? 43  VAL A N   1 
ATOM   328  C CA  . VAL A 1 43  ? 3.969   -1.355  -8.238  1.00 22.65 ? 43  VAL A CA  1 
ATOM   329  C C   . VAL A 1 43  ? 3.604   -1.599  -6.780  1.00 22.40 ? 43  VAL A C   1 
ATOM   330  O O   . VAL A 1 43  ? 3.277   -2.727  -6.414  1.00 22.56 ? 43  VAL A O   1 
ATOM   331  C CB  . VAL A 1 43  ? 2.668   -1.293  -9.037  1.00 23.42 ? 43  VAL A CB  1 
ATOM   332  C CG1 . VAL A 1 43  ? 1.751   -0.218  -8.478  1.00 26.48 ? 43  VAL A CG1 1 
ATOM   333  C CG2 . VAL A 1 43  ? 2.973   -1.019  -10.500 1.00 29.71 ? 43  VAL A CG2 1 
ATOM   334  N N   . ASN A 1 44  ? 3.662   -0.558  -5.950  1.00 16.92 ? 44  ASN A N   1 
ATOM   335  C CA  . ASN A 1 44  ? 3.289   -0.695  -4.537  1.00 17.66 ? 44  ASN A CA  1 
ATOM   336  C C   . ASN A 1 44  ? 2.986   0.651   -3.873  1.00 20.27 ? 44  ASN A C   1 
ATOM   337  O O   . ASN A 1 44  ? 3.730   1.627   -4.051  1.00 22.66 ? 44  ASN A O   1 
ATOM   338  C CB  . ASN A 1 44  ? 4.404   -1.416  -3.761  1.00 18.03 ? 44  ASN A CB  1 
ATOM   339  C CG  . ASN A 1 44  ? 3.996   -1.762  -2.333  1.00 19.99 ? 44  ASN A CG  1 
ATOM   340  O OD1 . ASN A 1 44  ? 3.138   -2.623  -2.109  1.00 23.43 ? 44  ASN A OD1 1 
ATOM   341  N ND2 . ASN A 1 44  ? 4.604   -1.087  -1.363  1.00 18.47 ? 44  ASN A ND2 1 
ATOM   342  N N   . THR A 1 45  ? 1.919   0.704   -3.082  1.00 18.72 ? 45  THR A N   1 
ATOM   343  C CA  . THR A 1 45  ? 1.491   1.953   -2.451  1.00 16.50 ? 45  THR A CA  1 
ATOM   344  C C   . THR A 1 45  ? 1.676   1.920   -0.939  1.00 17.38 ? 45  THR A C   1 
ATOM   345  O O   . THR A 1 45  ? 1.317   0.935   -0.288  1.00 16.13 ? 45  THR A O   1 
ATOM   346  C CB  . THR A 1 45  ? -0.011  2.167   -2.707  1.00 18.01 ? 45  THR A CB  1 
ATOM   347  O OG1 . THR A 1 45  ? -0.255  2.084   -4.115  1.00 19.43 ? 45  THR A OG1 1 
ATOM   348  C CG2 . THR A 1 45  ? -0.479  3.518   -2.175  1.00 16.94 ? 45  THR A CG2 1 
ATOM   349  N N   . PHE A 1 46  ? 2.190   3.008   -0.373  1.00 13.06 ? 46  PHE A N   1 
ATOM   350  C CA  . PHE A 1 46  ? 2.282   3.134   1.074   1.00 14.29 ? 46  PHE A CA  1 
ATOM   351  C C   . PHE A 1 46  ? 1.279   4.144   1.567   1.00 12.72 ? 46  PHE A C   1 
ATOM   352  O O   . PHE A 1 46  ? 1.055   5.161   0.912   1.00 15.73 ? 46  PHE A O   1 
ATOM   353  C CB  . PHE A 1 46  ? 3.684   3.600   1.476   1.00 17.67 ? 46  PHE A CB  1 
ATOM   354  C CG  . PHE A 1 46  ? 4.752   2.574   1.221   1.00 17.49 ? 46  PHE A CG  1 
ATOM   355  C CD1 . PHE A 1 46  ? 4.966   1.533   2.128   1.00 18.01 ? 46  PHE A CD1 1 
ATOM   356  C CD2 . PHE A 1 46  ? 5.541   2.650   0.083   1.00 19.52 ? 46  PHE A CD2 1 
ATOM   357  C CE1 . PHE A 1 46  ? 5.955   0.570   1.887   1.00 18.37 ? 46  PHE A CE1 1 
ATOM   358  C CE2 . PHE A 1 46  ? 6.532   1.712   -0.167  1.00 20.12 ? 46  PHE A CE2 1 
ATOM   359  C CZ  . PHE A 1 46  ? 6.740   0.659   0.743   1.00 22.62 ? 46  PHE A CZ  1 
ATOM   360  N N   . VAL A 1 47  ? 0.689   3.882   2.728   1.00 14.52 ? 47  VAL A N   1 
ATOM   361  C CA  . VAL A 1 47  ? -0.296  4.796   3.308   1.00 18.57 ? 47  VAL A CA  1 
ATOM   362  C C   . VAL A 1 47  ? 0.303   5.484   4.526   1.00 16.92 ? 47  VAL A C   1 
ATOM   363  O O   . VAL A 1 47  ? 0.816   4.821   5.421   1.00 18.16 ? 47  VAL A O   1 
ATOM   364  C CB  . VAL A 1 47  ? -1.590  4.042   3.716   1.00 15.61 ? 47  VAL A CB  1 
ATOM   365  C CG1 . VAL A 1 47  ? -2.661  5.025   4.254   1.00 11.78 ? 47  VAL A CG1 1 
ATOM   366  C CG2 . VAL A 1 47  ? -2.128  3.231   2.538   1.00 16.44 ? 47  VAL A CG2 1 
ATOM   367  N N   . HIS A 1 48  ? 0.242   6.810   4.562   1.00 17.27 ? 48  HIS A N   1 
ATOM   368  C CA  . HIS A 1 48  ? 0.809   7.569   5.673   1.00 18.24 ? 48  HIS A CA  1 
ATOM   369  C C   . HIS A 1 48  ? -0.294  8.017   6.623   1.00 22.65 ? 48  HIS A C   1 
ATOM   370  O O   . HIS A 1 48  ? -0.556  9.222   6.779   1.00 27.07 ? 48  HIS A O   1 
ATOM   371  C CB  . HIS A 1 48  ? 1.534   8.807   5.144   1.00 19.66 ? 48  HIS A CB  1 
ATOM   372  C CG  . HIS A 1 48  ? 2.514   8.516   4.055   1.00 22.96 ? 48  HIS A CG  1 
ATOM   373  N ND1 . HIS A 1 48  ? 3.807   8.096   4.303   1.00 25.38 ? 48  HIS A ND1 1 
ATOM   374  C CD2 . HIS A 1 48  ? 2.398   8.590   2.706   1.00 20.94 ? 48  HIS A CD2 1 
ATOM   375  C CE1 . HIS A 1 48  ? 4.439   7.924   3.154   1.00 25.51 ? 48  HIS A CE1 1 
ATOM   376  N NE2 . HIS A 1 48  ? 3.607   8.212   2.171   1.00 21.26 ? 48  HIS A NE2 1 
ATOM   377  N N   . GLU A 1 49  ? -0.977  7.055   7.221   1.00 17.61 ? 49  GLU A N   1 
ATOM   378  C CA  . GLU A 1 49  ? -2.013  7.346   8.202   1.00 19.55 ? 49  GLU A CA  1 
ATOM   379  C C   . GLU A 1 49  ? -1.785  6.317   9.286   1.00 18.50 ? 49  GLU A C   1 
ATOM   380  O O   . GLU A 1 49  ? -1.012  5.384   9.085   1.00 18.72 ? 49  GLU A O   1 
ATOM   381  C CB  . GLU A 1 49  ? -3.412  7.155   7.614   1.00 19.36 ? 49  GLU A CB  1 
ATOM   382  C CG  . GLU A 1 49  ? -3.741  7.998   6.379   1.00 20.69 ? 49  GLU A CG  1 
ATOM   383  C CD  . GLU A 1 49  ? -3.836  9.493   6.672   1.00 25.43 ? 49  GLU A CD  1 
ATOM   384  O OE1 . GLU A 1 49  ? -3.932  9.877   7.865   1.00 22.99 ? 49  GLU A OE1 1 
ATOM   385  O OE2 . GLU A 1 49  ? -3.809  10.295  5.696   1.00 21.63 ? 49  GLU A OE2 1 
ATOM   386  N N   . SER A 1 50  ? -2.435  6.472   10.432  1.00 17.48 ? 50  SER A N   1 
ATOM   387  C CA  . SER A 1 50  ? -2.262  5.497   11.497  1.00 14.92 ? 50  SER A CA  1 
ATOM   388  C C   . SER A 1 50  ? -2.800  4.150   11.064  1.00 17.86 ? 50  SER A C   1 
ATOM   389  O O   . SER A 1 50  ? -3.714  4.065   10.219  1.00 17.73 ? 50  SER A O   1 
ATOM   390  C CB  . SER A 1 50  ? -2.967  5.948   12.769  1.00 16.64 ? 50  SER A CB  1 
ATOM   391  O OG  . SER A 1 50  ? -4.368  5.871   12.604  1.00 19.17 ? 50  SER A OG  1 
ATOM   392  N N   . LEU A 1 51  ? -2.239  3.088   11.642  1.00 17.21 ? 51  LEU A N   1 
ATOM   393  C CA  . LEU A 1 51  ? -2.748  1.744   11.396  1.00 15.71 ? 51  LEU A CA  1 
ATOM   394  C C   . LEU A 1 51  ? -4.224  1.659   11.761  1.00 18.00 ? 51  LEU A C   1 
ATOM   395  O O   . LEU A 1 51  ? -5.014  1.024   11.054  1.00 18.28 ? 51  LEU A O   1 
ATOM   396  C CB  . LEU A 1 51  ? -1.929  0.719   12.198  1.00 17.47 ? 51  LEU A CB  1 
ATOM   397  C CG  . LEU A 1 51  ? -2.386  -0.734  12.075  1.00 21.94 ? 51  LEU A CG  1 
ATOM   398  C CD1 . LEU A 1 51  ? -2.298  -1.224  10.644  1.00 18.89 ? 51  LEU A CD1 1 
ATOM   399  C CD2 . LEU A 1 51  ? -1.573  -1.627  13.016  1.00 23.25 ? 51  LEU A CD2 1 
ATOM   400  N N   . ALA A 1 52  ? -4.612  2.303   12.857  1.00 16.23 ? 52  ALA A N   1 
ATOM   401  C CA  . ALA A 1 52  ? -6.017  2.299   13.253  1.00 18.14 ? 52  ALA A CA  1 
ATOM   402  C C   . ALA A 1 52  ? -6.931  2.902   12.163  1.00 17.89 ? 52  ALA A C   1 
ATOM   403  O O   . ALA A 1 52  ? -8.006  2.378   11.871  1.00 18.64 ? 52  ALA A O   1 
ATOM   404  C CB  . ALA A 1 52  ? -6.186  3.046   14.578  1.00 18.38 ? 52  ALA A CB  1 
ATOM   405  N N   . ASP A 1 53  ? -6.506  4.011   11.568  1.00 17.32 ? 53  ASP A N   1 
ATOM   406  C CA  . ASP A 1 53  ? -7.287  4.667   10.521  1.00 18.02 ? 53  ASP A CA  1 
ATOM   407  C C   . ASP A 1 53  ? -7.415  3.793   9.278   1.00 19.37 ? 53  ASP A C   1 
ATOM   408  O O   . ASP A 1 53  ? -8.453  3.787   8.615   1.00 17.83 ? 53  ASP A O   1 
ATOM   409  C CB  . ASP A 1 53  ? -6.620  5.993   10.147  1.00 19.23 ? 53  ASP A CB  1 
ATOM   410  C CG  . ASP A 1 53  ? -7.032  7.131   11.052  1.00 22.49 ? 53  ASP A CG  1 
ATOM   411  O OD1 . ASP A 1 53  ? -7.794  6.894   12.013  1.00 25.46 ? 53  ASP A OD1 1 
ATOM   412  O OD2 . ASP A 1 53  ? -6.594  8.272   10.803  1.00 28.08 ? 53  ASP A OD2 1 
ATOM   413  N N   . VAL A 1 54  ? -6.361  3.051   8.956   1.00 19.97 ? 54  VAL A N   1 
ATOM   414  C CA  . VAL A 1 54  ? -6.402  2.191   7.783   1.00 15.88 ? 54  VAL A CA  1 
ATOM   415  C C   . VAL A 1 54  ? -7.233  0.928   8.042   1.00 18.40 ? 54  VAL A C   1 
ATOM   416  O O   . VAL A 1 54  ? -8.022  0.512   7.192   1.00 15.97 ? 54  VAL A O   1 
ATOM   417  C CB  . VAL A 1 54  ? -4.975  1.853   7.311   1.00 17.15 ? 54  VAL A CB  1 
ATOM   418  C CG1 . VAL A 1 54  ? -4.995  0.818   6.198   1.00 16.77 ? 54  VAL A CG1 1 
ATOM   419  C CG2 . VAL A 1 54  ? -4.282  3.135   6.844   1.00 14.67 ? 54  VAL A CG2 1 
ATOM   420  N N   . GLN A 1 55  ? -7.068  0.316   9.211   1.00 16.31 ? 55  GLN A N   1 
ATOM   421  C CA  . GLN A 1 55  ? -7.919  -0.810  9.590   1.00 16.62 ? 55  GLN A CA  1 
ATOM   422  C C   . GLN A 1 55  ? -9.383  -0.383  9.595   1.00 16.90 ? 55  GLN A C   1 
ATOM   423  O O   . GLN A 1 55  ? -10.263 -1.155  9.212   1.00 19.74 ? 55  GLN A O   1 
ATOM   424  C CB  . GLN A 1 55  ? -7.518  -1.355  10.971  1.00 15.91 ? 55  GLN A CB  1 
ATOM   425  C CG  . GLN A 1 55  ? -6.220  -2.170  10.986  1.00 16.59 ? 55  GLN A CG  1 
ATOM   426  C CD  . GLN A 1 55  ? -5.753  -2.491  12.398  1.00 23.61 ? 55  GLN A CD  1 
ATOM   427  O OE1 . GLN A 1 55  ? -6.174  -1.842  13.356  1.00 26.14 ? 55  GLN A OE1 1 
ATOM   428  N NE2 . GLN A 1 55  ? -4.869  -3.476  12.532  1.00 20.88 ? 55  GLN A NE2 1 
ATOM   429  N N   . ALA A 1 56  ? -9.647  0.853   10.011  1.00 16.50 ? 56  ALA A N   1 
ATOM   430  C CA  . ALA A 1 56  ? -11.026 1.338   10.070  1.00 19.40 ? 56  ALA A CA  1 
ATOM   431  C C   . ALA A 1 56  ? -11.718 1.319   8.710   1.00 19.80 ? 56  ALA A C   1 
ATOM   432  O O   . ALA A 1 56  ? -12.955 1.367   8.634   1.00 19.35 ? 56  ALA A O   1 
ATOM   433  C CB  . ALA A 1 56  ? -11.088 2.739   10.678  1.00 16.79 ? 56  ALA A CB  1 
ATOM   434  N N   . VAL A 1 57  ? -10.942 1.224   7.633   1.00 17.01 ? 57  VAL A N   1 
ATOM   435  C CA  . VAL A 1 57  ? -11.528 1.296   6.291   1.00 17.22 ? 57  VAL A CA  1 
ATOM   436  C C   . VAL A 1 57  ? -12.401 0.070   6.038   1.00 19.61 ? 57  VAL A C   1 
ATOM   437  O O   . VAL A 1 57  ? -13.352 0.137   5.258   1.00 18.97 ? 57  VAL A O   1 
ATOM   438  C CB  . VAL A 1 57  ? -10.437 1.467   5.196   1.00 19.16 ? 57  VAL A CB  1 
ATOM   439  C CG1 . VAL A 1 57  ? -11.012 1.307   3.775   1.00 19.37 ? 57  VAL A CG1 1 
ATOM   440  C CG2 . VAL A 1 57  ? -9.754  2.819   5.332   1.00 13.43 ? 57  VAL A CG2 1 
ATOM   441  N N   . CYS A 1 58  ? -12.110 -1.035  6.735   1.00 19.14 ? 58  CYS A N   1 
ATOM   442  C CA  . CYS A 1 58  ? -12.910 -2.256  6.588   1.00 18.23 ? 58  CYS A CA  1 
ATOM   443  C C   . CYS A 1 58  ? -14.327 -2.122  7.120   1.00 19.96 ? 58  CYS A C   1 
ATOM   444  O O   . CYS A 1 58  ? -15.117 -3.049  6.976   1.00 19.73 ? 58  CYS A O   1 
ATOM   445  C CB  . CYS A 1 58  ? -12.258 -3.444  7.287   1.00 18.97 ? 58  CYS A CB  1 
ATOM   446  S SG  . CYS A 1 58  ? -10.604 -3.833  6.699   1.00 20.02 ? 58  CYS A SG  1 
ATOM   447  N N   . SER A 1 59  ? -14.642 -0.997  7.753   1.00 19.21 ? 59  SER A N   1 
ATOM   448  C CA  . SER A 1 59  ? -16.014 -0.755  8.215   1.00 23.15 ? 59  SER A CA  1 
ATOM   449  C C   . SER A 1 59  ? -16.595 0.449   7.493   1.00 25.05 ? 59  SER A C   1 
ATOM   450  O O   . SER A 1 59  ? -17.625 1.006   7.906   1.00 23.94 ? 59  SER A O   1 
ATOM   451  C CB  . SER A 1 59  ? -16.050 -0.536  9.731   1.00 22.22 ? 59  SER A CB  1 
ATOM   452  O OG  . SER A 1 59  ? -15.475 0.726   10.061  1.00 30.49 ? 59  SER A OG  1 
ATOM   453  N N   . GLN A 1 60  ? -15.937 0.845   6.403   1.00 23.36 ? 60  GLN A N   1 
ATOM   454  C CA  . GLN A 1 60  ? -16.394 1.978   5.599   1.00 21.20 ? 60  GLN A CA  1 
ATOM   455  C C   . GLN A 1 60  ? -17.149 1.517   4.332   1.00 22.85 ? 60  GLN A C   1 
ATOM   456  O O   . GLN A 1 60  ? -17.943 0.571   4.397   1.00 22.01 ? 60  GLN A O   1 
ATOM   457  C CB  . GLN A 1 60  ? -15.231 2.970   5.368   1.00 18.64 ? 60  GLN A CB  1 
ATOM   458  C CG  . GLN A 1 60  ? -14.656 3.424   6.740   1.00 18.55 ? 60  GLN A CG  1 
ATOM   459  C CD  . GLN A 1 60  ? -13.578 4.502   6.690   1.00 18.65 ? 60  GLN A CD  1 
ATOM   460  O OE1 . GLN A 1 60  ? -13.345 5.144   5.660   1.00 17.29 ? 60  GLN A OE1 1 
ATOM   461  N NE2 . GLN A 1 60  ? -12.921 4.719   7.832   1.00 18.51 ? 60  GLN A NE2 1 
ATOM   462  N N   . LYS A 1 61  ? -16.931 2.158   3.195   1.00 20.98 ? 61  LYS A N   1 
ATOM   463  C CA  . LYS A 1 61  ? -17.820 1.942   2.057   1.00 19.83 ? 61  LYS A CA  1 
ATOM   464  C C   . LYS A 1 61  ? -17.535 0.609   1.344   1.00 22.11 ? 61  LYS A C   1 
ATOM   465  O O   . LYS A 1 61  ? -16.509 0.465   0.684   1.00 21.68 ? 61  LYS A O   1 
ATOM   466  C CB  . LYS A 1 61  ? -17.683 3.123   1.077   1.00 19.25 ? 61  LYS A CB  1 
ATOM   467  C CG  . LYS A 1 61  ? -18.725 3.161   -0.057  1.00 23.63 ? 61  LYS A CG  1 
ATOM   468  C CD  . LYS A 1 61  ? -20.151 3.309   0.485   1.00 25.26 ? 61  LYS A CD  1 
ATOM   469  C CE  . LYS A 1 61  ? -21.147 3.634   -0.624  1.00 28.93 ? 61  LYS A CE  1 
ATOM   470  N NZ  . LYS A 1 61  ? -22.470 4.061   -0.061  1.00 27.68 ? 61  LYS A NZ  1 
ATOM   471  N N   . ASN A 1 62  ? -18.439 -0.358  1.462   1.00 19.62 ? 62  ASN A N   1 
ATOM   472  C CA  . ASN A 1 62  ? -18.271 -1.639  0.783   1.00 22.88 ? 62  ASN A CA  1 
ATOM   473  C C   . ASN A 1 62  ? -18.380 -1.437  -0.742  1.00 24.82 ? 62  ASN A C   1 
ATOM   474  O O   . ASN A 1 62  ? -19.380 -0.910  -1.234  1.00 26.23 ? 62  ASN A O   1 
ATOM   475  C CB  . ASN A 1 62  ? -19.323 -2.648  1.299   1.00 21.15 ? 62  ASN A CB  1 
ATOM   476  C CG  . ASN A 1 62  ? -19.126 -4.057  0.749   1.00 26.11 ? 62  ASN A CG  1 
ATOM   477  O OD1 . ASN A 1 62  ? -17.994 -4.544  0.577   1.00 27.88 ? 62  ASN A OD1 1 
ATOM   478  N ND2 . ASN A 1 62  ? -20.230 -4.725  0.479   1.00 22.64 ? 62  ASN A ND2 1 
ATOM   479  N N   . VAL A 1 63  ? -17.335 -1.808  -1.483  1.00 23.81 ? 63  VAL A N   1 
ATOM   480  C CA  . VAL A 1 63  ? -17.348 -1.716  -2.947  1.00 23.84 ? 63  VAL A CA  1 
ATOM   481  C C   . VAL A 1 63  ? -16.723 -2.973  -3.534  1.00 24.54 ? 63  VAL A C   1 
ATOM   482  O O   . VAL A 1 63  ? -16.086 -3.738  -2.815  1.00 23.64 ? 63  VAL A O   1 
ATOM   483  C CB  . VAL A 1 63  ? -16.556 -0.483  -3.471  1.00 24.55 ? 63  VAL A CB  1 
ATOM   484  C CG1 . VAL A 1 63  ? -17.190 0.824   -3.018  1.00 22.95 ? 63  VAL A CG1 1 
ATOM   485  C CG2 . VAL A 1 63  ? -15.079 -0.553  -3.038  1.00 22.08 ? 63  VAL A CG2 1 
ATOM   486  N N   . ALA A 1 64  ? -16.893 -3.189  -4.837  1.00 26.58 ? 64  ALA A N   1 
ATOM   487  C CA  . ALA A 1 64  ? -16.272 -4.350  -5.482  1.00 28.65 ? 64  ALA A CA  1 
ATOM   488  C C   . ALA A 1 64  ? -14.777 -4.156  -5.669  1.00 27.06 ? 64  ALA A C   1 
ATOM   489  O O   . ALA A 1 64  ? -14.319 -3.037  -5.917  1.00 26.22 ? 64  ALA A O   1 
ATOM   490  C CB  . ALA A 1 64  ? -16.933 -4.644  -6.830  1.00 30.37 ? 64  ALA A CB  1 
ATOM   491  N N   . CYS A 1 65  ? -14.018 -5.250  -5.562  1.00 28.50 ? 65  CYS A N   1 
ATOM   492  C CA  . CYS A 1 65  ? -12.597 -5.253  -5.912  1.00 31.34 ? 65  CYS A CA  1 
ATOM   493  C C   . CYS A 1 65  ? -12.457 -5.289  -7.428  1.00 32.90 ? 65  CYS A C   1 
ATOM   494  O O   . CYS A 1 65  ? -13.429 -5.590  -8.130  1.00 32.38 ? 65  CYS A O   1 
ATOM   495  C CB  . CYS A 1 65  ? -11.890 -6.476  -5.298  1.00 32.80 ? 65  CYS A CB  1 
ATOM   496  S SG  . CYS A 1 65  ? -12.186 -6.704  -3.514  1.00 37.86 ? 65  CYS A SG  1 
ATOM   497  N N   . LYS A 1 66  ? -11.262 -4.985  -7.935  1.00 30.18 ? 66  LYS A N   1 
ATOM   498  C CA  . LYS A 1 66  ? -11.024 -4.973  -9.381  1.00 36.80 ? 66  LYS A CA  1 
ATOM   499  C C   . LYS A 1 66  ? -11.334 -6.318  -10.032 1.00 37.34 ? 66  LYS A C   1 
ATOM   500  O O   . LYS A 1 66  ? -11.761 -6.374  -11.186 1.00 34.52 ? 66  LYS A O   1 
ATOM   501  C CB  . LYS A 1 66  ? -9.580  -4.556  -9.699  1.00 35.79 ? 66  LYS A CB  1 
ATOM   502  C CG  . LYS A 1 66  ? -9.354  -3.044  -9.648  1.00 42.84 ? 66  LYS A CG  1 
ATOM   503  C CD  . LYS A 1 66  ? -7.920  -2.656  -10.058 1.00 49.94 ? 66  LYS A CD  1 
ATOM   504  C CE  . LYS A 1 66  ? -7.739  -1.132  -10.069 1.00 48.97 ? 66  LYS A CE  1 
ATOM   505  N NZ  . LYS A 1 66  ? -6.348  -0.696  -10.470 1.00 50.42 ? 66  LYS A NZ  1 
ATOM   506  N N   . ASN A 1 67  ? -11.134 -7.395  -9.278  1.00 33.76 ? 67  ASN A N   1 
ATOM   507  C CA  . ASN A 1 67  ? -11.339 -8.742  -9.800  1.00 34.59 ? 67  ASN A CA  1 
ATOM   508  C C   . ASN A 1 67  ? -12.739 -9.296  -9.561  1.00 36.61 ? 67  ASN A C   1 
ATOM   509  O O   . ASN A 1 67  ? -12.998 -10.467 -9.826  1.00 42.33 ? 67  ASN A O   1 
ATOM   510  C CB  . ASN A 1 67  ? -10.307 -9.695  -9.202  1.00 38.79 ? 67  ASN A CB  1 
ATOM   511  C CG  . ASN A 1 67  ? -10.468 -9.866  -7.701  1.00 40.53 ? 67  ASN A CG  1 
ATOM   512  O OD1 . ASN A 1 67  ? -11.446 -9.396  -7.102  1.00 36.08 ? 67  ASN A OD1 1 
ATOM   513  N ND2 . ASN A 1 67  ? -9.506  -10.553 -7.081  1.00 41.97 ? 67  ASN A ND2 1 
ATOM   514  N N   . GLY A 1 68  ? -13.634 -8.473  -9.027  1.00 33.47 ? 68  GLY A N   1 
ATOM   515  C CA  . GLY A 1 68  ? -15.007 -8.900  -8.837  1.00 32.39 ? 68  GLY A CA  1 
ATOM   516  C C   . GLY A 1 68  ? -15.333 -9.380  -7.438  1.00 33.22 ? 68  GLY A C   1 
ATOM   517  O O   . GLY A 1 68  ? -16.500 -9.607  -7.133  1.00 33.16 ? 68  GLY A O   1 
ATOM   518  N N   . GLN A 1 69  ? -14.320 -9.535  -6.584  1.00 33.09 ? 69  GLN A N   1 
ATOM   519  C CA  . GLN A 1 69  ? -14.560 -9.902  -5.182  1.00 35.15 ? 69  GLN A CA  1 
ATOM   520  C C   . GLN A 1 69  ? -15.420 -8.841  -4.500  1.00 33.14 ? 69  GLN A C   1 
ATOM   521  O O   . GLN A 1 69  ? -15.377 -7.668  -4.878  1.00 33.71 ? 69  GLN A O   1 
ATOM   522  C CB  . GLN A 1 69  ? -13.237 -10.061 -4.427  1.00 36.75 ? 69  GLN A CB  1 
ATOM   523  C CG  . GLN A 1 69  ? -12.436 -11.302 -4.799  1.00 41.97 ? 69  GLN A CG  1 
ATOM   524  C CD  . GLN A 1 69  ? -11.087 -11.380 -4.077  1.00 47.85 ? 69  GLN A CD  1 
ATOM   525  O OE1 . GLN A 1 69  ? -10.181 -12.090 -4.516  1.00 51.12 ? 69  GLN A OE1 1 
ATOM   526  N NE2 . GLN A 1 69  ? -10.951 -10.648 -2.968  1.00 42.52 ? 69  GLN A NE2 1 
ATOM   527  N N   . THR A 1 70  ? -16.191 -9.238  -3.488  1.00 31.51 ? 70  THR A N   1 
ATOM   528  C CA  . THR A 1 70  ? -17.130 -8.317  -2.844  1.00 30.58 ? 70  THR A CA  1 
ATOM   529  C C   . THR A 1 70  ? -16.670 -7.790  -1.474  1.00 29.02 ? 70  THR A C   1 
ATOM   530  O O   . THR A 1 70  ? -17.414 -7.079  -0.791  1.00 28.24 ? 70  THR A O   1 
ATOM   531  C CB  . THR A 1 70  ? -18.529 -8.963  -2.696  1.00 38.58 ? 70  THR A CB  1 
ATOM   532  O OG1 . THR A 1 70  ? -18.427 -10.134 -1.886  1.00 39.49 ? 70  THR A OG1 1 
ATOM   533  C CG2 . THR A 1 70  ? -19.066 -9.367  -4.051  1.00 37.25 ? 70  THR A CG2 1 
ATOM   534  N N   . ASN A 1 71  ? -15.447 -8.125  -1.074  1.00 28.53 ? 71  ASN A N   1 
ATOM   535  C CA  . ASN A 1 71  ? -14.976 -7.745  0.260   1.00 28.47 ? 71  ASN A CA  1 
ATOM   536  C C   . ASN A 1 71  ? -13.988 -6.584  0.226   1.00 25.74 ? 71  ASN A C   1 
ATOM   537  O O   . ASN A 1 71  ? -13.002 -6.574  0.981   1.00 23.95 ? 71  ASN A O   1 
ATOM   538  C CB  . ASN A 1 71  ? -14.337 -8.945  0.975   1.00 27.48 ? 71  ASN A CB  1 
ATOM   539  C CG  . ASN A 1 71  ? -13.126 -9.480  0.231   1.00 32.40 ? 71  ASN A CG  1 
ATOM   540  O OD1 . ASN A 1 71  ? -13.135 -9.571  -1.004  1.00 29.49 ? 71  ASN A OD1 1 
ATOM   541  N ND2 . ASN A 1 71  ? -12.063 -9.809  0.973   1.00 28.29 ? 71  ASN A ND2 1 
ATOM   542  N N   . CYS A 1 72  ? -14.252 -5.609  -0.642  1.00 22.63 ? 72  CYS A N   1 
ATOM   543  C CA  . CYS A 1 72  ? -13.415 -4.417  -0.745  1.00 25.04 ? 72  CYS A CA  1 
ATOM   544  C C   . CYS A 1 72  ? -14.135 -3.224  -0.157  1.00 24.18 ? 72  CYS A C   1 
ATOM   545  O O   . CYS A 1 72  ? -15.371 -3.166  -0.164  1.00 20.31 ? 72  CYS A O   1 
ATOM   546  C CB  . CYS A 1 72  ? -13.030 -4.125  -2.196  1.00 24.51 ? 72  CYS A CB  1 
ATOM   547  S SG  . CYS A 1 72  ? -11.507 -4.975  -2.722  1.00 30.80 ? 72  CYS A SG  1 
ATOM   548  N N   . TYR A 1 73  ? -13.350 -2.292  0.376   1.00 20.62 ? 73  TYR A N   1 
ATOM   549  C CA  . TYR A 1 73  ? -13.883 -1.140  1.085   1.00 21.38 ? 73  TYR A CA  1 
ATOM   550  C C   . TYR A 1 73  ? -13.126 0.117   0.673   1.00 19.03 ? 73  TYR A C   1 
ATOM   551  O O   . TYR A 1 73  ? -11.903 0.100   0.552   1.00 19.63 ? 73  TYR A O   1 
ATOM   552  C CB  . TYR A 1 73  ? -13.799 -1.389  2.608   1.00 20.60 ? 73  TYR A CB  1 
ATOM   553  C CG  . TYR A 1 73  ? -14.617 -2.595  3.013   1.00 19.66 ? 73  TYR A CG  1 
ATOM   554  C CD1 . TYR A 1 73  ? -14.102 -3.876  2.905   1.00 18.80 ? 73  TYR A CD1 1 
ATOM   555  C CD2 . TYR A 1 73  ? -15.929 -2.451  3.432   1.00 19.91 ? 73  TYR A CD2 1 
ATOM   556  C CE1 . TYR A 1 73  ? -14.870 -4.988  3.227   1.00 24.98 ? 73  TYR A CE1 1 
ATOM   557  C CE2 . TYR A 1 73  ? -16.705 -3.556  3.761   1.00 24.56 ? 73  TYR A CE2 1 
ATOM   558  C CZ  . TYR A 1 73  ? -16.170 -4.814  3.660   1.00 25.09 ? 73  TYR A CZ  1 
ATOM   559  O OH  . TYR A 1 73  ? -16.949 -5.901  3.990   1.00 30.76 ? 73  TYR A OH  1 
ATOM   560  N N   . GLN A 1 74  ? -13.853 1.203   0.451   1.00 18.10 ? 74  GLN A N   1 
ATOM   561  C CA  . GLN A 1 74  ? -13.227 2.457   0.061   1.00 17.20 ? 74  GLN A CA  1 
ATOM   562  C C   . GLN A 1 74  ? -13.278 3.403   1.248   1.00 19.81 ? 74  GLN A C   1 
ATOM   563  O O   . GLN A 1 74  ? -14.318 3.504   1.917   1.00 20.67 ? 74  GLN A O   1 
ATOM   564  C CB  . GLN A 1 74  ? -13.968 3.054   -1.141  1.00 19.01 ? 74  GLN A CB  1 
ATOM   565  C CG  . GLN A 1 74  ? -13.425 4.386   -1.624  1.00 24.27 ? 74  GLN A CG  1 
ATOM   566  C CD  . GLN A 1 74  ? -14.006 4.792   -2.979  1.00 31.98 ? 74  GLN A CD  1 
ATOM   567  O OE1 . GLN A 1 74  ? -14.175 3.959   -3.877  1.00 31.30 ? 74  GLN A OE1 1 
ATOM   568  N NE2 . GLN A 1 74  ? -14.309 6.073   -3.128  1.00 31.24 ? 74  GLN A NE2 1 
ATOM   569  N N   . SER A 1 75  ? -12.168 4.080   1.538   1.00 14.92 ? 75  SER A N   1 
ATOM   570  C CA  . SER A 1 75  ? -12.143 4.987   2.683   1.00 17.31 ? 75  SER A CA  1 
ATOM   571  C C   . SER A 1 75  ? -13.077 6.142   2.400   1.00 17.74 ? 75  SER A C   1 
ATOM   572  O O   . SER A 1 75  ? -13.104 6.648   1.277   1.00 18.81 ? 75  SER A O   1 
ATOM   573  C CB  . SER A 1 75  ? -10.725 5.514   2.941   1.00 17.84 ? 75  SER A CB  1 
ATOM   574  O OG  . SER A 1 75  ? -10.252 6.260   1.825   1.00 17.11 ? 75  SER A OG  1 
ATOM   575  N N   . TYR A 1 76  ? -13.868 6.543   3.392   1.00 16.75 ? 76  TYR A N   1 
ATOM   576  C CA  . TYR A 1 76  ? -14.780 7.685   3.228   1.00 17.21 ? 76  TYR A CA  1 
ATOM   577  C C   . TYR A 1 76  ? -13.995 8.961   2.972   1.00 20.68 ? 76  TYR A C   1 
ATOM   578  O O   . TYR A 1 76  ? -14.465 9.857   2.281   1.00 19.35 ? 76  TYR A O   1 
ATOM   579  C CB  . TYR A 1 76  ? -15.579 7.905   4.505   1.00 17.91 ? 76  TYR A CB  1 
ATOM   580  C CG  . TYR A 1 76  ? -16.612 6.859   4.826   1.00 19.80 ? 76  TYR A CG  1 
ATOM   581  C CD1 . TYR A 1 76  ? -17.376 6.256   3.826   1.00 16.16 ? 76  TYR A CD1 1 
ATOM   582  C CD2 . TYR A 1 76  ? -16.836 6.489   6.143   1.00 18.60 ? 76  TYR A CD2 1 
ATOM   583  C CE1 . TYR A 1 76  ? -18.352 5.305   4.155   1.00 19.01 ? 76  TYR A CE1 1 
ATOM   584  C CE2 . TYR A 1 76  ? -17.787 5.550   6.475   1.00 19.37 ? 76  TYR A CE2 1 
ATOM   585  C CZ  . TYR A 1 76  ? -18.544 4.968   5.483   1.00 20.62 ? 76  TYR A CZ  1 
ATOM   586  O OH  . TYR A 1 76  ? -19.485 4.038   5.845   1.00 20.98 ? 76  TYR A OH  1 
ATOM   587  N N   . SER A 1 77  ? -12.802 9.053   3.554   1.00 18.10 ? 77  SER A N   1 
ATOM   588  C CA  . SER A 1 77  ? -11.994 10.258  3.425   1.00 19.79 ? 77  SER A CA  1 
ATOM   589  C C   . SER A 1 77  ? -10.775 9.979   2.558   1.00 19.87 ? 77  SER A C   1 
ATOM   590  O O   . SER A 1 77  ? -10.470 8.828   2.272   1.00 20.08 ? 77  SER A O   1 
ATOM   591  C CB  . SER A 1 77  ? -11.527 10.689  4.818   1.00 20.49 ? 77  SER A CB  1 
ATOM   592  O OG  . SER A 1 77  ? -10.998 12.001  4.782   1.00 26.69 ? 77  SER A OG  1 
ATOM   593  N N   . THR A 1 78  ? -10.064 11.020  2.144   1.00 21.51 ? 78  THR A N   1 
ATOM   594  C CA  . THR A 1 78  ? -8.814  10.821  1.424   1.00 22.01 ? 78  THR A CA  1 
ATOM   595  C C   . THR A 1 78  ? -7.711  10.599  2.453   1.00 22.16 ? 78  THR A C   1 
ATOM   596  O O   . THR A 1 78  ? -7.858  10.988  3.614   1.00 19.80 ? 78  THR A O   1 
ATOM   597  C CB  . THR A 1 78  ? -8.470  12.031  0.540   1.00 21.79 ? 78  THR A CB  1 
ATOM   598  O OG1 . THR A 1 78  ? -8.239  13.168  1.373   1.00 21.48 ? 78  THR A OG1 1 
ATOM   599  C CG2 . THR A 1 78  ? -9.609  12.330  -0.412  1.00 23.49 ? 78  THR A CG2 1 
ATOM   600  N N   . MET A 1 79  ? -6.623  9.962   2.031   1.00 20.35 ? 79  MET A N   1 
ATOM   601  C CA  . MET A 1 79  ? -5.502  9.680   2.920   1.00 17.78 ? 79  MET A CA  1 
ATOM   602  C C   . MET A 1 79  ? -4.219  10.044  2.216   1.00 19.58 ? 79  MET A C   1 
ATOM   603  O O   . MET A 1 79  ? -4.163  10.002  0.984   1.00 18.46 ? 79  MET A O   1 
ATOM   604  C CB  . MET A 1 79  ? -5.458  8.194   3.265   1.00 15.58 ? 79  MET A CB  1 
ATOM   605  C CG  . MET A 1 79  ? -6.621  7.723   4.106   1.00 16.21 ? 79  MET A CG  1 
ATOM   606  S SD  . MET A 1 79  ? -6.459  5.989   4.564   1.00 19.29 ? 79  MET A SD  1 
ATOM   607  C CE  . MET A 1 79  ? -7.905  5.856   5.608   1.00 17.47 ? 79  MET A CE  1 
ATOM   608  N N   . SER A 1 80  ? -3.192  10.401  2.982   1.00 15.79 ? 80  SER A N   1 
ATOM   609  C CA  . SER A 1 80  ? -1.887  10.665  2.399   1.00 18.92 ? 80  SER A CA  1 
ATOM   610  C C   . SER A 1 80  ? -1.258  9.344   1.954   1.00 19.27 ? 80  SER A C   1 
ATOM   611  O O   . SER A 1 80  ? -1.067  8.428   2.762   1.00 18.86 ? 80  SER A O   1 
ATOM   612  C CB  . SER A 1 80  ? -0.977  11.355  3.419   1.00 21.42 ? 80  SER A CB  1 
ATOM   613  O OG  . SER A 1 80  ? 0.354   11.468  2.925   1.00 21.77 ? 80  SER A OG  1 
ATOM   614  N N   . ILE A 1 81  ? -0.951  9.218   0.669   1.00 15.56 ? 81  ILE A N   1 
ATOM   615  C CA  . ILE A 1 81  ? -0.311  8.001   0.185   1.00 16.35 ? 81  ILE A CA  1 
ATOM   616  C C   . ILE A 1 81  ? 0.863   8.298   -0.745  1.00 18.88 ? 81  ILE A C   1 
ATOM   617  O O   . ILE A 1 81  ? 1.005   9.412   -1.254  1.00 18.52 ? 81  ILE A O   1 
ATOM   618  C CB  . ILE A 1 81  ? -1.297  7.076   -0.569  1.00 17.60 ? 81  ILE A CB  1 
ATOM   619  C CG1 . ILE A 1 81  ? -1.674  7.667   -1.918  1.00 21.24 ? 81  ILE A CG1 1 
ATOM   620  C CG2 . ILE A 1 81  ? -2.552  6.800   0.240   1.00 14.73 ? 81  ILE A CG2 1 
ATOM   621  C CD1 . ILE A 1 81  ? -2.442  6.685   -2.752  1.00 26.61 ? 81  ILE A CD1 1 
ATOM   622  N N   . THR A 1 82  ? 1.694   7.286   -0.973  1.00 16.01 ? 82  THR A N   1 
ATOM   623  C CA  . THR A 1 82  ? 2.783   7.381   -1.940  1.00 17.18 ? 82  THR A CA  1 
ATOM   624  C C   . THR A 1 82  ? 2.718   6.183   -2.871  1.00 18.63 ? 82  THR A C   1 
ATOM   625  O O   . THR A 1 82  ? 2.724   5.029   -2.415  1.00 17.18 ? 82  THR A O   1 
ATOM   626  C CB  . THR A 1 82  ? 4.147   7.362   -1.237  1.00 17.25 ? 82  THR A CB  1 
ATOM   627  O OG1 . THR A 1 82  ? 4.196   8.413   -0.263  1.00 18.66 ? 82  THR A OG1 1 
ATOM   628  C CG2 . THR A 1 82  ? 5.285   7.551   -2.255  1.00 18.01 ? 82  THR A CG2 1 
ATOM   629  N N   . ASP A 1 83  ? 2.653   6.446   -4.172  1.00 16.05 ? 83  ASP A N   1 
ATOM   630  C CA  . ASP A 1 83  ? 2.669   5.371   -5.158  1.00 17.71 ? 83  ASP A CA  1 
ATOM   631  C C   . ASP A 1 83  ? 4.126   5.130   -5.522  1.00 20.63 ? 83  ASP A C   1 
ATOM   632  O O   . ASP A 1 83  ? 4.869   6.086   -5.763  1.00 20.05 ? 83  ASP A O   1 
ATOM   633  C CB  . ASP A 1 83  ? 1.841   5.776   -6.388  1.00 21.12 ? 83  ASP A CB  1 
ATOM   634  C CG  . ASP A 1 83  ? 2.051   4.853   -7.586  1.00 28.97 ? 83  ASP A CG  1 
ATOM   635  O OD1 . ASP A 1 83  ? 1.420   3.775   -7.628  1.00 28.75 ? 83  ASP A OD1 1 
ATOM   636  O OD2 . ASP A 1 83  ? 2.836   5.215   -8.510  1.00 37.99 ? 83  ASP A OD2 1 
ATOM   637  N N   . CYS A 1 84  ? 4.560   3.871   -5.507  1.00 19.24 ? 84  CYS A N   1 
ATOM   638  C CA  . CYS A 1 84  ? 5.921   3.528   -5.931  1.00 18.44 ? 84  CYS A CA  1 
ATOM   639  C C   . CYS A 1 84  ? 5.795   2.628   -7.150  1.00 19.80 ? 84  CYS A C   1 
ATOM   640  O O   . CYS A 1 84  ? 5.067   1.625   -7.125  1.00 19.92 ? 84  CYS A O   1 
ATOM   641  C CB  . CYS A 1 84  ? 6.689   2.799   -4.824  1.00 20.12 ? 84  CYS A CB  1 
ATOM   642  S SG  . CYS A 1 84  ? 6.874   3.701   -3.263  1.00 19.44 ? 84  CYS A SG  1 
ATOM   643  N N   . ARG A 1 85  ? 6.473   3.002   -8.230  1.00 18.31 ? 85  ARG A N   1 
ATOM   644  C CA  . ARG A 1 85  ? 6.380   2.252   -9.476  1.00 21.63 ? 85  ARG A CA  1 
ATOM   645  C C   . ARG A 1 85  ? 7.769   2.133   -10.091 1.00 21.63 ? 85  ARG A C   1 
ATOM   646  O O   . ARG A 1 85  ? 8.527   3.111   -10.105 1.00 20.26 ? 85  ARG A O   1 
ATOM   647  C CB  . ARG A 1 85  ? 5.423   2.980   -10.438 1.00 25.01 ? 85  ARG A CB  1 
ATOM   648  C CG  . ARG A 1 85  ? 4.648   2.056   -11.378 1.00 29.52 ? 85  ARG A CG  1 
ATOM   649  C CD  . ARG A 1 85  ? 3.437   2.775   -11.984 1.00 30.78 ? 85  ARG A CD  1 
ATOM   650  N NE  . ARG A 1 85  ? 2.173   2.520   -11.287 1.00 28.29 ? 85  ARG A NE  1 
ATOM   651  C CZ  . ARG A 1 85  ? 1.233   1.693   -11.736 1.00 27.63 ? 85  ARG A CZ  1 
ATOM   652  N NH1 . ARG A 1 85  ? 1.422   1.037   -12.869 1.00 28.56 ? 85  ARG A NH1 1 
ATOM   653  N NH2 . ARG A 1 85  ? 0.107   1.512   -11.058 1.00 33.46 ? 85  ARG A NH2 1 
ATOM   654  N N   . GLU A 1 86  ? 8.115   0.944   -10.580 1.00 21.88 ? 86  GLU A N   1 
ATOM   655  C CA  . GLU A 1 86  ? 9.377   0.771   -11.291 1.00 26.71 ? 86  GLU A CA  1 
ATOM   656  C C   . GLU A 1 86  ? 9.458   1.731   -12.468 1.00 27.23 ? 86  GLU A C   1 
ATOM   657  O O   . GLU A 1 86  ? 8.473   1.931   -13.177 1.00 20.75 ? 86  GLU A O   1 
ATOM   658  C CB  . GLU A 1 86  ? 9.493   -0.643  -11.852 1.00 28.12 ? 86  GLU A CB  1 
ATOM   659  C CG  . GLU A 1 86  ? 10.024  -1.672  -10.891 1.00 29.67 ? 86  GLU A CG  1 
ATOM   660  C CD  . GLU A 1 86  ? 10.484  -2.903  -11.626 1.00 28.63 ? 86  GLU A CD  1 
ATOM   661  O OE1 . GLU A 1 86  ? 9.620   -3.710  -12.024 1.00 35.74 ? 86  GLU A OE1 1 
ATOM   662  O OE2 . GLU A 1 86  ? 11.708  -3.047  -11.833 1.00 30.64 ? 86  GLU A OE2 1 
ATOM   663  N N   . THR A 1 87  ? 10.635  2.306   -12.688 1.00 26.31 ? 87  THR A N   1 
ATOM   664  C CA  . THR A 1 87  ? 10.823  3.225   -13.803 1.00 33.22 ? 87  THR A CA  1 
ATOM   665  C C   . THR A 1 87  ? 12.211  3.059   -14.388 1.00 41.83 ? 87  THR A C   1 
ATOM   666  O O   . THR A 1 87  ? 12.959  2.178   -13.964 1.00 42.20 ? 87  THR A O   1 
ATOM   667  C CB  . THR A 1 87  ? 10.634  4.697   -13.368 1.00 33.53 ? 87  THR A CB  1 
ATOM   668  O OG1 . THR A 1 87  ? 10.576  5.542   -14.526 1.00 41.07 ? 87  THR A OG1 1 
ATOM   669  C CG2 . THR A 1 87  ? 11.775  5.156   -12.454 1.00 28.31 ? 87  THR A CG2 1 
ATOM   670  N N   . GLY A 1 88  ? 12.533  3.898   -15.373 1.00 42.90 ? 88  GLY A N   1 
ATOM   671  C CA  . GLY A 1 88  ? 13.897  4.072   -15.852 1.00 43.23 ? 88  GLY A CA  1 
ATOM   672  C C   . GLY A 1 88  ? 14.651  2.810   -16.214 1.00 45.03 ? 88  GLY A C   1 
ATOM   673  O O   . GLY A 1 88  ? 14.171  1.976   -16.982 1.00 48.47 ? 88  GLY A O   1 
ATOM   674  N N   . SER A 1 89  ? 15.852  2.680   -15.666 1.00 50.78 ? 89  SER A N   1 
ATOM   675  C CA  . SER A 1 89  ? 16.675  1.505   -15.901 1.00 54.75 ? 89  SER A CA  1 
ATOM   676  C C   . SER A 1 89  ? 16.631  0.618   -14.669 1.00 52.11 ? 89  SER A C   1 
ATOM   677  O O   . SER A 1 89  ? 17.669  0.218   -14.122 1.00 55.39 ? 89  SER A O   1 
ATOM   678  C CB  . SER A 1 89  ? 18.115  1.905   -16.234 1.00 61.56 ? 89  SER A CB  1 
ATOM   679  O OG  . SER A 1 89  ? 18.591  2.909   -15.350 1.00 65.92 ? 89  SER A OG  1 
ATOM   680  N N   . SER A 1 90  ? 15.413  0.335   -14.218 1.00 45.57 ? 90  SER A N   1 
ATOM   681  C CA  . SER A 1 90  ? 15.214  -0.632  -13.157 1.00 44.56 ? 90  SER A CA  1 
ATOM   682  C C   . SER A 1 90  ? 15.409  -2.042  -13.717 1.00 42.59 ? 90  SER A C   1 
ATOM   683  O O   . SER A 1 90  ? 14.675  -2.478  -14.610 1.00 43.54 ? 90  SER A O   1 
ATOM   684  C CB  . SER A 1 90  ? 13.820  -0.479  -12.544 1.00 35.08 ? 90  SER A CB  1 
ATOM   685  O OG  . SER A 1 90  ? 13.631  -1.417  -11.500 1.00 34.42 ? 90  SER A OG  1 
ATOM   686  N N   . LYS A 1 91  ? 16.413  -2.742  -13.202 1.00 44.57 ? 91  LYS A N   1 
ATOM   687  C CA  . LYS A 1 91  ? 16.647  -4.136  -13.572 1.00 50.28 ? 91  LYS A CA  1 
ATOM   688  C C   . LYS A 1 91  ? 17.111  -4.880  -12.338 1.00 43.77 ? 91  LYS A C   1 
ATOM   689  O O   . LYS A 1 91  ? 18.154  -4.552  -11.779 1.00 47.53 ? 91  LYS A O   1 
ATOM   690  C CB  . LYS A 1 91  ? 17.737  -4.259  -14.649 1.00 55.27 ? 91  LYS A CB  1 
ATOM   691  C CG  . LYS A 1 91  ? 17.533  -3.420  -15.900 1.00 59.27 ? 91  LYS A CG  1 
ATOM   692  C CD  . LYS A 1 91  ? 18.756  -3.509  -16.810 1.00 71.57 ? 91  LYS A CD  1 
ATOM   693  C CE  . LYS A 1 91  ? 18.981  -2.217  -17.592 1.00 70.32 ? 91  LYS A CE  1 
ATOM   694  N NZ  . LYS A 1 91  ? 20.163  -2.339  -18.497 1.00 75.04 ? 91  LYS A NZ  1 
ATOM   695  N N   . TYR A 1 92  ? 16.343  -5.879  -11.918 1.00 40.12 ? 92  TYR A N   1 
ATOM   696  C CA  . TYR A 1 92  ? 16.740  -6.708  -10.789 1.00 46.64 ? 92  TYR A CA  1 
ATOM   697  C C   . TYR A 1 92  ? 18.173  -7.232  -10.973 1.00 50.08 ? 92  TYR A C   1 
ATOM   698  O O   . TYR A 1 92  ? 18.509  -7.765  -12.035 1.00 48.15 ? 92  TYR A O   1 
ATOM   699  C CB  . TYR A 1 92  ? 15.762  -7.873  -10.611 1.00 47.79 ? 92  TYR A CB  1 
ATOM   700  C CG  . TYR A 1 92  ? 16.111  -8.733  -9.424  1.00 49.95 ? 92  TYR A CG  1 
ATOM   701  C CD1 . TYR A 1 92  ? 15.762  -8.343  -8.139  1.00 43.73 ? 92  TYR A CD1 1 
ATOM   702  C CD2 . TYR A 1 92  ? 16.813  -9.921  -9.586  1.00 50.31 ? 92  TYR A CD2 1 
ATOM   703  C CE1 . TYR A 1 92  ? 16.089  -9.115  -7.050  1.00 50.45 ? 92  TYR A CE1 1 
ATOM   704  C CE2 . TYR A 1 92  ? 17.147  -10.701 -8.502  1.00 52.31 ? 92  TYR A CE2 1 
ATOM   705  C CZ  . TYR A 1 92  ? 16.785  -10.295 -7.233  1.00 53.88 ? 92  TYR A CZ  1 
ATOM   706  O OH  . TYR A 1 92  ? 17.112  -11.071 -6.141  1.00 51.24 ? 92  TYR A OH  1 
ATOM   707  N N   . PRO A 1 93  ? 19.023  -7.098  -9.936  1.00 50.63 ? 93  PRO A N   1 
ATOM   708  C CA  . PRO A 1 93  ? 18.751  -6.628  -8.571  1.00 46.40 ? 93  PRO A CA  1 
ATOM   709  C C   . PRO A 1 93  ? 18.968  -5.133  -8.394  1.00 45.47 ? 93  PRO A C   1 
ATOM   710  O O   . PRO A 1 93  ? 19.001  -4.653  -7.261  1.00 45.20 ? 93  PRO A O   1 
ATOM   711  C CB  . PRO A 1 93  ? 19.812  -7.363  -7.757  1.00 49.17 ? 93  PRO A CB  1 
ATOM   712  C CG  . PRO A 1 93  ? 20.999  -7.362  -8.681  1.00 47.94 ? 93  PRO A CG  1 
ATOM   713  C CD  . PRO A 1 93  ? 20.439  -7.483  -10.093 1.00 47.51 ? 93  PRO A CD  1 
ATOM   714  N N   . ASN A 1 94  ? 19.137  -4.406  -9.491  1.00 45.28 ? 94  ASN A N   1 
ATOM   715  C CA  . ASN A 1 94  ? 19.239  -2.958  -9.409  1.00 45.10 ? 94  ASN A CA  1 
ATOM   716  C C   . ASN A 1 94  ? 17.860  -2.331  -9.631  1.00 45.25 ? 94  ASN A C   1 
ATOM   717  O O   . ASN A 1 94  ? 17.570  -1.796  -10.710 1.00 45.65 ? 94  ASN A O   1 
ATOM   718  C CB  . ASN A 1 94  ? 20.251  -2.442  -10.430 1.00 49.54 ? 94  ASN A CB  1 
ATOM   719  C CG  . ASN A 1 94  ? 21.590  -3.152  -10.327 1.00 52.85 ? 94  ASN A CG  1 
ATOM   720  O OD1 . ASN A 1 94  ? 22.106  -3.373  -9.229  1.00 49.51 ? 94  ASN A OD1 1 
ATOM   721  N ND2 . ASN A 1 94  ? 22.149  -3.535  -11.472 1.00 51.49 ? 94  ASN A ND2 1 
ATOM   722  N N   . CYS A 1 95  ? 17.010  -2.429  -8.608  1.00 40.51 ? 95  CYS A N   1 
ATOM   723  C CA  . CYS A 1 95  ? 15.636  -1.916  -8.660  1.00 38.25 ? 95  CYS A CA  1 
ATOM   724  C C   . CYS A 1 95  ? 15.587  -0.382  -8.535  1.00 38.11 ? 95  CYS A C   1 
ATOM   725  O O   . CYS A 1 95  ? 16.347  0.212   -7.765  1.00 42.27 ? 95  CYS A O   1 
ATOM   726  C CB  . CYS A 1 95  ? 14.811  -2.554  -7.546  1.00 32.38 ? 95  CYS A CB  1 
ATOM   727  S SG  . CYS A 1 95  ? 14.600  -4.345  -7.700  1.00 32.15 ? 95  CYS A SG  1 
ATOM   728  N N   . ALA A 1 96  ? 14.705  0.264   -9.296  1.00 31.42 ? 96  ALA A N   1 
ATOM   729  C CA  . ALA A 1 96  ? 14.610  1.723   -9.255  1.00 26.42 ? 96  ALA A CA  1 
ATOM   730  C C   . ALA A 1 96  ? 13.153  2.171   -9.342  1.00 24.52 ? 96  ALA A C   1 
ATOM   731  O O   . ALA A 1 96  ? 12.397  1.686   -10.180 1.00 26.26 ? 96  ALA A O   1 
ATOM   732  C CB  . ALA A 1 96  ? 15.431  2.338   -10.379 1.00 29.96 ? 96  ALA A CB  1 
ATOM   733  N N   . TYR A 1 97  ? 12.764  3.107   -8.487  1.00 22.45 ? 97  TYR A N   1 
ATOM   734  C CA  . TYR A 1 97  ? 11.352  3.489   -8.390  1.00 22.70 ? 97  TYR A CA  1 
ATOM   735  C C   . TYR A 1 97  ? 11.083  4.979   -8.539  1.00 20.99 ? 97  TYR A C   1 
ATOM   736  O O   . TYR A 1 97  ? 11.871  5.822   -8.107  1.00 22.75 ? 97  TYR A O   1 
ATOM   737  C CB  . TYR A 1 97  ? 10.765  3.003   -7.058  1.00 20.86 ? 97  TYR A CB  1 
ATOM   738  C CG  . TYR A 1 97  ? 10.675  1.502   -6.973  1.00 18.37 ? 97  TYR A CG  1 
ATOM   739  C CD1 . TYR A 1 97  ? 9.535   0.836   -7.399  1.00 18.71 ? 97  TYR A CD1 1 
ATOM   740  C CD2 . TYR A 1 97  ? 11.738  0.745   -6.487  1.00 22.66 ? 97  TYR A CD2 1 
ATOM   741  C CE1 . TYR A 1 97  ? 9.443   -0.543  -7.338  1.00 23.10 ? 97  TYR A CE1 1 
ATOM   742  C CE2 . TYR A 1 97  ? 11.660  -0.645  -6.420  1.00 22.73 ? 97  TYR A CE2 1 
ATOM   743  C CZ  . TYR A 1 97  ? 10.516  -1.280  -6.850  1.00 21.45 ? 97  TYR A CZ  1 
ATOM   744  O OH  . TYR A 1 97  ? 10.419  -2.655  -6.795  1.00 23.19 ? 97  TYR A OH  1 
ATOM   745  N N   . LYS A 1 98  ? 9.939   5.285   -9.141  1.00 20.54 ? 98  LYS A N   1 
ATOM   746  C CA  . LYS A 1 98  ? 9.417   6.634   -9.167  1.00 19.83 ? 98  LYS A CA  1 
ATOM   747  C C   . LYS A 1 98  ? 8.534   6.847   -7.940  1.00 20.47 ? 98  LYS A C   1 
ATOM   748  O O   . LYS A 1 98  ? 7.674   6.018   -7.625  1.00 22.34 ? 98  LYS A O   1 
ATOM   749  C CB  . LYS A 1 98  ? 8.590   6.817   -10.436 1.00 21.68 ? 98  LYS A CB  1 
ATOM   750  C CG  . LYS A 1 98  ? 7.830   8.123   -10.518 1.00 21.49 ? 98  LYS A CG  1 
ATOM   751  C CD  . LYS A 1 98  ? 7.097   8.155   -11.853 1.00 22.61 ? 98  LYS A CD  1 
ATOM   752  C CE  . LYS A 1 98  ? 6.121   9.294   -11.949 1.00 27.32 ? 98  LYS A CE  1 
ATOM   753  N NZ  . LYS A 1 98  ? 6.735   10.552  -11.472 1.00 28.50 ? 98  LYS A NZ  1 
ATOM   754  N N   . THR A 1 99  ? 8.738   7.957   -7.246  1.00 22.54 ? 99  THR A N   1 
ATOM   755  C CA  . THR A 1 99  ? 7.944   8.274   -6.069  1.00 20.58 ? 99  THR A CA  1 
ATOM   756  C C   . THR A 1 99  ? 6.851   9.280   -6.444  1.00 24.07 ? 99  THR A C   1 
ATOM   757  O O   . THR A 1 99  ? 7.143   10.378  -6.932  1.00 21.34 ? 99  THR A O   1 
ATOM   758  C CB  . THR A 1 99  ? 8.856   8.854   -4.967  1.00 21.23 ? 99  THR A CB  1 
ATOM   759  O OG1 . THR A 1 99  ? 9.745   7.825   -4.508  1.00 21.27 ? 99  THR A OG1 1 
ATOM   760  C CG2 . THR A 1 99  ? 8.038   9.393   -3.790  1.00 20.65 ? 99  THR A CG2 1 
ATOM   761  N N   . THR A 1 100 ? 5.591   8.906   -6.234  1.00 21.62 ? 100 THR A N   1 
ATOM   762  C CA  . THR A 1 100 ? 4.491   9.829   -6.482  1.00 20.91 ? 100 THR A CA  1 
ATOM   763  C C   . THR A 1 100 ? 3.570   9.985   -5.262  1.00 21.12 ? 100 THR A C   1 
ATOM   764  O O   . THR A 1 100 ? 2.806   9.076   -4.926  1.00 20.51 ? 100 THR A O   1 
ATOM   765  C CB  . THR A 1 100 ? 3.657   9.406   -7.705  1.00 24.70 ? 100 THR A CB  1 
ATOM   766  O OG1 . THR A 1 100 ? 4.528   9.209   -8.824  1.00 22.85 ? 100 THR A OG1 1 
ATOM   767  C CG2 . THR A 1 100 ? 2.617   10.488  -8.046  1.00 24.12 ? 100 THR A CG2 1 
ATOM   768  N N   . GLN A 1 101 ? 3.655   11.149  -4.624  1.00 17.25 ? 101 GLN A N   1 
ATOM   769  C CA  . GLN A 1 101 ? 2.851   11.487  -3.445  1.00 22.80 ? 101 GLN A CA  1 
ATOM   770  C C   . GLN A 1 101 ? 1.450   11.944  -3.859  1.00 24.43 ? 101 GLN A C   1 
ATOM   771  O O   . GLN A 1 101 ? 1.264   12.540  -4.939  1.00 24.12 ? 101 GLN A O   1 
ATOM   772  C CB  . GLN A 1 101 ? 3.554   12.588  -2.624  1.00 27.57 ? 101 GLN A CB  1 
ATOM   773  C CG  . GLN A 1 101 ? 2.770   13.107  -1.416  1.00 32.36 ? 101 GLN A CG  1 
ATOM   774  C CD  . GLN A 1 101 ? 2.510   12.032  -0.343  1.00 31.29 ? 101 GLN A CD  1 
ATOM   775  O OE1 . GLN A 1 101 ? 3.386   11.191  -0.052  1.00 23.96 ? 101 GLN A OE1 1 
ATOM   776  N NE2 . GLN A 1 101 ? 1.299   12.066  0.258   1.00 23.17 ? 101 GLN A NE2 1 
ATOM   777  N N   . ALA A 1 102 ? 0.458   11.654  -3.020  1.00 19.64 ? 102 ALA A N   1 
ATOM   778  C CA  . ALA A 1 102 ? -0.918  12.019  -3.342  1.00 26.06 ? 102 ALA A CA  1 
ATOM   779  C C   . ALA A 1 102 ? -1.821  11.913  -2.126  1.00 27.10 ? 102 ALA A C   1 
ATOM   780  O O   . ALA A 1 102 ? -1.425  11.365  -1.090  1.00 22.57 ? 102 ALA A O   1 
ATOM   781  C CB  . ALA A 1 102 ? -1.455  11.143  -4.487  1.00 22.80 ? 102 ALA A CB  1 
ATOM   782  N N   . ASN A 1 103 ? -3.027  12.452  -2.262  1.00 27.32 ? 103 ASN A N   1 
ATOM   783  C CA  . ASN A 1 103 ? -4.048  12.367  -1.223  1.00 26.17 ? 103 ASN A CA  1 
ATOM   784  C C   . ASN A 1 103 ? -5.295  11.831  -1.856  1.00 29.52 ? 103 ASN A C   1 
ATOM   785  O O   . ASN A 1 103 ? -5.938  12.520  -2.644  1.00 28.65 ? 103 ASN A O   1 
ATOM   786  C CB  . ASN A 1 103 ? -4.348  13.742  -0.643  1.00 31.54 ? 103 ASN A CB  1 
ATOM   787  C CG  . ASN A 1 103 ? -3.260  14.226  0.274   1.00 34.49 ? 103 ASN A CG  1 
ATOM   788  O OD1 . ASN A 1 103 ? -3.309  14.005  1.490   1.00 39.56 ? 103 ASN A OD1 1 
ATOM   789  N ND2 . ASN A 1 103 ? -2.253  14.886  -0.298  1.00 43.36 ? 103 ASN A ND2 1 
ATOM   790  N N   . LYS A 1 104 ? -5.626  10.587  -1.537  1.00 24.03 ? 104 LYS A N   1 
ATOM   791  C CA  . LYS A 1 104 ? -6.679  9.898   -2.241  1.00 24.53 ? 104 LYS A CA  1 
ATOM   792  C C   . LYS A 1 104 ? -7.384  8.927   -1.327  1.00 22.55 ? 104 LYS A C   1 
ATOM   793  O O   . LYS A 1 104 ? -6.844  8.567   -0.275  1.00 22.68 ? 104 LYS A O   1 
ATOM   794  C CB  . LYS A 1 104 ? -6.073  9.156   -3.428  1.00 28.09 ? 104 LYS A CB  1 
ATOM   795  C CG  . LYS A 1 104 ? -5.547  10.111  -4.474  1.00 33.67 ? 104 LYS A CG  1 
ATOM   796  C CD  . LYS A 1 104 ? -4.900  9.392   -5.600  1.00 40.06 ? 104 LYS A CD  1 
ATOM   797  C CE  . LYS A 1 104 ? -3.720  8.583   -5.170  1.00 40.43 ? 104 LYS A CE  1 
ATOM   798  N NZ  . LYS A 1 104 ? -3.642  7.312   -5.960  1.00 43.18 ? 104 LYS A NZ  1 
ATOM   799  N N   . HIS A 1 105 ? -8.596  8.535   -1.718  1.00 21.92 ? 105 HIS A N   1 
ATOM   800  C CA  . HIS A 1 105 ? -9.313  7.462   -1.038  1.00 20.84 ? 105 HIS A CA  1 
ATOM   801  C C   . HIS A 1 105 ? -8.585  6.171   -1.343  1.00 25.20 ? 105 HIS A C   1 
ATOM   802  O O   . HIS A 1 105 ? -8.116  5.974   -2.471  1.00 25.48 ? 105 HIS A O   1 
ATOM   803  C CB  . HIS A 1 105 ? -10.749 7.327   -1.565  1.00 21.36 ? 105 HIS A CB  1 
ATOM   804  C CG  . HIS A 1 105 ? -11.557 8.571   -1.440  1.00 19.77 ? 105 HIS A CG  1 
ATOM   805  N ND1 . HIS A 1 105 ? -11.560 9.554   -2.413  1.00 23.23 ? 105 HIS A ND1 1 
ATOM   806  C CD2 . HIS A 1 105 ? -12.370 9.017   -0.455  1.00 18.95 ? 105 HIS A CD2 1 
ATOM   807  C CE1 . HIS A 1 105 ? -12.351 10.543  -2.029  1.00 23.81 ? 105 HIS A CE1 1 
ATOM   808  N NE2 . HIS A 1 105 ? -12.852 10.242  -0.847  1.00 24.83 ? 105 HIS A NE2 1 
ATOM   809  N N   . ILE A 1 106 ? -8.490  5.283   -0.355  1.00 20.28 ? 106 ILE A N   1 
ATOM   810  C CA  . ILE A 1 106 ? -7.869  3.997   -0.599  1.00 20.66 ? 106 ILE A CA  1 
ATOM   811  C C   . ILE A 1 106 ? -8.959  2.942   -0.693  1.00 19.68 ? 106 ILE A C   1 
ATOM   812  O O   . ILE A 1 106 ? -10.037 3.102   -0.128  1.00 18.77 ? 106 ILE A O   1 
ATOM   813  C CB  . ILE A 1 106 ? -6.826  3.626   0.486   1.00 16.59 ? 106 ILE A CB  1 
ATOM   814  C CG1 . ILE A 1 106 ? -7.488  3.410   1.848   1.00 17.65 ? 106 ILE A CG1 1 
ATOM   815  C CG2 . ILE A 1 106 ? -5.720  4.677   0.565   1.00 16.69 ? 106 ILE A CG2 1 
ATOM   816  C CD1 . ILE A 1 106 ? -6.559  2.704   2.865   1.00 13.70 ? 106 ILE A CD1 1 
ATOM   817  N N   . ILE A 1 107 ? -8.680  1.864   -1.417  1.00 16.58 ? 107 ILE A N   1 
ATOM   818  C CA  . ILE A 1 107 ? -9.602  0.755   -1.500  1.00 16.85 ? 107 ILE A CA  1 
ATOM   819  C C   . ILE A 1 107 ? -8.838  -0.490  -1.127  1.00 18.82 ? 107 ILE A C   1 
ATOM   820  O O   . ILE A 1 107 ? -7.813  -0.801  -1.740  1.00 19.95 ? 107 ILE A O   1 
ATOM   821  C CB  . ILE A 1 107 ? -10.158 0.634   -2.925  1.00 22.91 ? 107 ILE A CB  1 
ATOM   822  C CG1 . ILE A 1 107 ? -11.000 1.887   -3.240  1.00 23.87 ? 107 ILE A CG1 1 
ATOM   823  C CG2 . ILE A 1 107 ? -10.983 -0.645  -3.069  1.00 17.92 ? 107 ILE A CG2 1 
ATOM   824  C CD1 . ILE A 1 107 ? -11.159 2.186   -4.693  1.00 27.94 ? 107 ILE A CD1 1 
ATOM   825  N N   . VAL A 1 108 ? -9.315  -1.197  -0.111  1.00 18.98 ? 108 VAL A N   1 
ATOM   826  C CA  . VAL A 1 108 ? -8.597  -2.355  0.390   1.00 19.22 ? 108 VAL A CA  1 
ATOM   827  C C   . VAL A 1 108 ? -9.553  -3.521  0.463   1.00 19.10 ? 108 VAL A C   1 
ATOM   828  O O   . VAL A 1 108 ? -10.768 -3.316  0.563   1.00 21.02 ? 108 VAL A O   1 
ATOM   829  C CB  . VAL A 1 108 ? -7.986  -2.090  1.806   1.00 19.43 ? 108 VAL A CB  1 
ATOM   830  C CG1 . VAL A 1 108 ? -6.873  -1.046  1.738   1.00 16.89 ? 108 VAL A CG1 1 
ATOM   831  C CG2 . VAL A 1 108 ? -9.077  -1.643  2.800   1.00 19.95 ? 108 VAL A CG2 1 
ATOM   832  N N   . ALA A 1 109 ? -9.020  -4.741  0.403   1.00 18.43 ? 109 ALA A N   1 
ATOM   833  C CA  . ALA A 1 109 ? -9.838  -5.932  0.657   1.00 21.15 ? 109 ALA A CA  1 
ATOM   834  C C   . ALA A 1 109 ? -9.606  -6.371  2.098   1.00 23.71 ? 109 ALA A C   1 
ATOM   835  O O   . ALA A 1 109 ? -8.468  -6.330  2.603   1.00 22.57 ? 109 ALA A O   1 
ATOM   836  C CB  . ALA A 1 109 ? -9.486  -7.062  -0.300  1.00 22.62 ? 109 ALA A CB  1 
ATOM   837  N N   . CYS A 1 110 ? -10.675 -6.798  2.764   1.00 21.60 ? 110 CYS A N   1 
ATOM   838  C CA  . CYS A 1 110 ? -10.582 -7.186  4.173   1.00 22.35 ? 110 CYS A CA  1 
ATOM   839  C C   . CYS A 1 110 ? -11.024 -8.623  4.414   1.00 25.41 ? 110 CYS A C   1 
ATOM   840  O O   . CYS A 1 110 ? -11.890 -9.151  3.694   1.00 23.90 ? 110 CYS A O   1 
ATOM   841  C CB  . CYS A 1 110 ? -11.413 -6.226  5.050   1.00 21.74 ? 110 CYS A CB  1 
ATOM   842  S SG  . CYS A 1 110 ? -11.015 -4.470  4.837   1.00 18.71 ? 110 CYS A SG  1 
ATOM   843  N N   . GLU A 1 111 ? -10.442 -9.234  5.448   1.00 24.74 ? 111 GLU A N   1 
ATOM   844  C CA  . GLU A 1 111 ? -10.691 -10.641 5.781   1.00 29.17 ? 111 GLU A CA  1 
ATOM   845  C C   . GLU A 1 111 ? -10.434 -10.915 7.250   1.00 29.82 ? 111 GLU A C   1 
ATOM   846  O O   . GLU A 1 111 ? -9.638  -10.217 7.887   1.00 25.47 ? 111 GLU A O   1 
ATOM   847  C CB  . GLU A 1 111 ? -9.732  -11.540 5.013   1.00 28.05 ? 111 GLU A CB  1 
ATOM   848  C CG  . GLU A 1 111 ? -10.307 -12.205 3.794   1.00 37.32 ? 111 GLU A CG  1 
ATOM   849  C CD  . GLU A 1 111 ? -9.214  -12.791 2.920   1.00 37.61 ? 111 GLU A CD  1 
ATOM   850  O OE1 . GLU A 1 111 ? -8.304  -13.457 3.468   1.00 44.88 ? 111 GLU A OE1 1 
ATOM   851  O OE2 . GLU A 1 111 ? -9.247  -12.561 1.689   1.00 42.08 ? 111 GLU A OE2 1 
ATOM   852  N N   . GLY A 1 112 ? -11.081 -11.955 7.773   1.00 28.95 ? 112 GLY A N   1 
ATOM   853  C CA  . GLY A 1 112 ? -10.710 -12.492 9.070   1.00 29.66 ? 112 GLY A CA  1 
ATOM   854  C C   . GLY A 1 112 ? -11.445 -11.927 10.266  1.00 30.73 ? 112 GLY A C   1 
ATOM   855  O O   . GLY A 1 112 ? -12.390 -11.140 10.133  1.00 31.15 ? 112 GLY A O   1 
ATOM   856  N N   . ASN A 1 113 ? -10.999 -12.349 11.444  1.00 32.02 ? 113 ASN A N   1 
ATOM   857  C CA  . ASN A 1 113 ? -11.537 -11.876 12.712  1.00 37.29 ? 113 ASN A CA  1 
ATOM   858  C C   . ASN A 1 113 ? -10.361 -11.682 13.650  1.00 32.84 ? 113 ASN A C   1 
ATOM   859  O O   . ASN A 1 113 ? -9.787  -12.657 14.117  1.00 42.59 ? 113 ASN A O   1 
ATOM   860  C CB  . ASN A 1 113 ? -12.544 -12.886 13.290  1.00 42.71 ? 113 ASN A CB  1 
ATOM   861  C CG  . ASN A 1 113 ? -13.358 -12.316 14.452  1.00 43.29 ? 113 ASN A CG  1 
ATOM   862  O OD1 . ASN A 1 113 ? -12.907 -11.413 15.168  1.00 43.41 ? 113 ASN A OD1 1 
ATOM   863  N ND2 . ASN A 1 113 ? -14.561 -12.846 14.643  1.00 46.60 ? 113 ASN A ND2 1 
ATOM   864  N N   . PRO A 1 114 ? -9.974  -10.422 13.913  1.00 35.97 ? 114 PRO A N   1 
ATOM   865  C CA  . PRO A 1 114 ? -10.577 -9.158  13.447  1.00 35.54 ? 114 PRO A CA  1 
ATOM   866  C C   . PRO A 1 114 ? -10.577 -8.986  11.922  1.00 30.37 ? 114 PRO A C   1 
ATOM   867  O O   . PRO A 1 114 ? -9.741  -9.565  11.226  1.00 28.20 ? 114 PRO A O   1 
ATOM   868  C CB  . PRO A 1 114 ? -9.693  -8.087  14.096  1.00 36.44 ? 114 PRO A CB  1 
ATOM   869  C CG  . PRO A 1 114 ? -8.368  -8.782  14.332  1.00 36.11 ? 114 PRO A CG  1 
ATOM   870  C CD  . PRO A 1 114 ? -8.745  -10.192 14.695  1.00 33.94 ? 114 PRO A CD  1 
ATOM   871  N N   . TYR A 1 115 ? -11.542 -8.226  11.418  1.00 28.12 ? 115 TYR A N   1 
ATOM   872  C CA  . TYR A 1 115 ? -11.695 -7.993  9.988   1.00 27.36 ? 115 TYR A CA  1 
ATOM   873  C C   . TYR A 1 115 ? -10.772 -6.841  9.625   1.00 24.47 ? 115 TYR A C   1 
ATOM   874  O O   . TYR A 1 115 ? -11.082 -5.676  9.909   1.00 23.95 ? 115 TYR A O   1 
ATOM   875  C CB  . TYR A 1 115 ? -13.146 -7.600  9.739   1.00 24.11 ? 115 TYR A CB  1 
ATOM   876  C CG  . TYR A 1 115 ? -13.673 -7.694  8.321   1.00 25.98 ? 115 TYR A CG  1 
ATOM   877  C CD1 . TYR A 1 115 ? -13.588 -8.868  7.594   1.00 24.88 ? 115 TYR A CD1 1 
ATOM   878  C CD2 . TYR A 1 115 ? -14.348 -6.621  7.748   1.00 24.46 ? 115 TYR A CD2 1 
ATOM   879  C CE1 . TYR A 1 115 ? -14.115 -8.951  6.311   1.00 23.93 ? 115 TYR A CE1 1 
ATOM   880  C CE2 . TYR A 1 115 ? -14.881 -6.699  6.475   1.00 26.17 ? 115 TYR A CE2 1 
ATOM   881  C CZ  . TYR A 1 115 ? -14.763 -7.871  5.765   1.00 25.71 ? 115 TYR A CZ  1 
ATOM   882  O OH  . TYR A 1 115 ? -15.288 -7.945  4.493   1.00 27.31 ? 115 TYR A OH  1 
ATOM   883  N N   . VAL A 1 116 ? -9.637  -7.166  9.006   1.00 20.57 ? 116 VAL A N   1 
ATOM   884  C CA  . VAL A 1 116 ? -8.577  -6.191  8.744   1.00 22.88 ? 116 VAL A CA  1 
ATOM   885  C C   . VAL A 1 116 ? -8.102  -6.235  7.283   1.00 21.66 ? 116 VAL A C   1 
ATOM   886  O O   . VAL A 1 116 ? -8.389  -7.195  6.565   1.00 20.16 ? 116 VAL A O   1 
ATOM   887  C CB  . VAL A 1 116 ? -7.379  -6.446  9.677   1.00 18.98 ? 116 VAL A CB  1 
ATOM   888  C CG1 . VAL A 1 116 ? -7.747  -6.086  11.120  1.00 21.42 ? 116 VAL A CG1 1 
ATOM   889  C CG2 . VAL A 1 116 ? -6.953  -7.893  9.569   1.00 25.63 ? 116 VAL A CG2 1 
ATOM   890  N N   . PRO A 1 117 ? -7.382  -5.188  6.832   1.00 18.38 ? 117 PRO A N   1 
ATOM   891  C CA  . PRO A 1 117 ? -6.988  -5.201  5.419   1.00 20.54 ? 117 PRO A CA  1 
ATOM   892  C C   . PRO A 1 117 ? -5.984  -6.310  5.119   1.00 21.36 ? 117 PRO A C   1 
ATOM   893  O O   . PRO A 1 117 ? -5.054  -6.523  5.911   1.00 19.38 ? 117 PRO A O   1 
ATOM   894  C CB  . PRO A 1 117 ? -6.326  -3.828  5.227   1.00 20.38 ? 117 PRO A CB  1 
ATOM   895  C CG  . PRO A 1 117 ? -6.939  -2.959  6.301   1.00 19.15 ? 117 PRO A CG  1 
ATOM   896  C CD  . PRO A 1 117 ? -7.096  -3.892  7.477   1.00 19.25 ? 117 PRO A CD  1 
ATOM   897  N N   . VAL A 1 118 ? -6.166  -6.990  3.987   1.00 18.62 ? 118 VAL A N   1 
ATOM   898  C CA  . VAL A 1 118 ? -5.253  -8.044  3.553   1.00 18.09 ? 118 VAL A CA  1 
ATOM   899  C C   . VAL A 1 118 ? -4.761  -7.843  2.104   1.00 24.55 ? 118 VAL A C   1 
ATOM   900  O O   . VAL A 1 118 ? -3.963  -8.634  1.589   1.00 22.44 ? 118 VAL A O   1 
ATOM   901  C CB  . VAL A 1 118 ? -5.911  -9.435  3.696   1.00 20.89 ? 118 VAL A CB  1 
ATOM   902  C CG1 . VAL A 1 118 ? -6.157  -9.761  5.161   1.00 19.75 ? 118 VAL A CG1 1 
ATOM   903  C CG2 . VAL A 1 118 ? -7.235  -9.475  2.931   1.00 22.07 ? 118 VAL A CG2 1 
ATOM   904  N N   . HIS A 1 119 ? -5.217  -6.779  1.447   1.00 20.53 ? 119 HIS A N   1 
ATOM   905  C CA  . HIS A 1 119 ? -4.783  -6.507  0.076   1.00 22.13 ? 119 HIS A CA  1 
ATOM   906  C C   . HIS A 1 119 ? -5.086  -5.054  -0.267  1.00 22.59 ? 119 HIS A C   1 
ATOM   907  O O   . HIS A 1 119 ? -6.157  -4.557  0.068   1.00 22.82 ? 119 HIS A O   1 
ATOM   908  C CB  . HIS A 1 119 ? -5.490  -7.478  -0.889  1.00 26.83 ? 119 HIS A CB  1 
ATOM   909  C CG  . HIS A 1 119 ? -5.643  -6.955  -2.288  1.00 31.09 ? 119 HIS A CG  1 
ATOM   910  N ND1 . HIS A 1 119 ? -4.596  -6.887  -3.182  1.00 33.00 ? 119 HIS A ND1 1 
ATOM   911  C CD2 . HIS A 1 119 ? -6.734  -6.491  -2.950  1.00 29.97 ? 119 HIS A CD2 1 
ATOM   912  C CE1 . HIS A 1 119 ? -5.028  -6.391  -4.331  1.00 30.30 ? 119 HIS A CE1 1 
ATOM   913  N NE2 . HIS A 1 119 ? -6.319  -6.143  -4.217  1.00 34.13 ? 119 HIS A NE2 1 
ATOM   914  N N   . PHE A 1 120 ? -4.135  -4.358  -0.890  1.00 24.19 ? 120 PHE A N   1 
ATOM   915  C CA  . PHE A 1 120 ? -4.377  -2.990  -1.355  1.00 22.63 ? 120 PHE A CA  1 
ATOM   916  C C   . PHE A 1 120 ? -4.870  -3.067  -2.789  1.00 27.45 ? 120 PHE A C   1 
ATOM   917  O O   . PHE A 1 120 ? -4.153  -3.571  -3.656  1.00 24.91 ? 120 PHE A O   1 
ATOM   918  C CB  . PHE A 1 120 ? -3.097  -2.148  -1.314  1.00 23.51 ? 120 PHE A CB  1 
ATOM   919  C CG  . PHE A 1 120 ? -3.341  -0.668  -1.472  1.00 20.04 ? 120 PHE A CG  1 
ATOM   920  C CD1 . PHE A 1 120 ? -3.439  -0.088  -2.731  1.00 22.62 ? 120 PHE A CD1 1 
ATOM   921  C CD2 . PHE A 1 120 ? -3.476  0.144   -0.354  1.00 19.88 ? 120 PHE A CD2 1 
ATOM   922  C CE1 . PHE A 1 120 ? -3.674  1.285   -2.876  1.00 22.49 ? 120 PHE A CE1 1 
ATOM   923  C CE2 . PHE A 1 120 ? -3.719  1.512   -0.488  1.00 20.26 ? 120 PHE A CE2 1 
ATOM   924  C CZ  . PHE A 1 120 ? -3.822  2.083   -1.752  1.00 21.96 ? 120 PHE A CZ  1 
ATOM   925  N N   . ASP A 1 121 ? -6.077  -2.571  -3.054  1.00 24.39 ? 121 ASP A N   1 
ATOM   926  C CA  . ASP A 1 121 ? -6.679  -2.779  -4.366  1.00 26.52 ? 121 ASP A CA  1 
ATOM   927  C C   . ASP A 1 121 ? -6.395  -1.628  -5.293  1.00 28.83 ? 121 ASP A C   1 
ATOM   928  O O   . ASP A 1 121 ? -6.008  -1.826  -6.453  1.00 31.46 ? 121 ASP A O   1 
ATOM   929  C CB  . ASP A 1 121 ? -8.194  -2.959  -4.262  1.00 25.75 ? 121 ASP A CB  1 
ATOM   930  C CG  . ASP A 1 121 ? -8.774  -3.653  -5.481  1.00 33.80 ? 121 ASP A CG  1 
ATOM   931  O OD1 . ASP A 1 121 ? -8.251  -4.732  -5.840  1.00 36.26 ? 121 ASP A OD1 1 
ATOM   932  O OD2 . ASP A 1 121 ? -9.742  -3.135  -6.086  1.00 31.83 ? 121 ASP A OD2 1 
ATOM   933  N N   . ALA A 1 122 ? -6.594  -0.420  -4.784  1.00 23.85 ? 122 ALA A N   1 
ATOM   934  C CA  . ALA A 1 122 ? -6.476  0.777   -5.606  1.00 27.44 ? 122 ALA A CA  1 
ATOM   935  C C   . ALA A 1 122 ? -6.644  1.999   -4.737  1.00 26.12 ? 122 ALA A C   1 
ATOM   936  O O   . ALA A 1 122 ? -7.009  1.902   -3.560  1.00 24.97 ? 122 ALA A O   1 
ATOM   937  C CB  . ALA A 1 122 ? -7.542  0.776   -6.720  1.00 27.51 ? 122 ALA A CB  1 
ATOM   938  N N   . SER A 1 123 ? -6.371  3.154   -5.324  1.00 26.13 ? 123 SER A N   1 
ATOM   939  C CA  . SER A 1 123 ? -6.656  4.399   -4.664  1.00 29.22 ? 123 SER A CA  1 
ATOM   940  C C   . SER A 1 123 ? -7.423  5.242   -5.666  1.00 28.36 ? 123 SER A C   1 
ATOM   941  O O   . SER A 1 123 ? -7.262  5.075   -6.866  1.00 26.97 ? 123 SER A O   1 
ATOM   942  C CB  . SER A 1 123 ? -5.364  5.092   -4.240  1.00 28.49 ? 123 SER A CB  1 
ATOM   943  O OG  . SER A 1 123 ? -4.745  5.680   -5.366  1.00 38.36 ? 123 SER A OG  1 
ATOM   944  N N   . VAL A 1 124 ? -8.287  6.115   -5.172  1.00 27.66 ? 124 VAL A N   1 
ATOM   945  C CA  . VAL A 1 124 ? -9.064  6.974   -6.046  1.00 31.23 ? 124 VAL A CA  1 
ATOM   946  C C   . VAL A 1 124 ? -8.987  8.399   -5.509  1.00 32.05 ? 124 VAL A C   1 
ATOM   947  O O   . VAL A 1 124 ? -9.568  8.740   -4.485  1.00 27.65 ? 124 VAL A O   1 
ATOM   948  C CB  . VAL A 1 124 ? -10.530 6.466   -6.184  1.00 31.07 ? 124 VAL A CB  1 
ATOM   949  C CG1 . VAL A 1 124 ? -10.561 5.164   -6.972  1.00 32.41 ? 124 VAL A CG1 1 
ATOM   950  C CG2 . VAL A 1 124 ? -11.122 6.196   -4.837  1.00 33.67 ? 124 VAL A CG2 1 
ATOM   951  O OXT . VAL A 1 124 ? -8.289  9.255   -6.067  1.00 35.07 ? 124 VAL A OXT 1 
HETATM 952  S S   . SO4 B 2 .   ? -1.008  -6.545  -2.543  1.00 36.65 ? 201 SO4 A S   1 
HETATM 953  O O1  . SO4 B 2 .   ? -0.157  -5.704  -3.392  1.00 33.98 ? 201 SO4 A O1  1 
HETATM 954  O O2  . SO4 B 2 .   ? -2.131  -7.072  -3.304  1.00 35.11 ? 201 SO4 A O2  1 
HETATM 955  O O3  . SO4 B 2 .   ? -1.518  -5.755  -1.414  1.00 25.64 ? 201 SO4 A O3  1 
HETATM 956  O O4  . SO4 B 2 .   ? -0.165  -7.645  -2.055  1.00 36.76 ? 201 SO4 A O4  1 
HETATM 957  S S   . SO4 C 2 .   ? 13.442  16.281  -5.121  1.00 67.56 ? 202 SO4 A S   1 
HETATM 958  O O1  . SO4 C 2 .   ? 12.954  15.558  -6.292  1.00 46.80 ? 202 SO4 A O1  1 
HETATM 959  O O2  . SO4 C 2 .   ? 12.380  17.181  -4.666  1.00 54.82 ? 202 SO4 A O2  1 
HETATM 960  O O3  . SO4 C 2 .   ? 14.619  17.069  -5.503  1.00 61.52 ? 202 SO4 A O3  1 
HETATM 961  O O4  . SO4 C 2 .   ? 13.782  15.327  -4.057  1.00 56.65 ? 202 SO4 A O4  1 
HETATM 962  C C1  . CYH D 3 .   ? -21.677 -6.535  -3.248  1.00 49.76 ? 203 CYH A C1  1 
HETATM 963  O O1  . CYH D 3 .   ? -22.060 -7.598  -2.763  1.00 53.24 ? 203 CYH A O1  1 
HETATM 964  C C2  . CYH D 3 .   ? -20.953 -5.543  -2.397  1.00 39.50 ? 203 CYH A C2  1 
HETATM 965  C C3  . CYH D 3 .   ? -19.757 -5.054  -3.137  1.00 36.17 ? 203 CYH A C3  1 
HETATM 966  C C4  . CYH D 3 .   ? -20.182 -4.604  -4.494  1.00 39.38 ? 203 CYH A C4  1 
HETATM 967  C C5  . CYH D 3 .   ? -20.655 -5.774  -5.290  1.00 39.67 ? 203 CYH A C5  1 
HETATM 968  C C6  . CYH D 3 .   ? -21.937 -6.239  -4.688  1.00 46.10 ? 203 CYH A C6  1 
HETATM 969  C C1  . CYH E 3 .   ? -22.244 -0.064  1.614   1.00 40.61 ? 207 CYH A C1  1 
HETATM 970  O O1  . CYH E 3 .   ? -21.145 -0.061  2.200   1.00 36.71 ? 207 CYH A O1  1 
HETATM 971  C C2  . CYH E 3 .   ? -23.387 -0.902  2.105   1.00 45.64 ? 207 CYH A C2  1 
HETATM 972  C C3  . CYH E 3 .   ? -24.661 -0.110  2.101   1.00 41.37 ? 207 CYH A C3  1 
HETATM 973  C C4  . CYH E 3 .   ? -24.842 0.535   0.762   1.00 41.95 ? 207 CYH A C4  1 
HETATM 974  C C5  . CYH E 3 .   ? -23.736 1.512   0.535   1.00 36.60 ? 207 CYH A C5  1 
HETATM 975  C C6  . CYH E 3 .   ? -22.451 0.763   0.395   1.00 37.76 ? 207 CYH A C6  1 
HETATM 976  O O   . HOH F 4 .   ? -3.577  -5.641  7.895   1.00 18.89 ? 301 HOH A O   1 
HETATM 977  O O   . HOH F 4 .   ? -3.768  -5.168  10.607  1.00 21.01 ? 302 HOH A O   1 
HETATM 978  O O   . HOH F 4 .   ? -11.874 7.456   5.711   1.00 17.16 ? 303 HOH A O   1 
HETATM 979  O O   . HOH F 4 .   ? -0.831  -6.803  1.119   1.00 20.49 ? 304 HOH A O   1 
HETATM 980  O O   . HOH F 4 .   ? -2.913  3.037   15.055  1.00 22.32 ? 305 HOH A O   1 
HETATM 981  O O   . HOH F 4 .   ? -4.067  8.760   10.418  1.00 20.22 ? 306 HOH A O   1 
HETATM 982  O O   . HOH F 4 .   ? -0.201  3.723   13.855  1.00 22.55 ? 307 HOH A O   1 
HETATM 983  O O   . HOH F 4 .   ? 5.142   6.755   -8.742  1.00 24.33 ? 308 HOH A O   1 
HETATM 984  O O   . HOH F 4 .   ? 2.999   -12.832 10.197  1.00 21.00 ? 309 HOH A O   1 
HETATM 985  O O   . HOH F 4 .   ? -0.087  -1.317  -4.043  1.00 21.61 ? 310 HOH A O   1 
HETATM 986  O O   . HOH F 4 .   ? 12.159  6.464   -5.334  1.00 20.76 ? 311 HOH A O   1 
HETATM 987  O O   . HOH F 4 .   ? -1.735  -9.485  2.389   1.00 23.73 ? 312 HOH A O   1 
HETATM 988  O O   . HOH F 4 .   ? 14.970  -0.327  -4.135  1.00 29.80 ? 313 HOH A O   1 
HETATM 989  O O   . HOH F 4 .   ? -10.291 5.634   8.400   1.00 15.18 ? 314 HOH A O   1 
HETATM 990  O O   . HOH F 4 .   ? -12.780 -1.891  11.027  1.00 33.20 ? 315 HOH A O   1 
HETATM 991  O O   . HOH F 4 .   ? 14.193  -5.484  -0.294  1.00 30.22 ? 316 HOH A O   1 
HETATM 992  O O   . HOH F 4 .   ? -5.707  6.912   14.762  1.00 37.46 ? 317 HOH A O   1 
HETATM 993  O O   . HOH F 4 .   ? 5.312   13.271  -5.662  1.00 32.10 ? 318 HOH A O   1 
HETATM 994  O O   . HOH F 4 .   ? -13.498 -12.872 6.525   1.00 37.54 ? 319 HOH A O   1 
HETATM 995  O O   . HOH F 4 .   ? -19.291 3.194   8.089   1.00 23.00 ? 320 HOH A O   1 
HETATM 996  O O   . HOH F 4 .   ? 6.156   13.404  8.497   1.00 37.87 ? 321 HOH A O   1 
HETATM 997  O O   . HOH F 4 .   ? -16.063 -12.464 -3.000  1.00 45.17 ? 323 HOH A O   1 
HETATM 998  O O   . HOH F 4 .   ? 7.660   11.602  -8.982  1.00 26.40 ? 324 HOH A O   1 
HETATM 999  O O   . HOH F 4 .   ? -0.810  11.994  7.505   1.00 36.13 ? 325 HOH A O   1 
HETATM 1000 O O   . HOH F 4 .   ? -17.946 -3.630  7.134   1.00 32.84 ? 326 HOH A O   1 
HETATM 1001 O O   . HOH F 4 .   ? -24.886 5.992   -0.886  1.00 29.99 ? 327 HOH A O   1 
HETATM 1002 O O   . HOH F 4 .   ? -6.920  -11.316 8.413   1.00 27.39 ? 328 HOH A O   1 
HETATM 1003 O O   . HOH F 4 .   ? -7.167  8.869   7.723   1.00 24.92 ? 329 HOH A O   1 
HETATM 1004 O O   . HOH F 4 .   ? 0.531   6.215   14.199  1.00 30.10 ? 330 HOH A O   1 
HETATM 1005 O O   . HOH F 4 .   ? -7.233  -10.953 11.072  1.00 30.88 ? 331 HOH A O   1 
HETATM 1006 O O   . HOH F 4 .   ? 14.284  -3.884  6.905   1.00 29.04 ? 332 HOH A O   1 
HETATM 1007 O O   . HOH F 4 .   ? -0.388  -8.190  12.266  1.00 32.52 ? 334 HOH A O   1 
HETATM 1008 O O   . HOH F 4 .   ? -19.551 -1.009  6.124   1.00 36.86 ? 335 HOH A O   1 
HETATM 1009 O O   . HOH F 4 .   ? -13.607 -7.702  13.324  1.00 43.75 ? 336 HOH A O   1 
HETATM 1010 O O   . HOH F 4 .   ? -1.297  -10.925 11.924  1.00 37.16 ? 337 HOH A O   1 
HETATM 1011 O O   . HOH F 4 .   ? 3.160   -6.775  11.093  1.00 25.47 ? 339 HOH A O   1 
HETATM 1012 O O   . HOH F 4 .   ? -5.475  3.262   -8.664  0.50 34.30 ? 340 HOH A O   1 
HETATM 1013 O O   . HOH F 4 .   ? -4.416  -12.341 8.422   1.00 26.72 ? 341 HOH A O   1 
HETATM 1014 O O   . HOH F 4 .   ? 10.875  9.710   -7.714  1.00 24.31 ? 342 HOH A O   1 
HETATM 1015 O O   . HOH F 4 .   ? 11.071  0.286   6.157   1.00 26.89 ? 343 HOH A O   1 
HETATM 1016 O O   . HOH F 4 .   ? 2.821   -4.918  -8.799  1.00 31.95 ? 344 HOH A O   1 
HETATM 1017 O O   . HOH F 4 .   ? 13.158  9.428   1.856   1.00 39.64 ? 346 HOH A O   1 
HETATM 1018 O O   . HOH F 4 .   ? -5.096  12.437  8.713   1.00 33.13 ? 347 HOH A O   1 
HETATM 1019 O O   . HOH F 4 .   ? -17.144 3.906   9.095   1.00 29.16 ? 348 HOH A O   1 
HETATM 1020 O O   . HOH F 4 .   ? -9.386  -11.032 -0.147  1.00 36.93 ? 349 HOH A O   1 
HETATM 1021 O O   . HOH F 4 .   ? 16.430  -2.465  -3.773  1.00 34.66 ? 350 HOH A O   1 
HETATM 1022 O O   . HOH F 4 .   ? 9.117   2.299   8.166   1.00 34.33 ? 351 HOH A O   1 
HETATM 1023 O O   . HOH F 4 .   ? 10.128  -9.225  5.719   1.00 33.60 ? 352 HOH A O   1 
HETATM 1024 O O   . HOH F 4 .   ? 5.491   -8.998  8.501   1.00 32.62 ? 353 HOH A O   1 
HETATM 1025 O O   . HOH F 4 .   ? -9.919  8.203   7.536   1.00 21.01 ? 354 HOH A O   1 
HETATM 1026 O O   . HOH F 4 .   ? -5.341  -13.009 0.524   1.00 41.42 ? 358 HOH A O   1 
HETATM 1027 O O   . HOH F 4 .   ? 0.264   -7.782  -5.779  1.00 50.10 ? 359 HOH A O   1 
HETATM 1028 O O   . HOH F 4 .   ? 9.721   -8.850  -4.076  1.00 43.92 ? 360 HOH A O   1 
HETATM 1029 O O   . HOH F 4 .   ? 12.079  -7.927  -11.235 1.00 42.92 ? 362 HOH A O   1 
HETATM 1030 O O   . HOH F 4 .   ? 14.635  6.309   -9.279  1.00 41.02 ? 364 HOH A O   1 
HETATM 1031 O O   . HOH F 4 .   ? -5.672  7.192   -7.591  0.50 41.71 ? 365 HOH A O   1 
HETATM 1032 O O   . HOH F 4 .   ? -19.095 -5.262  5.453   1.00 38.10 ? 366 HOH A O   1 
HETATM 1033 O O   . HOH F 4 .   ? 1.657   10.565  10.190  1.00 43.63 ? 368 HOH A O   1 
HETATM 1034 O O   . HOH F 4 .   ? -15.776 6.059   -0.221  1.00 35.06 ? 369 HOH A O   1 
HETATM 1035 O O   . HOH F 4 .   ? 9.875   5.935   6.592   1.00 41.48 ? 373 HOH A O   1 
HETATM 1036 O O   . HOH F 4 .   ? -16.122 10.450  -2.446  1.00 32.19 ? 375 HOH A O   1 
HETATM 1037 O O   . HOH F 4 .   ? -4.589  -10.710 -1.032  1.00 43.28 ? 378 HOH A O   1 
HETATM 1038 O O   . HOH F 4 .   ? 9.019   -11.864 3.627   1.00 42.41 ? 379 HOH A O   1 
HETATM 1039 O O   . HOH F 4 .   ? 12.853  6.267   3.899   1.00 42.11 ? 382 HOH A O   1 
HETATM 1040 O O   . HOH F 4 .   ? -17.570 -8.130  9.246   1.00 45.63 ? 384 HOH A O   1 
HETATM 1041 O O   . HOH F 4 .   ? -25.356 2.562   -1.640  1.00 39.57 ? 385 HOH A O   1 
HETATM 1042 O O   . HOH F 4 .   ? -2.313  15.452  -3.794  1.00 41.91 ? 392 HOH A O   1 
HETATM 1043 O O   . HOH F 4 .   ? -0.014  14.859  -0.005  1.00 40.93 ? 394 HOH A O   1 
HETATM 1044 O O   . HOH F 4 .   ? 0.009   15.200  2.555   1.00 42.22 ? 395 HOH A O   1 
HETATM 1045 O O   . HOH F 4 .   ? -5.315  -4.933  -7.832  1.00 49.29 ? 398 HOH A O   1 
HETATM 1046 O O   . HOH F 4 .   ? -19.171 -8.710  2.615   1.00 46.28 ? 399 HOH A O   1 
HETATM 1047 O O   . HOH F 4 .   ? -5.796  13.175  2.161   1.00 33.83 ? 400 HOH A O   1 
HETATM 1048 O O   . HOH F 4 .   ? -7.113  -10.413 -1.099  1.00 42.68 ? 401 HOH A O   1 
HETATM 1049 O O   . HOH F 4 .   ? -1.285  6.480   16.797  1.00 42.80 ? 402 HOH A O   1 
HETATM 1050 O O   . HOH F 4 .   ? -13.787 -12.501 3.579   1.00 45.90 ? 404 HOH A O   1 
HETATM 1051 O O   . HOH F 4 .   ? -2.014  10.499  12.224  1.00 54.62 ? 414 HOH A O   1 
HETATM 1052 O O   . HOH F 4 .   ? 0.041   13.505  -7.271  1.00 36.68 ? 415 HOH A O   1 
HETATM 1053 O O   . HOH F 4 .   ? 18.568  1.515   -2.707  1.00 43.65 ? 420 HOH A O   1 
HETATM 1054 O O   . HOH F 4 .   ? 16.715  3.840   -13.724 1.00 52.75 ? 437 HOH A O   1 
HETATM 1055 O O   . HOH F 4 .   ? 7.663   -9.382  -11.572 1.00 54.87 ? 438 HOH A O   1 
HETATM 1056 O O   . HOH F 4 .   ? 22.232  0.262   -11.922 1.00 58.24 ? 482 HOH A O   1 
HETATM 1057 O O   . HOH F 4 .   ? -3.492  13.843  -4.673  1.00 39.23 ? 485 HOH A O   1 
HETATM 1058 O O   . HOH F 4 .   ? 13.294  6.828   6.670   1.00 44.25 ? 487 HOH A O   1 
HETATM 1059 O O   . HOH F 4 .   ? 6.740   -12.355 9.519   1.00 43.96 ? 488 HOH A O   1 
HETATM 1060 O O   . HOH F 4 .   ? 18.887  5.322   -2.525  1.00 52.39 ? 489 HOH A O   1 
HETATM 1061 O O   . HOH F 4 .   ? 6.758   3.110   9.843   1.00 33.35 ? 322 HOH A O   1 
HETATM 1062 O O   . HOH F 4 .   ? 13.308  3.196   4.570   1.00 35.66 ? 345 HOH A O   1 
HETATM 1063 O O   . HOH F 4 .   ? 8.295   -10.332 7.072   1.00 34.02 ? 355 HOH A O   1 
HETATM 1064 O O   . HOH F 4 .   ? 17.750  -2.937  -5.882  1.00 40.11 ? 370 HOH A O   1 
HETATM 1065 O O   . HOH F 4 .   ? 7.271   14.860  5.443   1.00 48.80 ? 374 HOH A O   1 
HETATM 1066 O O   . HOH F 4 .   ? -0.595  -10.439 -1.391  1.00 44.94 ? 376 HOH A O   1 
HETATM 1067 O O   . HOH F 4 .   ? 2.635   -10.021 -3.444  1.00 48.09 ? 380 HOH A O   1 
HETATM 1068 O O   . HOH F 4 .   ? -1.298  1.623   -7.927  1.00 40.99 ? 390 HOH A O   1 
HETATM 1069 O O   . HOH F 4 .   ? 17.606  12.099  -1.104  1.00 47.77 ? 408 HOH A O   1 
HETATM 1070 O O   . HOH F 4 .   ? -0.378  16.239  -2.032  1.00 45.88 ? 424 HOH A O   1 
HETATM 1071 O O   . HOH F 4 .   ? -4.175  -15.917 3.676   1.00 59.26 ? 442 HOH A O   1 
HETATM 1072 O O   . HOH F 4 .   ? -12.384 -16.244 14.936  1.00 51.59 ? 479 HOH A O   1 
HETATM 1073 O O   . HOH F 4 .   ? 21.352  -2.832  3.438   1.00 55.31 ? 480 HOH A O   1 
HETATM 1074 O O   . HOH F 4 .   ? -5.840  -11.016 -4.220  1.00 51.16 ? 481 HOH A O   1 
HETATM 1075 O O   . HOH F 4 .   ? 20.960  -0.749  -7.818  1.00 53.05 ? 483 HOH A O   1 
HETATM 1076 O O   . HOH F 4 .   ? 18.796  3.846   -7.475  1.00 45.95 ? 484 HOH A O   1 
HETATM 1077 O O   . HOH F 4 .   ? 7.012   -14.403 9.709   1.00 38.46 ? 486 HOH A O   1 
# 
